data_9HLC
#
_entry.id   9HLC
#
_cell.length_a   1.00
_cell.length_b   1.00
_cell.length_c   1.00
_cell.angle_alpha   90.00
_cell.angle_beta   90.00
_cell.angle_gamma   90.00
#
loop_
_entity.id
_entity.type
_entity.pdbx_description
1 polymer Mucolipin-1
2 branched 2-acetamido-2-deoxy-beta-D-glucopyranose-(1-4)-2-acetamido-2-deoxy-beta-D-glucopyranose
3 non-polymer N-OCTANE
4 non-polymer DODECANE
5 non-polymer '(2R)-3-{[(S)-hydroxy{[(1S,2R,3R,4S,5S,6R)-2,4,6-trihydroxy-3,5-bis(phosphonooxy)cyclohexyl]oxy}phosphoryl]oxy}propane-1,2-diyl dioctanoate'
6 non-polymer (8R,9S,13S,14S,17S)-3-methoxy-13-methyl-6,7,8,9,11,12,14,15,16,17-decahydrocyclopenta[a]phenanthren-17-ol
7 non-polymer Octadecane
8 water water
#
_entity_poly.entity_id   1
_entity_poly.type   'polypeptide(L)'
_entity_poly.pdbx_seq_one_letter_code
;MHHHHHHHHGGSDYKDHDGDYKDHDIDYKDDDDKGGSGGSENLYFQGPGTAPAGPRGSETERLLTPNPGYGTQAGPSPAP
PTPPEEEDLRRRLKYFFMSPCDKFRAKGRKPCKLMLQVVKILVVTVQLILFGLSNQLAVTFREENTIAFRHLFLLGYSDG
ADDTFAAYTREQLYQAIFHAVDQYLALPDVSLGRYAYVRGGGDPWTNGSGLALCQRYYHRGHVDPANDTFDIDPMVVTDC
IQVDPPERPPPPPSDDLTLLESSSSYKNLTLKFHKLVNVTIHFRLKTINLQSLINNEIPDCYTFSVLITFDNKAHSGRIP
ISLETQAHIQECKHPSVFQHGDNSFRLLFDVVVILTCSLSFLLCARSLLRGFLLQNEFVGFMWRQRGRVISLWERLEFVN
GWYILLVTSDVLTISGTIMKIGIEAKNLASYDVCSILLGTSTLLVWVGVIRYLTFFHNYNILIATLRVALPSVMRFCCCV
AVIYLGYCFCGWIVLGPYHVKFRSLSMVSECLFSLINGDDMFVTFAAMQAQQGRSSLVWLFSQLYLYSFISLFIYMVLSL
FIALITGAYDTIKHPGGAGAEESELQAYIAQCQDSPTSGKFRRGSGSACSLLCCCGRDPSEEHSLLVN
;
_entity_poly.pdbx_strand_id   A,B,C,D
#
loop_
_chem_comp.id
_chem_comp.type
_chem_comp.name
_chem_comp.formula
8K6 non-polymer Octadecane 'C18 H38'
A1IV5 non-polymer (8R,9S,13S,14S,17S)-3-methoxy-13-methyl-6,7,8,9,11,12,14,15,16,17-decahydrocyclopenta[a]phenanthren-17-ol 'C19 H26 O2'
D12 non-polymer DODECANE 'C12 H26'
EUJ non-polymer '(2R)-3-{[(S)-hydroxy{[(1S,2R,3R,4S,5S,6R)-2,4,6-trihydroxy-3,5-bis(phosphonooxy)cyclohexyl]oxy}phosphoryl]oxy}propane-1,2-diyl dioctanoate' 'C25 H49 O19 P3'
NAG D-saccharide, beta linking 2-acetamido-2-deoxy-beta-D-glucopyranose 'C8 H15 N O6'
OCT non-polymer N-OCTANE 'C8 H18'
#
# COMPACT_ATOMS: atom_id res chain seq x y z
N LEU A 89 -45.77 18.97 -40.47
CA LEU A 89 -44.36 18.60 -40.43
C LEU A 89 -43.69 19.19 -39.21
N ARG A 90 -43.98 20.46 -38.93
CA ARG A 90 -43.45 21.08 -37.72
C ARG A 90 -44.04 20.42 -36.48
N ARG A 91 -45.34 20.13 -36.49
CA ARG A 91 -45.97 19.49 -35.34
C ARG A 91 -45.41 18.09 -35.11
N ARG A 92 -45.28 17.31 -36.19
CA ARG A 92 -44.75 15.95 -36.06
C ARG A 92 -43.31 15.98 -35.57
N LEU A 93 -42.49 16.89 -36.10
CA LEU A 93 -41.12 17.02 -35.64
C LEU A 93 -41.07 17.39 -34.16
N LYS A 94 -41.90 18.34 -33.75
CA LYS A 94 -41.90 18.76 -32.34
C LYS A 94 -42.36 17.63 -31.44
N TYR A 95 -43.28 16.79 -31.91
CA TYR A 95 -43.67 15.62 -31.13
C TYR A 95 -42.52 14.62 -31.03
N PHE A 96 -41.77 14.44 -32.12
CA PHE A 96 -40.67 13.48 -32.11
C PHE A 96 -39.65 13.80 -31.03
N PHE A 97 -39.53 15.06 -30.64
CA PHE A 97 -38.50 15.49 -29.71
C PHE A 97 -39.04 15.77 -28.31
N MET A 98 -40.30 15.48 -28.04
CA MET A 98 -40.84 15.70 -26.70
C MET A 98 -40.33 14.65 -25.73
N SER A 99 -40.43 14.98 -24.44
CA SER A 99 -40.10 14.07 -23.37
C SER A 99 -41.24 13.08 -23.14
N PRO A 100 -40.99 12.00 -22.39
CA PRO A 100 -42.06 11.00 -22.22
C PRO A 100 -43.33 11.57 -21.63
N CYS A 101 -43.23 12.46 -20.65
CA CYS A 101 -44.43 13.07 -20.07
C CYS A 101 -45.13 13.96 -21.09
N ASP A 102 -44.36 14.73 -21.87
CA ASP A 102 -44.95 15.56 -22.90
C ASP A 102 -45.63 14.71 -23.95
N LYS A 103 -45.01 13.59 -24.35
CA LYS A 103 -45.64 12.70 -25.31
C LYS A 103 -46.93 12.12 -24.76
N PHE A 104 -46.92 11.73 -23.48
CA PHE A 104 -48.12 11.18 -22.85
C PHE A 104 -49.24 12.20 -22.84
N ARG A 105 -48.92 13.47 -22.52
CA ARG A 105 -49.94 14.50 -22.56
C ARG A 105 -50.44 14.73 -23.99
N ALA A 106 -49.52 14.72 -24.95
CA ALA A 106 -49.88 15.09 -26.32
C ALA A 106 -50.76 14.04 -26.98
N LYS A 107 -50.44 12.75 -26.80
CA LYS A 107 -51.15 11.69 -27.49
C LYS A 107 -51.76 10.65 -26.56
N GLY A 108 -51.34 10.57 -25.31
CA GLY A 108 -51.96 9.68 -24.35
C GLY A 108 -51.52 8.24 -24.44
N ARG A 109 -50.64 7.89 -25.37
CA ARG A 109 -50.15 6.52 -25.45
C ARG A 109 -49.47 6.14 -24.16
N LYS A 110 -49.82 4.98 -23.62
CA LYS A 110 -49.16 4.51 -22.41
C LYS A 110 -47.71 4.14 -22.75
N PRO A 111 -46.73 4.63 -21.99
CA PRO A 111 -45.33 4.39 -22.38
C PRO A 111 -44.94 2.93 -22.16
N CYS A 112 -44.85 2.16 -23.24
CA CYS A 112 -44.51 0.75 -23.11
C CYS A 112 -43.00 0.56 -23.01
N LYS A 113 -42.25 1.36 -23.74
CA LYS A 113 -40.79 1.18 -23.79
C LYS A 113 -40.15 1.42 -22.43
N LEU A 114 -40.62 2.42 -21.68
CA LEU A 114 -40.00 2.73 -20.40
C LEU A 114 -40.20 1.58 -19.41
N MET A 115 -41.43 1.08 -19.28
CA MET A 115 -41.68 -0.04 -18.40
C MET A 115 -40.92 -1.28 -18.86
N LEU A 116 -40.85 -1.48 -20.18
CA LEU A 116 -40.09 -2.60 -20.71
C LEU A 116 -38.62 -2.49 -20.33
N GLN A 117 -38.06 -1.27 -20.39
CA GLN A 117 -36.66 -1.09 -20.03
C GLN A 117 -36.43 -1.34 -18.55
N VAL A 118 -37.36 -0.92 -17.70
CA VAL A 118 -37.22 -1.20 -16.26
C VAL A 118 -37.24 -2.70 -16.02
N VAL A 119 -38.19 -3.40 -16.64
CA VAL A 119 -38.27 -4.85 -16.49
C VAL A 119 -37.00 -5.51 -17.02
N LYS A 120 -36.47 -4.98 -18.12
CA LYS A 120 -35.25 -5.52 -18.70
C LYS A 120 -34.09 -5.38 -17.73
N ILE A 121 -33.94 -4.20 -17.12
CA ILE A 121 -32.88 -4.01 -16.15
C ILE A 121 -33.00 -5.05 -15.04
N LEU A 122 -34.21 -5.22 -14.51
CA LEU A 122 -34.41 -6.16 -13.42
C LEU A 122 -34.01 -7.58 -13.83
N VAL A 123 -34.53 -8.06 -14.96
CA VAL A 123 -34.33 -9.45 -15.32
C VAL A 123 -32.87 -9.70 -15.72
N VAL A 124 -32.26 -8.77 -16.44
CA VAL A 124 -30.86 -8.94 -16.83
C VAL A 124 -29.97 -8.98 -15.60
N THR A 125 -30.22 -8.10 -14.62
CA THR A 125 -29.42 -8.11 -13.41
C THR A 125 -29.61 -9.41 -12.63
N VAL A 126 -30.84 -9.90 -12.53
CA VAL A 126 -31.08 -11.14 -11.79
C VAL A 126 -30.38 -12.31 -12.50
N GLN A 127 -30.47 -12.36 -13.82
CA GLN A 127 -29.80 -13.40 -14.57
C GLN A 127 -28.30 -13.37 -14.31
N LEU A 128 -27.70 -12.17 -14.36
CA LEU A 128 -26.28 -12.06 -14.11
C LEU A 128 -25.92 -12.53 -12.71
N ILE A 129 -26.72 -12.16 -11.72
CA ILE A 129 -26.42 -12.55 -10.34
C ILE A 129 -26.46 -14.06 -10.18
N LEU A 130 -27.51 -14.69 -10.72
CA LEU A 130 -27.61 -16.15 -10.61
C LEU A 130 -26.46 -16.83 -11.32
N PHE A 131 -26.11 -16.35 -12.51
CA PHE A 131 -25.00 -16.93 -13.25
C PHE A 131 -23.69 -16.81 -12.46
N GLY A 132 -23.43 -15.64 -11.88
CA GLY A 132 -22.19 -15.46 -11.14
C GLY A 132 -22.14 -16.32 -9.89
N LEU A 133 -23.27 -16.43 -9.18
CA LEU A 133 -23.30 -17.30 -8.00
C LEU A 133 -23.02 -18.74 -8.39
N SER A 134 -23.57 -19.19 -9.51
CA SER A 134 -23.30 -20.56 -9.94
C SER A 134 -21.84 -20.75 -10.34
N ASN A 135 -21.26 -19.77 -11.03
CA ASN A 135 -19.86 -19.89 -11.47
C ASN A 135 -18.88 -19.86 -10.30
N GLN A 136 -19.22 -19.13 -9.24
CA GLN A 136 -18.33 -19.03 -8.09
CA GLN A 136 -18.30 -19.04 -8.11
C GLN A 136 -18.04 -20.40 -7.49
N LEU A 137 -19.08 -21.24 -7.37
CA LEU A 137 -18.88 -22.56 -6.78
C LEU A 137 -17.94 -23.41 -7.60
N ALA A 138 -18.11 -23.40 -8.93
CA ALA A 138 -17.24 -24.19 -9.80
C ALA A 138 -15.80 -23.69 -9.71
N VAL A 139 -15.62 -22.36 -9.67
CA VAL A 139 -14.28 -21.80 -9.57
C VAL A 139 -13.62 -22.24 -8.27
N THR A 140 -14.37 -22.16 -7.16
CA THR A 140 -13.83 -22.58 -5.88
C THR A 140 -13.47 -24.05 -5.89
N PHE A 141 -14.31 -24.90 -6.48
CA PHE A 141 -14.02 -26.32 -6.54
C PHE A 141 -12.72 -26.58 -7.28
N ARG A 142 -12.56 -25.97 -8.46
CA ARG A 142 -11.35 -26.18 -9.25
C ARG A 142 -10.12 -25.69 -8.49
N GLU A 143 -10.21 -24.50 -7.89
CA GLU A 143 -9.05 -23.95 -7.19
C GLU A 143 -8.66 -24.79 -5.99
N GLU A 144 -9.65 -25.26 -5.21
CA GLU A 144 -9.34 -26.08 -4.05
C GLU A 144 -8.69 -27.38 -4.46
N ASN A 145 -9.22 -28.02 -5.52
CA ASN A 145 -8.60 -29.26 -5.99
C ASN A 145 -7.16 -29.01 -6.44
N THR A 146 -6.92 -27.89 -7.11
CA THR A 146 -5.57 -27.61 -7.59
C THR A 146 -4.61 -27.35 -6.42
N ILE A 147 -5.07 -26.64 -5.39
CA ILE A 147 -4.22 -26.44 -4.21
C ILE A 147 -3.90 -27.78 -3.56
N ALA A 148 -4.90 -28.65 -3.44
CA ALA A 148 -4.65 -29.98 -2.90
C ALA A 148 -3.63 -30.72 -3.74
N PHE A 149 -3.72 -30.61 -5.07
CA PHE A 149 -2.76 -31.28 -5.94
C PHE A 149 -1.34 -30.75 -5.71
N ARG A 150 -1.21 -29.44 -5.56
CA ARG A 150 0.12 -28.88 -5.28
C ARG A 150 0.68 -29.42 -3.97
N HIS A 151 -0.16 -29.52 -2.93
CA HIS A 151 0.33 -30.06 -1.67
C HIS A 151 0.63 -31.55 -1.77
N LEU A 152 -0.09 -32.28 -2.63
CA LEU A 152 0.10 -33.73 -2.71
C LEU A 152 1.32 -34.10 -3.55
N PHE A 153 1.59 -33.38 -4.64
CA PHE A 153 2.51 -33.84 -5.65
C PHE A 153 3.84 -33.08 -5.70
N LEU A 154 3.91 -31.87 -5.15
CA LEU A 154 5.12 -31.06 -5.20
C LEU A 154 5.88 -31.20 -3.89
N LEU A 155 7.05 -31.83 -3.95
CA LEU A 155 7.83 -32.10 -2.75
C LEU A 155 8.27 -30.80 -2.08
N GLY A 156 7.93 -30.65 -0.80
CA GLY A 156 8.32 -29.47 -0.05
C GLY A 156 7.56 -28.22 -0.39
N TYR A 157 6.36 -28.34 -0.94
CA TYR A 157 5.58 -27.18 -1.32
C TYR A 157 4.92 -26.55 -0.11
N SER A 158 4.84 -25.22 -0.11
CA SER A 158 4.10 -24.48 0.90
C SER A 158 3.35 -23.34 0.22
N ASP A 159 2.28 -22.89 0.87
CA ASP A 159 1.45 -21.85 0.29
C ASP A 159 2.24 -20.55 0.13
N GLY A 160 1.97 -19.85 -0.96
CA GLY A 160 2.66 -18.62 -1.26
C GLY A 160 4.01 -18.77 -1.93
N ALA A 161 4.43 -20.00 -2.23
CA ALA A 161 5.72 -20.26 -2.83
C ALA A 161 5.66 -20.47 -4.33
N ASP A 162 4.51 -20.22 -4.95
CA ASP A 162 4.32 -20.61 -6.35
C ASP A 162 5.35 -19.96 -7.26
N ASP A 163 5.64 -18.68 -7.05
CA ASP A 163 6.48 -17.96 -8.00
C ASP A 163 7.95 -18.33 -7.88
N THR A 164 8.41 -18.69 -6.68
CA THR A 164 9.83 -18.98 -6.45
C THR A 164 10.13 -20.47 -6.37
N PHE A 165 9.13 -21.34 -6.45
CA PHE A 165 9.35 -22.78 -6.29
C PHE A 165 10.22 -23.31 -7.42
N ALA A 166 11.38 -23.86 -7.07
CA ALA A 166 12.35 -24.28 -8.08
C ALA A 166 13.32 -25.28 -7.48
N ALA A 167 14.00 -26.02 -8.36
CA ALA A 167 15.08 -26.91 -7.98
C ALA A 167 16.42 -26.28 -8.39
N TYR A 168 17.47 -26.63 -7.64
CA TYR A 168 18.79 -26.08 -7.89
C TYR A 168 19.90 -27.13 -7.95
N THR A 169 19.61 -28.39 -7.63
CA THR A 169 20.59 -29.46 -7.73
C THR A 169 19.96 -30.65 -8.43
N ARG A 170 20.82 -31.52 -8.96
CA ARG A 170 20.34 -32.70 -9.67
C ARG A 170 19.54 -33.62 -8.76
N GLU A 171 20.01 -33.80 -7.52
CA GLU A 171 19.29 -34.65 -6.58
C GLU A 171 17.95 -34.02 -6.21
N GLN A 172 17.88 -32.70 -6.07
CA GLN A 172 16.60 -32.05 -5.82
C GLN A 172 15.61 -32.36 -6.93
N LEU A 173 16.04 -32.23 -8.19
CA LEU A 173 15.15 -32.48 -9.32
C LEU A 173 14.69 -33.93 -9.36
N TYR A 174 15.63 -34.87 -9.17
CA TYR A 174 15.26 -36.27 -9.15
C TYR A 174 14.26 -36.57 -8.04
N GLN A 175 14.50 -36.03 -6.85
CA GLN A 175 13.60 -36.26 -5.73
C GLN A 175 12.21 -35.69 -6.01
N ALA A 176 12.14 -34.50 -6.59
CA ALA A 176 10.84 -33.93 -6.91
C ALA A 176 10.08 -34.81 -7.90
N ILE A 177 10.76 -35.27 -8.95
CA ILE A 177 10.10 -36.10 -9.96
C ILE A 177 9.60 -37.40 -9.35
N PHE A 178 10.48 -38.08 -8.60
CA PHE A 178 10.11 -39.37 -8.03
C PHE A 178 9.02 -39.23 -6.98
N HIS A 179 9.06 -38.15 -6.20
CA HIS A 179 7.99 -37.90 -5.24
C HIS A 179 6.65 -37.71 -5.94
N ALA A 180 6.63 -36.94 -7.03
CA ALA A 180 5.37 -36.76 -7.75
C ALA A 180 4.82 -38.09 -8.25
N VAL A 181 5.68 -38.92 -8.85
CA VAL A 181 5.18 -40.19 -9.38
C VAL A 181 4.73 -41.12 -8.25
N ASP A 182 5.49 -41.17 -7.15
CA ASP A 182 5.12 -42.02 -6.03
C ASP A 182 3.81 -41.58 -5.40
N GLN A 183 3.58 -40.27 -5.29
CA GLN A 183 2.32 -39.77 -4.77
C GLN A 183 1.17 -40.10 -5.71
N TYR A 184 1.39 -40.02 -7.01
CA TYR A 184 0.38 -40.47 -7.96
C TYR A 184 0.02 -41.93 -7.71
N LEU A 185 1.01 -42.77 -7.47
CA LEU A 185 0.73 -44.18 -7.25
C LEU A 185 0.09 -44.44 -5.89
N ALA A 186 0.35 -43.60 -4.90
CA ALA A 186 -0.20 -43.77 -3.56
C ALA A 186 -1.52 -43.04 -3.34
N LEU A 187 -1.99 -42.28 -4.31
CA LEU A 187 -3.14 -41.39 -4.12
C LEU A 187 -4.34 -42.03 -3.45
N PRO A 188 -4.83 -43.20 -3.87
CA PRO A 188 -6.05 -43.74 -3.22
C PRO A 188 -5.90 -43.95 -1.73
N ASP A 189 -4.70 -44.25 -1.24
CA ASP A 189 -4.51 -44.54 0.17
C ASP A 189 -4.33 -43.30 1.03
N VAL A 190 -3.86 -42.18 0.46
CA VAL A 190 -3.46 -41.03 1.25
C VAL A 190 -4.36 -39.82 1.05
N SER A 191 -4.98 -39.67 -0.11
CA SER A 191 -5.68 -38.43 -0.42
C SER A 191 -7.00 -38.33 0.36
N LEU A 192 -7.34 -37.09 0.74
CA LEU A 192 -8.64 -36.82 1.34
C LEU A 192 -9.75 -36.72 0.30
N GLY A 193 -9.41 -36.48 -0.96
CA GLY A 193 -10.39 -36.54 -2.03
C GLY A 193 -10.58 -37.96 -2.55
N ARG A 194 -11.61 -38.12 -3.37
CA ARG A 194 -11.91 -39.40 -4.02
C ARG A 194 -11.66 -39.23 -5.51
N TYR A 195 -10.61 -39.84 -6.00
CA TYR A 195 -10.18 -39.68 -7.39
C TYR A 195 -10.13 -41.03 -8.08
N ALA A 196 -10.56 -41.05 -9.33
CA ALA A 196 -10.43 -42.23 -10.18
C ALA A 196 -9.36 -41.97 -11.23
N TYR A 197 -8.60 -43.02 -11.55
CA TYR A 197 -7.58 -42.93 -12.57
C TYR A 197 -8.20 -42.95 -13.97
N VAL A 198 -7.49 -42.32 -14.92
CA VAL A 198 -7.86 -42.31 -16.32
C VAL A 198 -6.70 -42.88 -17.11
N ARG A 199 -6.99 -43.82 -18.00
CA ARG A 199 -5.97 -44.54 -18.76
C ARG A 199 -6.13 -44.29 -20.25
N GLY A 200 -5.00 -44.14 -20.94
CA GLY A 200 -5.01 -44.09 -22.40
C GLY A 200 -5.70 -42.86 -22.94
N GLY A 201 -6.41 -43.04 -24.05
CA GLY A 201 -7.19 -41.97 -24.65
C GLY A 201 -6.39 -40.83 -25.25
N GLY A 202 -5.34 -41.14 -25.98
CA GLY A 202 -4.59 -40.14 -26.72
C GLY A 202 -3.23 -39.86 -26.11
N ASP A 203 -2.53 -38.93 -26.76
CA ASP A 203 -1.18 -38.58 -26.34
C ASP A 203 -1.22 -37.62 -25.16
N PRO A 204 -0.18 -37.62 -24.31
CA PRO A 204 1.06 -38.40 -24.44
C PRO A 204 0.94 -39.81 -23.88
N TRP A 205 -0.25 -40.25 -23.48
CA TRP A 205 -0.41 -41.55 -22.86
C TRP A 205 -0.55 -42.64 -23.91
N THR A 206 -0.01 -43.82 -23.59
CA THR A 206 -0.27 -45.01 -24.38
C THR A 206 -1.55 -45.66 -23.87
N ASN A 207 -1.97 -46.75 -24.51
CA ASN A 207 -3.34 -47.25 -24.32
C ASN A 207 -3.63 -47.56 -22.87
N GLY A 208 -2.71 -48.25 -22.18
CA GLY A 208 -2.93 -48.70 -20.83
C GLY A 208 -2.32 -47.85 -19.74
N SER A 209 -1.81 -46.67 -20.05
CA SER A 209 -1.01 -45.89 -19.11
C SER A 209 -1.81 -44.72 -18.55
N GLY A 210 -1.59 -44.44 -17.27
CA GLY A 210 -2.27 -43.34 -16.62
C GLY A 210 -1.39 -42.12 -16.44
N LEU A 211 -0.08 -42.29 -16.36
CA LEU A 211 0.84 -41.19 -16.14
C LEU A 211 1.94 -41.21 -17.19
N ALA A 212 2.27 -40.04 -17.72
CA ALA A 212 3.33 -39.89 -18.71
C ALA A 212 4.42 -39.00 -18.14
N LEU A 213 5.63 -39.52 -18.05
CA LEU A 213 6.80 -38.79 -17.54
C LEU A 213 7.74 -38.58 -18.72
N CYS A 214 7.72 -37.37 -19.27
CA CYS A 214 8.38 -37.11 -20.54
C CYS A 214 9.52 -36.11 -20.37
N GLN A 215 10.64 -36.41 -21.01
CA GLN A 215 11.84 -35.60 -20.97
C GLN A 215 12.15 -35.10 -22.37
N ARG A 216 12.34 -33.78 -22.51
CA ARG A 216 12.59 -33.14 -23.79
C ARG A 216 13.96 -32.49 -23.77
N TYR A 217 14.81 -32.84 -24.74
CA TYR A 217 16.17 -32.34 -24.84
C TYR A 217 16.52 -32.06 -26.29
N TYR A 218 17.75 -31.62 -26.53
CA TYR A 218 18.21 -31.29 -27.87
C TYR A 218 18.72 -32.53 -28.59
N HIS A 219 18.51 -32.56 -29.91
CA HIS A 219 18.95 -33.69 -30.71
C HIS A 219 20.44 -33.91 -30.60
N ARG A 220 21.22 -32.85 -30.83
CA ARG A 220 22.65 -32.84 -30.60
C ARG A 220 22.97 -31.68 -29.67
N GLY A 221 23.72 -31.93 -28.61
CA GLY A 221 23.85 -30.97 -27.54
C GLY A 221 25.23 -30.75 -26.96
N HIS A 222 26.29 -30.79 -27.76
CA HIS A 222 27.62 -30.66 -27.20
C HIS A 222 27.85 -29.23 -26.71
N VAL A 223 28.16 -29.07 -25.43
CA VAL A 223 28.42 -27.77 -24.83
C VAL A 223 29.69 -27.90 -24.00
N ASP A 224 30.70 -27.10 -24.32
CA ASP A 224 32.00 -27.13 -23.63
C ASP A 224 32.39 -25.70 -23.32
N PRO A 225 31.91 -25.15 -22.20
CA PRO A 225 32.28 -23.77 -21.84
C PRO A 225 33.76 -23.60 -21.53
N ALA A 226 34.47 -24.68 -21.20
CA ALA A 226 35.90 -24.56 -20.94
C ALA A 226 36.65 -24.04 -22.17
N ASN A 227 36.31 -24.56 -23.35
CA ASN A 227 36.91 -24.11 -24.60
C ASN A 227 36.02 -23.13 -25.35
N ASP A 228 34.95 -22.66 -24.72
CA ASP A 228 34.03 -21.71 -25.35
C ASP A 228 33.48 -22.26 -26.67
N THR A 229 33.10 -23.53 -26.66
CA THR A 229 32.65 -24.21 -27.87
C THR A 229 31.30 -24.86 -27.65
N PHE A 230 30.52 -24.97 -28.72
CA PHE A 230 29.27 -25.70 -28.65
C PHE A 230 28.83 -26.11 -30.05
N ASP A 231 28.19 -27.27 -30.11
CA ASP A 231 27.65 -27.85 -31.34
C ASP A 231 26.24 -28.34 -31.02
N ILE A 232 25.24 -27.60 -31.50
CA ILE A 232 23.86 -27.81 -31.10
C ILE A 232 22.99 -27.99 -32.35
N ASP A 233 22.22 -29.08 -32.36
CA ASP A 233 21.11 -29.22 -33.28
C ASP A 233 19.84 -28.93 -32.47
N PRO A 234 19.19 -27.78 -32.67
CA PRO A 234 18.14 -27.36 -31.73
C PRO A 234 16.85 -28.15 -31.85
N MET A 235 16.83 -29.22 -32.63
CA MET A 235 15.61 -30.01 -32.78
C MET A 235 15.35 -30.79 -31.50
N VAL A 236 14.12 -30.68 -30.99
CA VAL A 236 13.76 -31.22 -29.69
C VAL A 236 13.34 -32.67 -29.83
N VAL A 237 13.96 -33.53 -29.04
CA VAL A 237 13.62 -34.95 -28.94
C VAL A 237 12.89 -35.18 -27.63
N THR A 238 11.81 -35.95 -27.70
CA THR A 238 10.98 -36.29 -26.56
C THR A 238 11.11 -37.79 -26.28
N ASP A 239 11.52 -38.13 -25.07
CA ASP A 239 11.57 -39.52 -24.61
C ASP A 239 10.70 -39.62 -23.36
N CYS A 240 9.71 -40.49 -23.37
CA CYS A 240 8.70 -40.41 -22.32
C CYS A 240 8.38 -41.81 -21.82
N ILE A 241 8.35 -41.95 -20.49
CA ILE A 241 8.07 -43.20 -19.80
C ILE A 241 6.60 -43.24 -19.44
N GLN A 242 6.00 -44.43 -19.51
CA GLN A 242 4.58 -44.63 -19.26
C GLN A 242 4.42 -45.41 -17.96
N VAL A 243 3.55 -44.92 -17.08
CA VAL A 243 3.30 -45.54 -15.79
C VAL A 243 1.82 -45.88 -15.71
N ASP A 244 1.53 -47.14 -15.40
CA ASP A 244 0.16 -47.57 -15.16
C ASP A 244 -0.23 -47.31 -13.71
N PRO A 245 -1.48 -46.99 -13.44
CA PRO A 245 -1.93 -46.85 -12.06
C PRO A 245 -1.85 -48.18 -11.33
N PRO A 246 -1.74 -48.15 -10.00
CA PRO A 246 -1.66 -49.41 -9.24
C PRO A 246 -2.89 -50.28 -9.42
N SER A 264 9.59 -50.67 -10.82
CA SER A 264 9.55 -49.23 -11.04
C SER A 264 10.47 -48.83 -12.17
N SER A 265 9.98 -48.91 -13.41
CA SER A 265 10.79 -48.51 -14.55
C SER A 265 11.11 -47.02 -14.51
N TYR A 266 10.14 -46.20 -14.10
CA TYR A 266 10.37 -44.77 -14.02
C TYR A 266 11.49 -44.42 -13.06
N LYS A 267 11.79 -45.30 -12.10
CA LYS A 267 12.89 -45.05 -11.18
C LYS A 267 14.25 -45.09 -11.87
N ASN A 268 14.33 -45.58 -13.10
CA ASN A 268 15.57 -45.62 -13.85
C ASN A 268 15.73 -44.42 -14.78
N LEU A 269 14.97 -43.35 -14.55
CA LEU A 269 15.09 -42.15 -15.36
C LEU A 269 16.52 -41.61 -15.27
N THR A 270 17.08 -41.24 -16.43
CA THR A 270 18.40 -40.63 -16.50
C THR A 270 18.27 -39.36 -17.32
N LEU A 271 18.41 -38.22 -16.66
CA LEU A 271 18.19 -36.94 -17.31
C LEU A 271 19.44 -36.47 -18.04
N LYS A 272 19.24 -35.91 -19.23
CA LYS A 272 20.33 -35.35 -20.03
C LYS A 272 20.48 -33.87 -19.66
N PHE A 273 21.13 -33.63 -18.52
CA PHE A 273 21.11 -32.31 -17.91
C PHE A 273 21.68 -31.24 -18.82
N HIS A 274 22.78 -31.53 -19.52
CA HIS A 274 23.45 -30.50 -20.29
C HIS A 274 22.61 -30.03 -21.48
N LYS A 275 21.78 -30.90 -22.06
CA LYS A 275 20.94 -30.53 -23.19
C LYS A 275 19.45 -30.62 -22.86
N LEU A 276 19.10 -30.70 -21.57
CA LEU A 276 17.72 -30.84 -21.17
C LEU A 276 16.94 -29.56 -21.45
N VAL A 277 15.78 -29.71 -22.08
CA VAL A 277 14.88 -28.58 -22.31
C VAL A 277 13.82 -28.50 -21.23
N ASN A 278 13.08 -29.59 -21.00
CA ASN A 278 12.17 -29.62 -19.85
C ASN A 278 11.79 -31.04 -19.52
N VAL A 279 11.13 -31.18 -18.38
CA VAL A 279 10.52 -32.44 -17.95
C VAL A 279 9.07 -32.16 -17.61
N THR A 280 8.17 -33.04 -18.05
CA THR A 280 6.76 -32.89 -17.76
C THR A 280 6.18 -34.19 -17.27
N ILE A 281 5.20 -34.06 -16.38
CA ILE A 281 4.41 -35.18 -15.88
C ILE A 281 2.96 -34.87 -16.20
N HIS A 282 2.31 -35.77 -16.92
CA HIS A 282 0.92 -35.61 -17.33
C HIS A 282 0.08 -36.74 -16.76
N PHE A 283 -1.04 -36.41 -16.13
CA PHE A 283 -1.98 -37.46 -15.75
C PHE A 283 -3.35 -36.85 -15.52
N ARG A 284 -4.38 -37.69 -15.58
CA ARG A 284 -5.75 -37.24 -15.41
C ARG A 284 -6.40 -37.95 -14.22
N LEU A 285 -7.21 -37.19 -13.48
CA LEU A 285 -7.96 -37.71 -12.35
C LEU A 285 -9.43 -37.35 -12.51
N LYS A 286 -10.30 -38.32 -12.22
CA LYS A 286 -11.75 -38.11 -12.29
C LYS A 286 -12.30 -38.00 -10.89
N THR A 287 -13.15 -36.99 -10.67
CA THR A 287 -13.82 -36.84 -9.39
C THR A 287 -15.24 -36.35 -9.61
N ILE A 288 -16.07 -36.47 -8.58
CA ILE A 288 -17.44 -36.00 -8.60
C ILE A 288 -17.54 -34.80 -7.68
N ASN A 289 -18.12 -33.70 -8.18
CA ASN A 289 -18.27 -32.47 -7.42
C ASN A 289 -19.50 -32.60 -6.53
N LEU A 290 -19.28 -33.06 -5.29
CA LEU A 290 -20.39 -33.31 -4.38
C LEU A 290 -20.98 -32.03 -3.81
N GLN A 291 -20.19 -30.98 -3.62
CA GLN A 291 -20.69 -29.79 -2.96
C GLN A 291 -21.72 -29.05 -3.80
N SER A 292 -21.91 -29.43 -5.06
CA SER A 292 -22.97 -28.83 -5.85
C SER A 292 -24.33 -28.97 -5.15
N LEU A 293 -24.50 -30.02 -4.35
CA LEU A 293 -25.72 -30.18 -3.57
C LEU A 293 -25.94 -28.96 -2.68
N ASN A 296 -27.98 -26.16 -5.05
CA ASN A 296 -28.80 -27.35 -4.97
C ASN A 296 -28.87 -28.06 -6.33
N GLU A 297 -27.75 -28.09 -7.03
CA GLU A 297 -27.70 -28.72 -8.34
C GLU A 297 -27.47 -30.23 -8.18
N ILE A 298 -27.39 -30.92 -9.32
CA ILE A 298 -26.99 -32.33 -9.35
C ILE A 298 -25.47 -32.37 -9.51
N PRO A 299 -24.75 -33.18 -8.74
CA PRO A 299 -23.29 -33.25 -8.93
C PRO A 299 -22.92 -33.59 -10.36
N ASP A 300 -21.91 -32.91 -10.86
CA ASP A 300 -21.35 -33.17 -12.18
C ASP A 300 -19.98 -33.81 -12.04
N CYS A 301 -19.49 -34.38 -13.13
CA CYS A 301 -18.27 -35.17 -13.14
C CYS A 301 -17.14 -34.34 -13.72
N TYR A 302 -16.06 -34.19 -12.97
CA TYR A 302 -14.87 -33.45 -13.37
C TYR A 302 -13.78 -34.41 -13.78
N THR A 303 -13.07 -34.08 -14.85
CA THR A 303 -11.80 -34.70 -15.19
C THR A 303 -10.74 -33.61 -15.14
N PHE A 304 -9.84 -33.70 -14.18
CA PHE A 304 -8.70 -32.80 -14.08
C PHE A 304 -7.54 -33.41 -14.86
N SER A 305 -7.03 -32.67 -15.83
CA SER A 305 -5.76 -33.01 -16.46
C SER A 305 -4.68 -32.18 -15.77
N VAL A 306 -3.73 -32.87 -15.16
CA VAL A 306 -2.69 -32.27 -14.34
C VAL A 306 -1.39 -32.35 -15.11
N LEU A 307 -0.72 -31.19 -15.22
CA LEU A 307 0.58 -31.07 -15.86
C LEU A 307 1.54 -30.47 -14.86
N ILE A 308 2.61 -31.21 -14.55
CA ILE A 308 3.70 -30.72 -13.70
C ILE A 308 4.90 -30.48 -14.60
N THR A 309 5.40 -29.25 -14.59
CA THR A 309 6.48 -28.83 -15.46
C THR A 309 7.72 -28.48 -14.64
N PHE A 310 8.85 -29.06 -15.02
CA PHE A 310 10.18 -28.70 -14.57
C PHE A 310 10.87 -28.04 -15.75
N ASP A 311 10.99 -26.73 -15.72
CA ASP A 311 11.33 -25.93 -16.90
C ASP A 311 12.81 -25.54 -16.88
N ASN A 312 13.55 -25.96 -17.91
CA ASN A 312 14.96 -25.62 -18.03
C ASN A 312 15.27 -24.82 -19.29
N LYS A 313 14.29 -24.11 -19.84
CA LYS A 313 14.52 -23.42 -21.11
C LYS A 313 15.54 -22.29 -20.95
N ALA A 314 15.65 -21.71 -19.77
CA ALA A 314 16.63 -20.66 -19.55
C ALA A 314 18.06 -21.19 -19.38
N HIS A 315 18.22 -22.47 -19.06
CA HIS A 315 19.54 -23.08 -18.90
C HIS A 315 20.41 -22.28 -17.93
N SER A 316 19.82 -21.85 -16.83
CA SER A 316 20.45 -20.91 -15.91
C SER A 316 20.89 -21.53 -14.60
N GLY A 317 20.78 -22.85 -14.46
CA GLY A 317 21.04 -23.51 -13.20
C GLY A 317 19.87 -23.52 -12.24
N ARG A 318 18.79 -22.82 -12.56
CA ARG A 318 17.58 -22.79 -11.74
C ARG A 318 16.43 -23.32 -12.58
N ILE A 319 15.76 -24.36 -12.10
CA ILE A 319 14.69 -24.99 -12.85
C ILE A 319 13.36 -24.78 -12.12
N PRO A 320 12.53 -23.83 -12.54
CA PRO A 320 11.24 -23.64 -11.87
C PRO A 320 10.32 -24.84 -12.05
N ILE A 321 9.52 -25.08 -11.03
CA ILE A 321 8.57 -26.19 -10.97
C ILE A 321 7.18 -25.61 -10.80
N SER A 322 6.25 -26.05 -11.66
CA SER A 322 4.88 -25.58 -11.57
C SER A 322 3.91 -26.73 -11.79
N LEU A 323 2.72 -26.58 -11.25
CA LEU A 323 1.62 -27.52 -11.45
C LEU A 323 0.42 -26.75 -11.98
N GLU A 324 -0.19 -27.25 -13.04
CA GLU A 324 -1.35 -26.63 -13.66
C GLU A 324 -2.41 -27.68 -13.94
N THR A 325 -3.66 -27.25 -13.94
CA THR A 325 -4.79 -28.14 -14.16
C THR A 325 -5.73 -27.56 -15.21
N GLN A 326 -6.29 -28.44 -16.03
CA GLN A 326 -7.42 -28.11 -16.88
C GLN A 326 -8.58 -29.02 -16.49
N ALA A 327 -9.74 -28.44 -16.24
CA ALA A 327 -10.91 -29.19 -15.81
C ALA A 327 -11.89 -29.34 -16.97
N HIS A 328 -12.25 -30.58 -17.29
CA HIS A 328 -13.30 -30.88 -18.25
C HIS A 328 -14.51 -31.37 -17.47
N ILE A 329 -15.62 -30.66 -17.58
CA ILE A 329 -16.82 -30.94 -16.81
C ILE A 329 -17.85 -31.60 -17.72
N GLN A 330 -18.47 -32.65 -17.23
CA GLN A 330 -19.56 -33.30 -17.96
C GLN A 330 -20.62 -33.73 -16.97
N GLU A 331 -21.75 -34.18 -17.51
CA GLU A 331 -22.80 -34.73 -16.68
C GLU A 331 -22.48 -36.18 -16.36
N CYS A 332 -22.69 -36.57 -15.10
CA CYS A 332 -22.41 -37.94 -14.69
C CYS A 332 -23.44 -38.89 -15.29
N LYS A 333 -22.98 -40.10 -15.60
CA LYS A 333 -23.82 -41.04 -16.35
C LYS A 333 -25.04 -41.45 -15.53
N HIS A 334 -24.84 -41.80 -14.26
CA HIS A 334 -25.91 -42.30 -13.40
C HIS A 334 -25.97 -41.48 -12.12
N PRO A 335 -26.55 -40.28 -12.17
CA PRO A 335 -26.74 -39.49 -10.96
C PRO A 335 -28.04 -39.85 -10.26
N SER A 336 -27.95 -40.00 -8.93
CA SER A 336 -29.11 -40.35 -8.11
C SER A 336 -28.97 -39.62 -6.78
N VAL A 337 -29.74 -38.54 -6.62
CA VAL A 337 -29.80 -37.80 -5.36
C VAL A 337 -31.18 -38.03 -4.77
N PHE A 338 -31.23 -38.57 -3.56
CA PHE A 338 -32.49 -38.93 -2.93
C PHE A 338 -33.39 -37.70 -2.80
N GLN A 339 -34.50 -37.69 -3.54
CA GLN A 339 -35.46 -36.59 -3.49
C GLN A 339 -34.78 -35.28 -3.87
N SER A 344 -36.60 -26.79 -14.22
CA SER A 344 -36.19 -26.10 -15.43
C SER A 344 -36.46 -24.61 -15.33
N PHE A 345 -36.41 -24.09 -14.10
CA PHE A 345 -36.68 -22.67 -13.89
C PHE A 345 -35.57 -21.80 -14.46
N ARG A 346 -34.33 -22.28 -14.43
CA ARG A 346 -33.22 -21.52 -15.00
C ARG A 346 -33.41 -21.32 -16.50
N LEU A 347 -33.79 -22.40 -17.20
CA LEU A 347 -34.02 -22.30 -18.64
C LEU A 347 -35.21 -21.40 -18.94
N LEU A 348 -36.26 -21.50 -18.13
CA LEU A 348 -37.42 -20.63 -18.32
C LEU A 348 -37.03 -19.17 -18.15
N PHE A 349 -36.20 -18.88 -17.14
CA PHE A 349 -35.76 -17.51 -16.93
C PHE A 349 -34.90 -17.02 -18.09
N ASP A 350 -34.04 -17.89 -18.62
CA ASP A 350 -33.25 -17.50 -19.79
C ASP A 350 -34.14 -17.18 -20.98
N VAL A 351 -35.18 -18.00 -21.19
CA VAL A 351 -36.12 -17.73 -22.27
C VAL A 351 -36.83 -16.40 -22.05
N VAL A 352 -37.22 -16.12 -20.81
CA VAL A 352 -37.88 -14.86 -20.49
C VAL A 352 -36.95 -13.70 -20.81
N VAL A 353 -35.68 -13.80 -20.43
CA VAL A 353 -34.72 -12.73 -20.70
C VAL A 353 -34.59 -12.52 -22.21
N ILE A 354 -34.48 -13.62 -22.96
CA ILE A 354 -34.34 -13.50 -24.41
C ILE A 354 -35.57 -12.81 -25.00
N LEU A 355 -36.76 -13.19 -24.54
CA LEU A 355 -37.99 -12.58 -25.07
C LEU A 355 -38.06 -11.10 -24.76
N THR A 356 -37.70 -10.72 -23.52
CA THR A 356 -37.71 -9.31 -23.14
C THR A 356 -36.74 -8.52 -24.00
N CYS A 357 -35.54 -9.04 -24.17
CA CYS A 357 -34.54 -8.32 -24.97
C CYS A 357 -34.96 -8.23 -26.43
N SER A 358 -35.61 -9.27 -26.95
CA SER A 358 -36.08 -9.23 -28.34
C SER A 358 -37.17 -8.18 -28.52
N LEU A 359 -38.12 -8.12 -27.59
CA LEU A 359 -39.17 -7.10 -27.68
C LEU A 359 -38.58 -5.70 -27.59
N SER A 360 -37.66 -5.49 -26.67
CA SER A 360 -37.01 -4.19 -26.55
C SER A 360 -36.25 -3.85 -27.83
N PHE A 361 -35.56 -4.83 -28.41
CA PHE A 361 -34.84 -4.60 -29.65
C PHE A 361 -35.79 -4.18 -30.76
N LEU A 362 -36.93 -4.86 -30.88
CA LEU A 362 -37.87 -4.53 -31.93
C LEU A 362 -38.41 -3.11 -31.77
N LEU A 363 -38.80 -2.75 -30.54
CA LEU A 363 -39.33 -1.41 -30.31
C LEU A 363 -38.28 -0.34 -30.58
N CYS A 364 -37.05 -0.55 -30.12
CA CYS A 364 -36.00 0.43 -30.34
C CYS A 364 -35.68 0.55 -31.83
N ALA A 365 -35.68 -0.57 -32.55
CA ALA A 365 -35.44 -0.51 -33.99
C ALA A 365 -36.54 0.25 -34.71
N ARG A 366 -37.79 0.05 -34.30
CA ARG A 366 -38.88 0.82 -34.90
C ARG A 366 -38.71 2.31 -34.64
N SER A 367 -38.34 2.67 -33.41
CA SER A 367 -38.11 4.08 -33.09
C SER A 367 -36.99 4.66 -33.95
N LEU A 368 -35.89 3.91 -34.09
CA LEU A 368 -34.77 4.39 -34.91
C LEU A 368 -35.18 4.56 -36.36
N LEU A 369 -35.95 3.62 -36.90
CA LEU A 369 -36.40 3.71 -38.28
C LEU A 369 -37.29 4.94 -38.48
N ARG A 370 -38.23 5.17 -37.56
CA ARG A 370 -39.10 6.33 -37.69
C ARG A 370 -38.30 7.63 -37.58
N GLY A 371 -37.30 7.66 -36.70
CA GLY A 371 -36.44 8.83 -36.63
C GLY A 371 -35.71 9.07 -37.93
N PHE A 372 -35.19 8.01 -38.55
CA PHE A 372 -34.50 8.15 -39.83
C PHE A 372 -35.45 8.66 -40.91
N LEU A 373 -36.69 8.15 -40.93
CA LEU A 373 -37.66 8.61 -41.92
C LEU A 373 -37.95 10.09 -41.74
N LEU A 374 -38.17 10.52 -40.50
CA LEU A 374 -38.41 11.94 -40.25
C LEU A 374 -37.19 12.78 -40.64
N GLN A 375 -35.99 12.25 -40.40
CA GLN A 375 -34.79 12.97 -40.81
C GLN A 375 -34.77 13.17 -42.32
N ASN A 376 -35.08 12.12 -43.07
CA ASN A 376 -35.12 12.24 -44.53
C ASN A 376 -36.15 13.25 -44.96
N GLU A 377 -37.35 13.20 -44.37
CA GLU A 377 -38.39 14.15 -44.76
C GLU A 377 -37.97 15.58 -44.46
N PHE A 378 -37.37 15.82 -43.30
CA PHE A 378 -36.92 17.16 -42.96
C PHE A 378 -35.84 17.65 -43.92
N VAL A 379 -34.88 16.77 -44.25
CA VAL A 379 -33.81 17.18 -45.15
C VAL A 379 -34.38 17.52 -46.52
N GLY A 380 -35.31 16.70 -47.01
CA GLY A 380 -35.92 17.00 -48.30
C GLY A 380 -36.70 18.30 -48.29
N PHE A 381 -37.48 18.54 -47.24
CA PHE A 381 -38.25 19.78 -47.17
C PHE A 381 -37.33 20.99 -47.11
N MET A 382 -36.25 20.90 -46.35
CA MET A 382 -35.30 22.02 -46.28
C MET A 382 -34.64 22.24 -47.64
N TRP A 383 -34.28 21.16 -48.34
CA TRP A 383 -33.70 21.33 -49.67
C TRP A 383 -34.68 22.02 -50.61
N ARG A 384 -35.96 21.64 -50.53
CA ARG A 384 -36.98 22.35 -51.30
C ARG A 384 -36.98 23.84 -50.95
N GLN A 385 -37.04 24.15 -49.65
CA GLN A 385 -36.98 25.54 -49.23
C GLN A 385 -35.66 26.18 -49.61
N ARG A 386 -34.56 25.45 -49.46
CA ARG A 386 -33.23 25.97 -49.76
C ARG A 386 -32.58 25.14 -50.86
N TRP A 393 -23.53 15.85 -39.90
CA TRP A 393 -23.39 16.17 -38.49
C TRP A 393 -24.67 16.79 -37.95
N GLU A 394 -25.34 17.58 -38.79
CA GLU A 394 -26.63 18.16 -38.40
C GLU A 394 -27.75 17.14 -38.48
N ARG A 395 -27.58 16.07 -39.25
CA ARG A 395 -28.61 15.04 -39.35
C ARG A 395 -28.63 14.13 -38.12
N LEU A 396 -27.47 13.90 -37.51
CA LEU A 396 -27.39 13.02 -36.35
C LEU A 396 -28.29 13.48 -35.21
N GLU A 397 -28.79 14.71 -35.26
CA GLU A 397 -29.72 15.16 -34.24
C GLU A 397 -30.95 14.28 -34.18
N PHE A 398 -31.30 13.60 -35.27
CA PHE A 398 -32.43 12.70 -35.27
C PHE A 398 -32.09 11.32 -34.72
N VAL A 399 -30.82 11.02 -34.49
CA VAL A 399 -30.40 9.72 -33.99
C VAL A 399 -30.46 9.74 -32.46
N ASN A 400 -31.25 8.85 -31.89
CA ASN A 400 -31.35 8.71 -30.43
C ASN A 400 -30.24 7.76 -29.98
N GLY A 401 -29.19 8.32 -29.40
CA GLY A 401 -28.06 7.51 -28.96
C GLY A 401 -28.43 6.50 -27.91
N TRP A 402 -29.37 6.87 -27.02
CA TRP A 402 -29.80 5.93 -25.99
C TRP A 402 -30.39 4.67 -26.60
N TYR A 403 -31.10 4.82 -27.73
CA TYR A 403 -31.66 3.64 -28.38
C TYR A 403 -30.60 2.79 -29.04
N ILE A 404 -29.53 3.41 -29.56
CA ILE A 404 -28.42 2.62 -30.07
C ILE A 404 -27.78 1.83 -28.94
N LEU A 405 -27.61 2.46 -27.78
CA LEU A 405 -27.08 1.75 -26.62
C LEU A 405 -27.98 0.59 -26.22
N LEU A 406 -29.30 0.82 -26.20
CA LEU A 406 -30.24 -0.22 -25.81
C LEU A 406 -30.21 -1.38 -26.78
N VAL A 407 -30.15 -1.09 -28.08
CA VAL A 407 -30.09 -2.16 -29.08
C VAL A 407 -28.81 -2.97 -28.93
N THR A 408 -27.68 -2.29 -28.70
CA THR A 408 -26.43 -2.99 -28.47
C THR A 408 -26.53 -3.92 -27.27
N SER A 409 -27.10 -3.41 -26.17
CA SER A 409 -27.23 -4.23 -24.98
C SER A 409 -28.17 -5.41 -25.22
N ASP A 410 -29.24 -5.20 -25.97
CA ASP A 410 -30.15 -6.30 -26.29
C ASP A 410 -29.43 -7.40 -27.06
N VAL A 411 -28.65 -7.02 -28.07
CA VAL A 411 -27.91 -8.01 -28.87
C VAL A 411 -26.92 -8.76 -27.99
N LEU A 412 -26.16 -8.02 -27.18
CA LEU A 412 -25.18 -8.67 -26.31
C LEU A 412 -25.85 -9.64 -25.35
N THR A 413 -26.97 -9.21 -24.76
CA THR A 413 -27.68 -10.08 -23.82
C THR A 413 -28.19 -11.34 -24.50
N ILE A 414 -28.75 -11.21 -25.71
CA ILE A 414 -29.30 -12.38 -26.38
C ILE A 414 -28.18 -13.37 -26.71
N SER A 415 -27.06 -12.88 -27.25
CA SER A 415 -25.94 -13.76 -27.54
C SER A 415 -25.44 -14.43 -26.27
N GLY A 416 -25.25 -13.65 -25.20
CA GLY A 416 -24.75 -14.21 -23.97
C GLY A 416 -25.68 -15.21 -23.34
N THR A 417 -26.99 -15.00 -23.48
CA THR A 417 -27.96 -15.95 -22.93
C THR A 417 -27.97 -17.24 -23.73
N ILE A 418 -27.84 -17.15 -25.05
CA ILE A 418 -27.74 -18.38 -25.84
C ILE A 418 -26.51 -19.17 -25.42
N MET A 419 -25.37 -18.49 -25.28
CA MET A 419 -24.15 -19.16 -24.85
C MET A 419 -24.31 -19.72 -23.44
N LYS A 420 -25.00 -18.99 -22.56
CA LYS A 420 -25.21 -19.46 -21.20
C LYS A 420 -26.06 -20.72 -21.17
N ILE A 421 -27.11 -20.76 -21.99
CA ILE A 421 -27.92 -21.96 -22.10
C ILE A 421 -27.05 -23.14 -22.55
N GLY A 422 -26.23 -22.91 -23.58
CA GLY A 422 -25.35 -23.96 -24.04
C GLY A 422 -24.38 -24.44 -22.97
N ILE A 423 -23.81 -23.51 -22.21
CA ILE A 423 -22.82 -23.85 -21.19
C ILE A 423 -23.47 -24.65 -20.07
N GLU A 424 -24.64 -24.20 -19.59
CA GLU A 424 -25.28 -24.87 -18.47
C GLU A 424 -25.73 -26.28 -18.83
N ALA A 425 -25.89 -26.58 -20.12
CA ALA A 425 -26.17 -27.93 -20.57
C ALA A 425 -24.91 -28.78 -20.74
N LYS A 426 -23.74 -28.21 -20.45
CA LYS A 426 -22.43 -28.84 -20.64
C LYS A 426 -22.09 -29.03 -22.11
N ASN A 427 -22.82 -28.41 -23.02
CA ASN A 427 -22.51 -28.49 -24.44
C ASN A 427 -21.42 -27.52 -24.87
N LEU A 428 -21.11 -26.52 -24.05
CA LEU A 428 -20.06 -25.55 -24.35
C LEU A 428 -19.25 -25.30 -23.10
N ALA A 429 -18.05 -24.74 -23.30
CA ALA A 429 -17.17 -24.42 -22.19
C ALA A 429 -16.52 -23.04 -22.33
N SER A 430 -17.10 -22.15 -23.13
CA SER A 430 -16.52 -20.83 -23.36
C SER A 430 -17.08 -19.85 -22.33
N TYR A 431 -16.61 -20.01 -21.09
CA TYR A 431 -17.10 -19.17 -20.01
C TYR A 431 -16.68 -17.71 -20.19
N ASP A 432 -15.47 -17.48 -20.70
CA ASP A 432 -14.94 -16.13 -20.76
C ASP A 432 -15.78 -15.25 -21.67
N VAL A 433 -16.07 -15.71 -22.89
CA VAL A 433 -16.83 -14.91 -23.83
C VAL A 433 -18.24 -14.66 -23.32
N CYS A 434 -18.89 -15.70 -22.80
CA CYS A 434 -20.24 -15.53 -22.28
C CYS A 434 -20.28 -14.54 -21.14
N SER A 435 -19.32 -14.64 -20.21
CA SER A 435 -19.27 -13.72 -19.08
C SER A 435 -19.03 -12.30 -19.56
N ILE A 436 -18.13 -12.11 -20.52
CA ILE A 436 -17.85 -10.77 -21.03
C ILE A 436 -19.10 -10.19 -21.67
N LEU A 437 -19.81 -10.99 -22.47
CA LEU A 437 -21.03 -10.49 -23.10
C LEU A 437 -22.07 -10.07 -22.07
N LEU A 438 -22.37 -10.97 -21.12
CA LEU A 438 -23.41 -10.67 -20.15
C LEU A 438 -23.03 -9.49 -19.25
N GLY A 439 -21.77 -9.44 -18.82
CA GLY A 439 -21.34 -8.34 -17.97
C GLY A 439 -21.36 -7.00 -18.68
N THR A 440 -20.88 -6.98 -19.93
CA THR A 440 -20.91 -5.73 -20.69
C THR A 440 -22.34 -5.26 -20.91
N SER A 441 -23.26 -6.18 -21.22
CA SER A 441 -24.64 -5.78 -21.41
C SER A 441 -25.25 -5.24 -20.11
N THR A 442 -24.95 -5.87 -18.98
CA THR A 442 -25.47 -5.37 -17.71
C THR A 442 -24.92 -3.97 -17.41
N LEU A 443 -23.62 -3.78 -17.64
CA LEU A 443 -23.03 -2.45 -17.49
C LEU A 443 -23.75 -1.44 -18.38
N LEU A 444 -24.05 -1.83 -19.61
CA LEU A 444 -24.70 -0.90 -20.55
C LEU A 444 -26.10 -0.52 -20.08
N VAL A 445 -26.88 -1.49 -19.60
CA VAL A 445 -28.25 -1.16 -19.17
C VAL A 445 -28.21 -0.25 -17.93
N TRP A 446 -27.30 -0.55 -17.00
CA TRP A 446 -27.23 0.30 -15.82
C TRP A 446 -26.73 1.69 -16.17
N VAL A 447 -25.88 1.82 -17.18
CA VAL A 447 -25.51 3.15 -17.68
C VAL A 447 -26.71 3.83 -18.32
N GLY A 448 -27.49 3.09 -19.12
CA GLY A 448 -28.65 3.65 -19.77
C GLY A 448 -29.69 4.16 -18.80
N VAL A 449 -29.65 3.71 -17.55
CA VAL A 449 -30.51 4.28 -16.51
C VAL A 449 -30.35 5.81 -16.44
N ILE A 450 -29.20 6.34 -16.86
CA ILE A 450 -28.95 7.78 -16.81
C ILE A 450 -29.96 8.56 -17.63
N ARG A 451 -30.48 7.95 -18.70
CA ARG A 451 -31.45 8.62 -19.55
C ARG A 451 -32.64 9.11 -18.73
N TYR A 452 -33.10 8.30 -17.78
CA TYR A 452 -34.25 8.70 -16.97
C TYR A 452 -33.93 9.92 -16.15
N LEU A 453 -32.73 9.98 -15.57
CA LEU A 453 -32.34 11.14 -14.79
C LEU A 453 -32.23 12.39 -15.65
N THR A 454 -31.91 12.23 -16.94
CA THR A 454 -31.81 13.43 -17.78
C THR A 454 -33.16 14.16 -17.91
N PHE A 455 -34.27 13.50 -17.59
CA PHE A 455 -35.58 14.14 -17.73
C PHE A 455 -35.89 15.13 -16.63
N PHE A 456 -35.12 15.15 -15.55
CA PHE A 456 -35.33 16.06 -14.44
C PHE A 456 -34.22 17.10 -14.42
N HIS A 457 -34.62 18.37 -14.29
CA HIS A 457 -33.71 19.48 -14.61
C HIS A 457 -32.45 19.45 -13.75
N ASN A 458 -32.59 19.21 -12.45
CA ASN A 458 -31.44 19.30 -11.56
C ASN A 458 -30.40 18.22 -11.86
N TYR A 459 -30.84 17.02 -12.24
CA TYR A 459 -29.90 15.99 -12.67
C TYR A 459 -29.37 16.26 -14.07
N ASN A 460 -30.21 16.81 -14.94
CA ASN A 460 -29.76 17.12 -16.29
C ASN A 460 -28.64 18.16 -16.28
N ILE A 461 -28.63 19.07 -15.31
CA ILE A 461 -27.53 20.02 -15.21
C ILE A 461 -26.20 19.26 -15.14
N LEU A 462 -26.11 18.28 -14.24
CA LEU A 462 -24.87 17.55 -14.05
C LEU A 462 -24.52 16.69 -15.27
N ILE A 463 -25.51 15.99 -15.82
CA ILE A 463 -25.24 15.13 -16.96
C ILE A 463 -24.79 15.96 -18.16
N ALA A 464 -25.44 17.10 -18.38
CA ALA A 464 -25.06 17.98 -19.47
C ALA A 464 -23.67 18.57 -19.25
N THR A 465 -23.31 18.87 -18.01
CA THR A 465 -21.95 19.32 -17.74
C THR A 465 -20.95 18.26 -18.19
N LEU A 466 -21.18 17.01 -17.82
CA LEU A 466 -20.25 15.96 -18.24
C LEU A 466 -20.21 15.84 -19.75
N ARG A 467 -21.37 15.91 -20.41
CA ARG A 467 -21.42 15.78 -21.86
C ARG A 467 -20.65 16.90 -22.56
N VAL A 468 -20.83 18.15 -22.10
N VAL A 468 -20.83 18.14 -22.09
CA VAL A 468 -20.11 19.24 -22.74
CA VAL A 468 -20.13 19.27 -22.67
C VAL A 468 -18.62 19.17 -22.43
C VAL A 468 -18.63 19.15 -22.43
N ALA A 469 -18.24 18.63 -21.26
CA ALA A 469 -16.82 18.52 -20.95
C ALA A 469 -16.12 17.43 -21.77
N LEU A 470 -16.83 16.37 -22.12
CA LEU A 470 -16.18 15.17 -22.66
C LEU A 470 -15.27 15.42 -23.86
N PRO A 471 -15.65 16.20 -24.87
CA PRO A 471 -14.74 16.36 -26.02
C PRO A 471 -13.36 16.91 -25.67
N SER A 472 -13.32 17.97 -24.86
CA SER A 472 -12.03 18.53 -24.46
C SER A 472 -11.26 17.56 -23.56
N VAL A 473 -11.97 16.79 -22.73
CA VAL A 473 -11.30 15.79 -21.91
C VAL A 473 -10.62 14.75 -22.79
N MET A 474 -11.29 14.30 -23.86
CA MET A 474 -10.68 13.32 -24.75
C MET A 474 -9.49 13.90 -25.51
N ARG A 475 -9.61 15.15 -25.98
CA ARG A 475 -8.49 15.78 -26.65
C ARG A 475 -7.27 15.88 -25.74
N PHE A 476 -7.50 16.31 -24.49
CA PHE A 476 -6.39 16.36 -23.54
C PHE A 476 -5.87 14.97 -23.25
N CYS A 477 -6.73 13.96 -23.33
CA CYS A 477 -6.26 12.59 -23.16
C CYS A 477 -5.26 12.20 -24.25
N CYS A 478 -5.52 12.64 -25.49
CA CYS A 478 -4.53 12.41 -26.55
C CYS A 478 -3.21 13.11 -26.25
N CYS A 479 -3.30 14.40 -25.88
CA CYS A 479 -2.10 15.15 -25.51
C CYS A 479 -1.32 14.44 -24.40
N VAL A 480 -2.03 13.96 -23.39
CA VAL A 480 -1.39 13.24 -22.29
C VAL A 480 -0.81 11.93 -22.78
N ALA A 481 -1.48 11.28 -23.73
CA ALA A 481 -1.07 9.96 -24.17
C ALA A 481 0.32 10.00 -24.79
N VAL A 482 0.61 11.00 -25.62
CA VAL A 482 1.93 11.01 -26.26
C VAL A 482 3.05 11.13 -25.23
N ILE A 483 2.90 12.05 -24.27
CA ILE A 483 3.91 12.25 -23.23
C ILE A 483 4.03 11.00 -22.36
N TYR A 484 2.89 10.40 -22.01
CA TYR A 484 2.87 9.19 -21.21
C TYR A 484 3.61 8.06 -21.90
N LEU A 485 3.38 7.89 -23.20
CA LEU A 485 4.06 6.85 -23.96
C LEU A 485 5.56 7.07 -24.00
N GLY A 486 5.98 8.33 -24.19
CA GLY A 486 7.41 8.62 -24.13
C GLY A 486 8.03 8.21 -22.80
N TYR A 487 7.37 8.57 -21.71
CA TYR A 487 7.87 8.18 -20.39
C TYR A 487 7.90 6.66 -20.24
N CYS A 488 6.88 5.98 -20.76
CA CYS A 488 6.83 4.52 -20.67
C CYS A 488 8.04 3.90 -21.36
N PHE A 489 8.33 4.34 -22.59
CA PHE A 489 9.47 3.79 -23.32
C PHE A 489 10.78 4.05 -22.60
N CYS A 490 10.98 5.29 -22.15
CA CYS A 490 12.23 5.63 -21.48
C CYS A 490 12.41 4.79 -20.22
N GLY A 491 11.36 4.70 -19.40
CA GLY A 491 11.45 3.93 -18.18
C GLY A 491 11.70 2.46 -18.44
N TRP A 492 11.04 1.90 -19.45
CA TRP A 492 11.25 0.49 -19.77
C TRP A 492 12.70 0.23 -20.16
N ILE A 493 13.28 1.09 -21.00
CA ILE A 493 14.63 0.82 -21.47
C ILE A 493 15.66 1.04 -20.36
N VAL A 494 15.48 2.08 -19.55
CA VAL A 494 16.51 2.45 -18.57
C VAL A 494 16.37 1.65 -17.29
N LEU A 495 15.17 1.55 -16.74
CA LEU A 495 14.97 0.96 -15.41
C LEU A 495 14.67 -0.52 -15.44
N GLY A 496 14.19 -1.05 -16.58
CA GLY A 496 13.85 -2.46 -16.66
C GLY A 496 14.94 -3.40 -16.21
N PRO A 497 16.20 -3.15 -16.55
CA PRO A 497 17.28 -4.01 -16.04
C PRO A 497 17.43 -4.00 -14.53
N TYR A 498 16.91 -2.99 -13.83
CA TYR A 498 17.16 -2.81 -12.41
C TYR A 498 15.93 -2.85 -11.52
N HIS A 499 14.73 -2.81 -12.10
CA HIS A 499 13.51 -2.61 -11.34
C HIS A 499 12.48 -3.66 -11.75
N VAL A 500 11.92 -4.37 -10.77
CA VAL A 500 10.96 -5.43 -11.08
C VAL A 500 9.70 -4.87 -11.72
N LYS A 501 9.28 -3.67 -11.31
CA LYS A 501 8.06 -3.08 -11.86
C LYS A 501 8.23 -2.57 -13.29
N PHE A 502 9.45 -2.55 -13.83
CA PHE A 502 9.70 -1.98 -15.15
C PHE A 502 10.15 -3.03 -16.16
N ARG A 503 9.83 -4.30 -15.93
CA ARG A 503 10.36 -5.36 -16.79
C ARG A 503 9.71 -5.36 -18.17
N SER A 504 8.40 -5.18 -18.24
CA SER A 504 7.67 -5.18 -19.50
C SER A 504 6.95 -3.84 -19.67
N LEU A 505 6.55 -3.56 -20.91
CA LEU A 505 5.92 -2.28 -21.20
C LEU A 505 4.56 -2.15 -20.52
N SER A 506 3.77 -3.22 -20.51
CA SER A 506 2.48 -3.17 -19.83
C SER A 506 2.68 -2.97 -18.33
N MET A 507 3.68 -3.62 -17.75
CA MET A 507 3.98 -3.40 -16.34
C MET A 507 4.44 -1.98 -16.09
N VAL A 508 5.25 -1.41 -16.98
CA VAL A 508 5.69 -0.04 -16.83
C VAL A 508 4.49 0.90 -16.84
N SER A 509 3.57 0.68 -17.78
CA SER A 509 2.38 1.52 -17.86
C SER A 509 1.54 1.40 -16.59
N GLU A 510 1.38 0.18 -16.07
CA GLU A 510 0.62 0.01 -14.84
C GLU A 510 1.27 0.75 -13.68
N CYS A 511 2.60 0.67 -13.58
CA CYS A 511 3.31 1.36 -12.51
C CYS A 511 3.16 2.87 -12.63
N LEU A 512 3.33 3.41 -13.82
CA LEU A 512 3.22 4.86 -14.00
C LEU A 512 1.80 5.34 -13.74
N PHE A 513 0.80 4.60 -14.21
CA PHE A 513 -0.59 4.97 -13.96
C PHE A 513 -0.89 4.96 -12.47
N SER A 514 -0.38 3.96 -11.74
CA SER A 514 -0.56 3.93 -10.30
C SER A 514 0.13 5.11 -9.64
N LEU A 515 1.32 5.48 -10.12
CA LEU A 515 2.02 6.63 -9.55
C LEU A 515 1.21 7.91 -9.75
N ILE A 516 0.59 8.06 -10.91
CA ILE A 516 -0.24 9.24 -11.16
C ILE A 516 -1.33 9.35 -10.10
N ASN A 517 -1.91 8.22 -9.72
CA ASN A 517 -2.97 8.18 -8.73
C ASN A 517 -2.44 8.09 -7.30
N GLY A 518 -1.14 8.23 -7.10
CA GLY A 518 -0.56 8.20 -5.76
C GLY A 518 -0.61 6.87 -5.05
N ASP A 519 -0.35 5.78 -5.78
CA ASP A 519 -0.31 4.45 -5.20
C ASP A 519 1.04 3.80 -5.46
N ASP A 520 1.57 3.14 -4.44
CA ASP A 520 2.78 2.33 -4.57
C ASP A 520 3.99 3.19 -4.96
N MET A 521 4.04 4.41 -4.40
CA MET A 521 5.10 5.35 -4.75
C MET A 521 6.37 5.07 -3.96
N PHE A 522 6.24 4.92 -2.64
CA PHE A 522 7.43 4.74 -1.81
C PHE A 522 8.16 3.44 -2.13
N VAL A 523 7.42 2.36 -2.40
CA VAL A 523 8.09 1.10 -2.74
C VAL A 523 8.82 1.23 -4.07
N THR A 524 8.24 1.97 -5.01
CA THR A 524 8.93 2.21 -6.28
C THR A 524 10.25 2.95 -6.04
N PHE A 525 10.24 3.96 -5.16
CA PHE A 525 11.49 4.63 -4.82
C PHE A 525 12.46 3.70 -4.08
N ALA A 526 11.93 2.88 -3.16
CA ALA A 526 12.79 2.05 -2.32
C ALA A 526 13.48 0.96 -3.12
N ALA A 527 12.81 0.43 -4.15
CA ALA A 527 13.47 -0.55 -5.00
C ALA A 527 14.70 0.04 -5.66
N MET A 528 14.62 1.30 -6.08
CA MET A 528 15.78 1.96 -6.66
C MET A 528 16.81 2.31 -5.59
N GLN A 529 16.37 2.50 -4.34
CA GLN A 529 17.30 2.86 -3.28
C GLN A 529 18.46 1.88 -3.21
N ALA A 530 18.20 0.59 -3.42
CA ALA A 530 19.26 -0.42 -3.38
C ALA A 530 19.95 -0.56 -4.73
N GLN A 531 20.30 0.59 -5.32
CA GLN A 531 21.23 0.63 -6.44
C GLN A 531 22.12 1.86 -6.40
N GLN A 532 22.02 2.69 -5.36
CA GLN A 532 22.82 3.90 -5.28
C GLN A 532 24.31 3.62 -5.31
N GLY A 533 24.72 2.40 -4.96
CA GLY A 533 26.12 2.03 -5.02
C GLY A 533 26.47 1.26 -6.29
N ARG A 534 25.56 0.41 -6.75
CA ARG A 534 25.83 -0.38 -7.95
C ARG A 534 26.01 0.52 -9.17
N SER A 535 25.13 1.52 -9.33
CA SER A 535 25.22 2.45 -10.45
C SER A 535 24.67 3.79 -9.99
N SER A 536 25.58 4.73 -9.71
CA SER A 536 25.16 6.06 -9.29
C SER A 536 24.41 6.78 -10.40
N LEU A 537 24.86 6.62 -11.65
CA LEU A 537 24.23 7.28 -12.78
C LEU A 537 22.78 6.83 -12.93
N VAL A 538 22.54 5.53 -12.84
CA VAL A 538 21.19 5.02 -13.00
C VAL A 538 20.29 5.47 -11.85
N TRP A 539 20.82 5.48 -10.63
CA TRP A 539 20.03 5.93 -9.49
C TRP A 539 19.65 7.41 -9.63
N LEU A 540 20.60 8.23 -10.04
CA LEU A 540 20.29 9.65 -10.25
C LEU A 540 19.27 9.83 -11.35
N PHE A 541 19.43 9.09 -12.45
CA PHE A 541 18.45 9.17 -13.52
C PHE A 541 17.07 8.77 -13.03
N SER A 542 16.98 7.71 -12.22
CA SER A 542 15.69 7.27 -11.71
C SER A 542 15.06 8.35 -10.83
N GLN A 543 15.88 9.01 -10.01
CA GLN A 543 15.37 10.12 -9.21
C GLN A 543 14.75 11.20 -10.11
N LEU A 544 15.51 11.64 -11.10
CA LEU A 544 15.00 12.70 -11.99
C LEU A 544 13.73 12.24 -12.71
N TYR A 545 13.76 11.01 -13.23
CA TYR A 545 12.64 10.48 -13.99
C TYR A 545 11.37 10.43 -13.15
N LEU A 546 11.46 9.81 -11.97
CA LEU A 546 10.28 9.65 -11.13
C LEU A 546 9.76 11.00 -10.64
N TYR A 547 10.66 11.84 -10.09
CA TYR A 547 10.21 13.11 -9.55
C TYR A 547 9.57 13.97 -10.64
N SER A 548 10.21 14.06 -11.81
CA SER A 548 9.65 14.89 -12.87
C SER A 548 8.31 14.35 -13.35
N PHE A 549 8.21 13.03 -13.57
CA PHE A 549 6.94 12.47 -14.03
C PHE A 549 5.82 12.76 -13.03
N ILE A 550 6.04 12.45 -11.76
CA ILE A 550 4.98 12.60 -10.77
C ILE A 550 4.61 14.07 -10.61
N SER A 551 5.61 14.96 -10.55
CA SER A 551 5.31 16.37 -10.37
C SER A 551 4.54 16.93 -11.56
N LEU A 552 4.96 16.58 -12.77
CA LEU A 552 4.26 17.06 -13.96
C LEU A 552 2.81 16.60 -13.96
N PHE A 553 2.58 15.32 -13.65
CA PHE A 553 1.22 14.82 -13.77
C PHE A 553 0.32 15.27 -12.63
N ILE A 554 0.86 15.45 -11.42
CA ILE A 554 0.03 15.82 -10.28
C ILE A 554 -0.21 17.33 -10.23
N TYR A 555 0.81 18.15 -10.51
CA TYR A 555 0.62 19.59 -10.42
C TYR A 555 -0.14 20.15 -11.62
N MET A 556 0.04 19.57 -12.80
CA MET A 556 -0.39 20.21 -14.05
C MET A 556 -1.50 19.46 -14.76
N VAL A 557 -1.34 18.16 -15.00
CA VAL A 557 -2.30 17.43 -15.85
C VAL A 557 -3.64 17.28 -15.14
N LEU A 558 -3.63 16.72 -13.93
CA LEU A 558 -4.87 16.53 -13.19
C LEU A 558 -5.54 17.87 -12.91
N SER A 559 -4.74 18.90 -12.65
CA SER A 559 -5.30 20.24 -12.48
C SER A 559 -6.03 20.70 -13.73
N LEU A 560 -5.48 20.39 -14.91
CA LEU A 560 -6.14 20.82 -16.13
C LEU A 560 -7.44 20.05 -16.35
N PHE A 561 -7.49 18.77 -16.01
CA PHE A 561 -8.77 18.06 -16.08
C PHE A 561 -9.80 18.72 -15.17
N ILE A 562 -9.38 19.10 -13.96
CA ILE A 562 -10.28 19.80 -13.05
C ILE A 562 -10.77 21.11 -13.68
N ALA A 563 -9.85 21.85 -14.30
CA ALA A 563 -10.23 23.13 -14.91
C ALA A 563 -11.21 22.93 -16.05
N LEU A 564 -11.03 21.89 -16.86
CA LEU A 564 -11.96 21.63 -17.94
C LEU A 564 -13.36 21.35 -17.41
N ILE A 565 -13.44 20.51 -16.37
CA ILE A 565 -14.76 20.20 -15.80
C ILE A 565 -15.38 21.46 -15.20
N THR A 566 -14.58 22.27 -14.49
CA THR A 566 -15.11 23.48 -13.88
C THR A 566 -15.62 24.47 -14.93
N GLY A 567 -14.87 24.62 -16.03
CA GLY A 567 -15.31 25.51 -17.08
C GLY A 567 -16.60 25.03 -17.73
N ALA A 568 -16.71 23.72 -17.97
CA ALA A 568 -17.96 23.17 -18.49
C ALA A 568 -19.11 23.45 -17.54
N TYR A 569 -18.89 23.27 -16.24
CA TYR A 569 -19.96 23.50 -15.28
C TYR A 569 -20.38 24.97 -15.28
N ASP A 570 -19.42 25.89 -15.36
CA ASP A 570 -19.76 27.30 -15.42
C ASP A 570 -20.55 27.62 -16.68
N THR A 571 -20.16 27.03 -17.81
CA THR A 571 -20.91 27.26 -19.05
C THR A 571 -22.35 26.77 -18.91
N ILE A 572 -22.55 25.61 -18.29
CA ILE A 572 -23.90 25.09 -18.11
C ILE A 572 -24.70 25.98 -17.17
N LYS A 573 -24.09 26.41 -16.07
CA LYS A 573 -24.83 27.16 -15.05
C LYS A 573 -25.11 28.60 -15.47
N HIS A 574 -24.28 29.17 -16.33
CA HIS A 574 -24.41 30.56 -16.76
C HIS A 574 -24.36 30.61 -18.29
N PRO A 575 -25.43 30.19 -18.96
CA PRO A 575 -25.47 30.20 -20.43
C PRO A 575 -25.28 31.60 -21.01
N LEU B 89 10.37 42.16 -47.04
CA LEU B 89 10.83 41.82 -45.69
C LEU B 89 9.64 41.43 -44.81
N ARG B 90 8.56 42.19 -44.92
CA ARG B 90 7.35 41.85 -44.18
C ARG B 90 6.75 40.54 -44.69
N ARG B 91 6.74 40.35 -46.01
CA ARG B 91 6.18 39.12 -46.57
C ARG B 91 7.02 37.91 -46.21
N ARG B 92 8.34 38.04 -46.31
CA ARG B 92 9.22 36.92 -45.95
C ARG B 92 9.07 36.58 -44.46
N LEU B 93 9.00 37.59 -43.60
CA LEU B 93 8.79 37.35 -42.18
C LEU B 93 7.47 36.65 -41.94
N LYS B 94 6.40 37.11 -42.59
CA LYS B 94 5.10 36.48 -42.40
C LYS B 94 5.10 35.05 -42.89
N TYR B 95 5.87 34.75 -43.95
CA TYR B 95 5.99 33.37 -44.39
C TYR B 95 6.76 32.53 -43.37
N PHE B 96 7.78 33.12 -42.74
CA PHE B 96 8.57 32.37 -41.78
C PHE B 96 7.73 31.86 -40.62
N PHE B 97 6.61 32.53 -40.32
CA PHE B 97 5.80 32.21 -39.15
C PHE B 97 4.50 31.51 -39.51
N MET B 98 4.30 31.12 -40.77
CA MET B 98 3.09 30.42 -41.14
C MET B 98 3.14 28.96 -40.69
N SER B 99 1.96 28.37 -40.59
CA SER B 99 1.83 26.95 -40.26
C SER B 99 2.11 26.10 -41.49
N PRO B 100 2.32 24.79 -41.31
CA PRO B 100 2.68 23.95 -42.46
C PRO B 100 1.68 24.01 -43.60
N CYS B 101 0.38 24.02 -43.29
CA CYS B 101 -0.63 24.12 -44.33
C CYS B 101 -0.57 25.48 -45.02
N ASP B 102 -0.38 26.55 -44.25
CA ASP B 102 -0.25 27.87 -44.84
C ASP B 102 0.98 27.95 -45.73
N LYS B 103 2.10 27.37 -45.29
CA LYS B 103 3.29 27.37 -46.12
C LYS B 103 3.07 26.59 -47.40
N PHE B 104 2.37 25.45 -47.30
CA PHE B 104 2.09 24.64 -48.49
C PHE B 104 1.22 25.41 -49.47
N ARG B 105 0.22 26.14 -48.97
CA ARG B 105 -0.59 26.96 -49.85
C ARG B 105 0.23 28.08 -50.47
N ALA B 106 1.10 28.70 -49.68
CA ALA B 106 1.80 29.91 -50.14
C ALA B 106 2.85 29.58 -51.19
N LYS B 107 3.62 28.51 -50.99
CA LYS B 107 4.72 28.19 -51.90
C LYS B 107 4.63 26.80 -52.53
N GLY B 108 3.82 25.90 -51.99
CA GLY B 108 3.60 24.62 -52.61
C GLY B 108 4.67 23.58 -52.37
N ARG B 109 5.73 23.93 -51.63
CA ARG B 109 6.77 22.95 -51.32
C ARG B 109 6.16 21.79 -50.55
N LYS B 110 6.47 20.57 -50.99
CA LYS B 110 5.99 19.40 -50.28
C LYS B 110 6.70 19.31 -48.94
N PRO B 111 5.97 19.17 -47.82
CA PRO B 111 6.64 19.20 -46.52
C PRO B 111 7.47 17.95 -46.28
N CYS B 112 8.79 18.08 -46.40
CA CYS B 112 9.66 16.93 -46.23
C CYS B 112 9.95 16.70 -44.75
N LYS B 113 10.05 17.78 -43.98
CA LYS B 113 10.46 17.66 -42.58
C LYS B 113 9.41 16.92 -41.77
N LEU B 114 8.13 17.17 -42.01
CA LEU B 114 7.08 16.51 -41.22
C LEU B 114 7.07 15.00 -41.46
N MET B 115 7.12 14.59 -42.73
CA MET B 115 7.17 13.17 -43.03
C MET B 115 8.44 12.54 -42.48
N LEU B 116 9.56 13.27 -42.57
CA LEU B 116 10.80 12.77 -41.99
C LEU B 116 10.67 12.57 -40.49
N GLN B 117 10.00 13.50 -39.81
CA GLN B 117 9.83 13.36 -38.35
C GLN B 117 8.94 12.18 -38.01
N VAL B 118 7.90 11.94 -38.80
CA VAL B 118 7.05 10.78 -38.54
C VAL B 118 7.85 9.49 -38.72
N VAL B 119 8.61 9.40 -39.81
CA VAL B 119 9.45 8.22 -40.04
C VAL B 119 10.47 8.07 -38.92
N LYS B 120 11.01 9.19 -38.45
CA LYS B 120 11.97 9.16 -37.35
C LYS B 120 11.34 8.58 -36.10
N ILE B 121 10.15 9.04 -35.75
CA ILE B 121 9.47 8.51 -34.57
C ILE B 121 9.32 7.00 -34.70
N LEU B 122 8.85 6.55 -35.87
CA LEU B 122 8.63 5.12 -36.08
C LEU B 122 9.93 4.33 -35.90
N VAL B 123 11.00 4.74 -36.59
CA VAL B 123 12.22 3.94 -36.58
C VAL B 123 12.90 3.99 -35.22
N VAL B 124 12.90 5.15 -34.56
CA VAL B 124 13.52 5.25 -33.24
C VAL B 124 12.77 4.38 -32.24
N THR B 125 11.44 4.39 -32.28
CA THR B 125 10.68 3.56 -31.36
C THR B 125 10.92 2.08 -31.64
N VAL B 126 10.98 1.67 -32.91
CA VAL B 126 11.22 0.27 -33.22
C VAL B 126 12.60 -0.15 -32.75
N GLN B 127 13.60 0.70 -32.97
CA GLN B 127 14.95 0.39 -32.50
C GLN B 127 14.97 0.22 -30.99
N LEU B 128 14.31 1.12 -30.27
CA LEU B 128 14.29 1.01 -28.81
C LEU B 128 13.62 -0.28 -28.38
N ILE B 129 12.51 -0.64 -29.02
CA ILE B 129 11.79 -1.86 -28.63
C ILE B 129 12.66 -3.08 -28.85
N LEU B 130 13.31 -3.18 -30.01
CA LEU B 130 14.15 -4.33 -30.28
C LEU B 130 15.31 -4.40 -29.29
N PHE B 131 15.94 -3.26 -29.01
CA PHE B 131 17.04 -3.22 -28.05
C PHE B 131 16.58 -3.70 -26.68
N GLY B 132 15.42 -3.21 -26.22
CA GLY B 132 14.94 -3.59 -24.90
C GLY B 132 14.59 -5.06 -24.82
N LEU B 133 13.97 -5.60 -25.86
CA LEU B 133 13.66 -7.02 -25.89
C LEU B 133 14.94 -7.84 -25.81
N SER B 134 15.97 -7.43 -26.53
CA SER B 134 17.24 -8.17 -26.48
C SER B 134 17.88 -8.07 -25.09
N ASN B 135 17.85 -6.90 -24.47
CA ASN B 135 18.49 -6.73 -23.16
C ASN B 135 17.74 -7.49 -22.07
N GLN B 136 16.42 -7.64 -22.21
CA GLN B 136 15.64 -8.36 -21.20
CA GLN B 136 15.67 -8.34 -21.18
C GLN B 136 16.13 -9.78 -21.01
N LEU B 137 16.44 -10.47 -22.12
CA LEU B 137 16.89 -11.85 -22.03
C LEU B 137 18.21 -11.95 -21.28
N ALA B 138 19.16 -11.07 -21.59
CA ALA B 138 20.45 -11.10 -20.90
C ALA B 138 20.27 -10.81 -19.42
N VAL B 139 19.41 -9.85 -19.08
CA VAL B 139 19.17 -9.52 -17.67
C VAL B 139 18.59 -10.73 -16.94
N THR B 140 17.62 -11.40 -17.57
CA THR B 140 17.02 -12.57 -16.95
C THR B 140 18.05 -13.68 -16.77
N PHE B 141 18.91 -13.89 -17.77
CA PHE B 141 19.93 -14.93 -17.66
C PHE B 141 20.85 -14.65 -16.48
N ARG B 142 21.34 -13.42 -16.38
CA ARG B 142 22.25 -13.07 -15.28
C ARG B 142 21.57 -13.25 -13.92
N GLU B 143 20.34 -12.75 -13.80
CA GLU B 143 19.64 -12.83 -12.51
C GLU B 143 19.36 -14.28 -12.12
N GLU B 144 18.94 -15.11 -13.07
CA GLU B 144 18.66 -16.51 -12.75
C GLU B 144 19.92 -17.23 -12.31
N ASN B 145 21.03 -16.99 -13.00
CA ASN B 145 22.29 -17.61 -12.59
C ASN B 145 22.69 -17.16 -11.19
N THR B 146 22.48 -15.87 -10.87
CA THR B 146 22.85 -15.37 -9.56
C THR B 146 21.98 -15.98 -8.47
N ILE B 147 20.68 -16.14 -8.73
CA ILE B 147 19.81 -16.80 -7.75
C ILE B 147 20.26 -18.24 -7.53
N ALA B 148 20.59 -18.94 -8.62
CA ALA B 148 21.11 -20.30 -8.48
C ALA B 148 22.38 -20.31 -7.64
N PHE B 149 23.26 -19.34 -7.84
CA PHE B 149 24.50 -19.29 -7.06
C PHE B 149 24.19 -19.07 -5.58
N ARG B 150 23.24 -18.19 -5.26
CA ARG B 150 22.88 -18.00 -3.87
C ARG B 150 22.37 -19.29 -3.24
N HIS B 151 21.53 -20.03 -3.98
CA HIS B 151 21.03 -21.28 -3.44
C HIS B 151 22.13 -22.33 -3.33
N LEU B 152 23.11 -22.32 -4.22
CA LEU B 152 24.16 -23.33 -4.20
C LEU B 152 25.21 -23.07 -3.12
N PHE B 153 25.57 -21.81 -2.89
CA PHE B 153 26.76 -21.49 -2.13
C PHE B 153 26.51 -20.92 -0.74
N LEU B 154 25.32 -20.38 -0.47
CA LEU B 154 25.02 -19.78 0.82
C LEU B 154 24.26 -20.79 1.68
N LEU B 155 24.89 -21.23 2.76
CA LEU B 155 24.30 -22.24 3.63
C LEU B 155 23.02 -21.73 4.28
N GLY B 156 21.93 -22.47 4.09
CA GLY B 156 20.67 -22.10 4.69
C GLY B 156 19.98 -20.92 4.05
N TYR B 157 20.28 -20.62 2.80
CA TYR B 157 19.67 -19.48 2.13
C TYR B 157 18.25 -19.81 1.67
N SER B 158 17.37 -18.82 1.74
CA SER B 158 16.04 -18.92 1.18
C SER B 158 15.69 -17.60 0.53
N ASP B 159 14.77 -17.65 -0.43
CA ASP B 159 14.39 -16.45 -1.17
C ASP B 159 13.74 -15.44 -0.24
N GLY B 160 14.02 -14.16 -0.49
CA GLY B 160 13.52 -13.08 0.33
C GLY B 160 14.35 -12.77 1.55
N ALA B 161 15.43 -13.49 1.80
CA ALA B 161 16.26 -13.33 2.98
C ALA B 161 17.51 -12.48 2.72
N ASP B 162 17.61 -11.86 1.55
CA ASP B 162 18.87 -11.22 1.16
C ASP B 162 19.29 -10.15 2.16
N ASP B 163 18.33 -9.34 2.63
CA ASP B 163 18.69 -8.19 3.46
C ASP B 163 19.07 -8.58 4.87
N THR B 164 18.50 -9.67 5.40
CA THR B 164 18.73 -10.06 6.78
C THR B 164 19.71 -11.24 6.92
N PHE B 165 20.18 -11.80 5.82
CA PHE B 165 21.04 -12.98 5.88
C PHE B 165 22.36 -12.64 6.56
N ALA B 166 22.65 -13.30 7.68
CA ALA B 166 23.82 -12.98 8.48
C ALA B 166 24.19 -14.14 9.38
N ALA B 167 25.42 -14.12 9.88
CA ALA B 167 25.89 -15.05 10.89
C ALA B 167 25.98 -14.35 12.23
N TYR B 168 25.83 -15.13 13.30
CA TYR B 168 25.85 -14.60 14.65
C TYR B 168 26.76 -15.36 15.61
N THR B 169 27.30 -16.49 15.21
CA THR B 169 28.23 -17.25 16.04
C THR B 169 29.44 -17.64 15.19
N ARG B 170 30.53 -17.97 15.89
CA ARG B 170 31.75 -18.36 15.21
C ARG B 170 31.55 -19.64 14.40
N GLU B 171 30.83 -20.61 14.97
CA GLU B 171 30.58 -21.85 14.25
C GLU B 171 29.69 -21.61 13.04
N GLN B 172 28.71 -20.72 13.14
CA GLN B 172 27.89 -20.37 11.99
C GLN B 172 28.75 -19.84 10.86
N LEU B 173 29.68 -18.94 11.17
CA LEU B 173 30.52 -18.32 10.15
C LEU B 173 31.45 -19.36 9.52
N TYR B 174 32.09 -20.19 10.34
CA TYR B 174 32.94 -21.25 9.81
C TYR B 174 32.15 -22.19 8.90
N GLN B 175 30.94 -22.58 9.32
CA GLN B 175 30.13 -23.49 8.52
C GLN B 175 29.75 -22.85 7.19
N ALA B 176 29.38 -21.57 7.20
CA ALA B 176 29.05 -20.89 5.95
C ALA B 176 30.25 -20.88 5.00
N ILE B 177 31.42 -20.53 5.50
CA ILE B 177 32.61 -20.47 4.66
C ILE B 177 32.93 -21.84 4.08
N PHE B 178 32.96 -22.87 4.93
CA PHE B 178 33.33 -24.20 4.48
C PHE B 178 32.29 -24.77 3.52
N HIS B 179 31.01 -24.47 3.76
CA HIS B 179 29.97 -24.92 2.83
C HIS B 179 30.17 -24.28 1.47
N ALA B 180 30.47 -22.98 1.43
CA ALA B 180 30.68 -22.34 0.13
C ALA B 180 31.84 -22.97 -0.62
N VAL B 181 32.95 -23.22 0.07
CA VAL B 181 34.11 -23.80 -0.63
C VAL B 181 33.82 -25.24 -1.07
N ASP B 182 33.17 -26.02 -0.21
CA ASP B 182 32.84 -27.40 -0.58
C ASP B 182 31.88 -27.45 -1.76
N GLN B 183 30.92 -26.53 -1.81
CA GLN B 183 29.99 -26.50 -2.93
C GLN B 183 30.71 -26.09 -4.21
N TYR B 184 31.66 -25.16 -4.11
CA TYR B 184 32.49 -24.85 -5.27
C TYR B 184 33.22 -26.09 -5.77
N LEU B 185 33.75 -26.89 -4.86
CA LEU B 185 34.47 -28.10 -5.28
C LEU B 185 33.53 -29.17 -5.82
N ALA B 186 32.28 -29.21 -5.35
CA ALA B 186 31.32 -30.23 -5.78
C ALA B 186 30.48 -29.80 -6.98
N LEU B 187 30.63 -28.57 -7.45
CA LEU B 187 29.73 -28.01 -8.46
C LEU B 187 29.46 -28.91 -9.66
N PRO B 188 30.46 -29.49 -10.33
CA PRO B 188 30.16 -30.29 -11.52
C PRO B 188 29.22 -31.46 -11.25
N ASP B 189 29.23 -32.02 -10.05
CA ASP B 189 28.41 -33.18 -9.76
C ASP B 189 26.98 -32.84 -9.34
N VAL B 190 26.73 -31.64 -8.82
CA VAL B 190 25.46 -31.32 -8.20
C VAL B 190 24.67 -30.27 -8.96
N SER B 191 25.34 -29.35 -9.67
CA SER B 191 24.65 -28.21 -10.26
C SER B 191 23.80 -28.62 -11.45
N LEU B 192 22.67 -27.96 -11.61
CA LEU B 192 21.84 -28.12 -12.79
C LEU B 192 22.37 -27.34 -13.99
N GLY B 193 23.21 -26.34 -13.76
CA GLY B 193 23.88 -25.65 -14.84
C GLY B 193 25.17 -26.35 -15.25
N ARG B 194 25.72 -25.90 -16.37
CA ARG B 194 26.98 -26.39 -16.90
C ARG B 194 28.01 -25.28 -16.78
N TYR B 195 28.95 -25.42 -15.84
CA TYR B 195 29.91 -24.39 -15.55
C TYR B 195 31.32 -24.93 -15.72
N ALA B 196 32.20 -24.10 -16.28
CA ALA B 196 33.61 -24.41 -16.39
C ALA B 196 34.39 -23.56 -15.40
N TYR B 197 35.43 -24.15 -14.81
CA TYR B 197 36.30 -23.44 -13.89
C TYR B 197 37.24 -22.51 -14.64
N VAL B 198 37.63 -21.43 -13.96
CA VAL B 198 38.61 -20.47 -14.46
C VAL B 198 39.74 -20.39 -13.46
N ARG B 199 40.98 -20.46 -13.95
CA ARG B 199 42.17 -20.51 -13.10
C ARG B 199 43.08 -19.34 -13.40
N GLY B 200 43.69 -18.80 -12.34
CA GLY B 200 44.73 -17.79 -12.50
C GLY B 200 44.20 -16.50 -13.08
N GLY B 201 45.02 -15.88 -13.94
CA GLY B 201 44.61 -14.67 -14.63
C GLY B 201 44.43 -13.44 -13.76
N GLY B 202 45.35 -13.20 -12.84
CA GLY B 202 45.35 -11.98 -12.05
C GLY B 202 44.96 -12.22 -10.61
N ASP B 203 44.84 -11.11 -9.88
CA ASP B 203 44.54 -11.18 -8.47
C ASP B 203 43.04 -11.23 -8.24
N PRO B 204 42.60 -11.81 -7.12
CA PRO B 204 43.40 -12.33 -6.01
C PRO B 204 43.91 -13.74 -6.23
N TRP B 205 43.71 -14.30 -7.42
CA TRP B 205 44.09 -15.69 -7.68
C TRP B 205 45.57 -15.80 -8.03
N THR B 206 46.17 -16.91 -7.63
CA THR B 206 47.50 -17.27 -8.12
C THR B 206 47.35 -18.07 -9.41
N ASN B 207 48.48 -18.45 -10.01
CA ASN B 207 48.45 -18.91 -11.39
C ASN B 207 47.54 -20.11 -11.57
N GLY B 208 47.63 -21.10 -10.68
CA GLY B 208 46.88 -22.32 -10.81
C GLY B 208 45.62 -22.44 -9.99
N SER B 209 45.15 -21.35 -9.38
CA SER B 209 44.07 -21.42 -8.40
C SER B 209 42.77 -20.90 -9.00
N GLY B 210 41.67 -21.55 -8.62
CA GLY B 210 40.36 -21.16 -9.08
C GLY B 210 39.57 -20.38 -8.06
N LEU B 211 39.84 -20.60 -6.78
CA LEU B 211 39.09 -19.93 -5.73
C LEU B 211 40.05 -19.28 -4.75
N ALA B 212 39.72 -18.07 -4.32
CA ALA B 212 40.52 -17.31 -3.37
C ALA B 212 39.67 -17.05 -2.12
N LEU B 213 40.14 -17.53 -0.98
CA LEU B 213 39.46 -17.36 0.30
C LEU B 213 40.34 -16.43 1.14
N CYS B 214 39.95 -15.16 1.22
CA CYS B 214 40.83 -14.13 1.77
C CYS B 214 40.22 -13.53 3.03
N GLN B 215 41.06 -13.34 4.05
CA GLN B 215 40.68 -12.80 5.34
C GLN B 215 41.43 -11.49 5.55
N ARG B 216 40.71 -10.43 5.89
CA ARG B 216 41.28 -9.10 6.09
C ARG B 216 41.04 -8.66 7.52
N TYR B 217 42.12 -8.30 8.21
CA TYR B 217 42.07 -7.89 9.61
C TYR B 217 43.02 -6.71 9.84
N TYR B 218 43.10 -6.27 11.08
CA TYR B 218 43.95 -5.13 11.43
C TYR B 218 45.37 -5.57 11.73
N HIS B 219 46.33 -4.71 11.37
CA HIS B 219 47.74 -5.03 11.61
C HIS B 219 48.00 -5.29 13.09
N ARG B 220 47.59 -4.37 13.94
CA ARG B 220 47.63 -4.54 15.39
C ARG B 220 46.22 -4.30 15.91
N GLY B 221 45.73 -5.22 16.74
CA GLY B 221 44.32 -5.20 17.10
C GLY B 221 43.97 -5.48 18.54
N HIS B 222 44.77 -5.02 19.51
CA HIS B 222 44.48 -5.31 20.90
C HIS B 222 43.21 -4.58 21.33
N VAL B 223 42.23 -5.33 21.83
CA VAL B 223 40.95 -4.77 22.27
C VAL B 223 40.59 -5.44 23.59
N ASP B 224 40.49 -4.65 24.66
CA ASP B 224 40.20 -5.16 26.00
C ASP B 224 39.08 -4.31 26.58
N PRO B 225 37.82 -4.66 26.28
CA PRO B 225 36.70 -3.89 26.85
C PRO B 225 36.61 -3.97 28.36
N ALA B 226 37.17 -5.00 28.98
CA ALA B 226 37.11 -5.11 30.43
C ALA B 226 37.80 -3.93 31.10
N ASN B 227 38.96 -3.53 30.58
CA ASN B 227 39.68 -2.36 31.09
C ASN B 227 39.45 -1.12 30.26
N ASP B 228 38.51 -1.17 29.31
CA ASP B 228 38.22 -0.02 28.45
C ASP B 228 39.48 0.46 27.73
N THR B 229 40.25 -0.48 27.18
CA THR B 229 41.51 -0.15 26.54
C THR B 229 41.58 -0.77 25.16
N PHE B 230 42.32 -0.12 24.26
CA PHE B 230 42.54 -0.69 22.95
C PHE B 230 43.79 -0.06 22.34
N ASP B 231 44.49 -0.86 21.54
CA ASP B 231 45.69 -0.47 20.83
C ASP B 231 45.56 -1.00 19.41
N ILE B 232 45.29 -0.11 18.46
CA ILE B 232 44.91 -0.48 17.11
C ILE B 232 45.82 0.21 16.11
N ASP B 233 46.42 -0.57 15.22
CA ASP B 233 47.02 -0.05 14.00
C ASP B 233 46.03 -0.32 12.88
N PRO B 234 45.32 0.68 12.35
CA PRO B 234 44.19 0.38 11.47
C PRO B 234 44.59 -0.10 10.07
N MET B 235 45.88 -0.38 9.85
CA MET B 235 46.33 -0.84 8.55
C MET B 235 45.84 -2.27 8.32
N VAL B 236 45.21 -2.49 7.17
CA VAL B 236 44.53 -3.75 6.88
C VAL B 236 45.53 -4.74 6.27
N VAL B 237 45.62 -5.91 6.87
CA VAL B 237 46.42 -7.02 6.37
C VAL B 237 45.49 -8.05 5.76
N THR B 238 45.89 -8.57 4.60
CA THR B 238 45.14 -9.57 3.85
C THR B 238 45.93 -10.86 3.84
N ASP B 239 45.32 -11.95 4.29
CA ASP B 239 45.90 -13.29 4.22
C ASP B 239 44.91 -14.17 3.48
N CYS B 240 45.33 -14.79 2.40
CA CYS B 240 44.35 -15.41 1.52
C CYS B 240 44.84 -16.78 1.09
N ILE B 241 43.96 -17.77 1.18
CA ILE B 241 44.23 -19.16 0.83
C ILE B 241 43.75 -19.39 -0.60
N GLN B 242 44.51 -20.21 -1.34
CA GLN B 242 44.23 -20.50 -2.74
C GLN B 242 43.75 -21.94 -2.86
N VAL B 243 42.66 -22.14 -3.58
CA VAL B 243 42.07 -23.46 -3.78
C VAL B 243 42.00 -23.74 -5.27
N ASP B 244 42.56 -24.87 -5.67
CA ASP B 244 42.46 -25.32 -7.05
C ASP B 244 41.16 -26.09 -7.26
N PRO B 245 40.56 -26.00 -8.44
CA PRO B 245 39.36 -26.81 -8.71
C PRO B 245 39.71 -28.29 -8.72
N PRO B 246 38.73 -29.16 -8.48
CA PRO B 246 39.00 -30.60 -8.47
C PRO B 246 39.51 -31.11 -9.81
N SER B 264 42.75 -30.74 2.33
CA SER B 264 41.96 -29.52 2.42
C SER B 264 42.67 -28.47 3.27
N SER B 265 43.56 -27.71 2.65
CA SER B 265 44.26 -26.66 3.39
C SER B 265 43.30 -25.60 3.89
N TYR B 266 42.32 -25.23 3.06
CA TYR B 266 41.35 -24.22 3.47
C TYR B 266 40.58 -24.63 4.72
N LYS B 267 40.50 -25.93 5.00
CA LYS B 267 39.82 -26.39 6.21
C LYS B 267 40.55 -25.99 7.48
N ASN B 268 41.80 -25.54 7.38
CA ASN B 268 42.58 -25.09 8.53
C ASN B 268 42.50 -23.58 8.73
N LEU B 269 41.51 -22.92 8.14
CA LEU B 269 41.34 -21.49 8.32
C LEU B 269 41.14 -21.18 9.80
N THR B 270 41.84 -20.16 10.29
CA THR B 270 41.71 -19.68 11.66
C THR B 270 41.45 -18.17 11.60
N LEU B 271 40.23 -17.78 11.92
CA LEU B 271 39.84 -16.38 11.81
C LEU B 271 40.27 -15.58 13.03
N LYS B 272 40.73 -14.36 12.78
CA LYS B 272 41.12 -13.43 13.85
C LYS B 272 39.89 -12.57 14.20
N PHE B 273 39.00 -13.17 14.99
CA PHE B 273 37.67 -12.58 15.17
C PHE B 273 37.75 -11.19 15.78
N HIS B 274 38.62 -10.97 16.76
CA HIS B 274 38.62 -9.70 17.48
C HIS B 274 39.06 -8.54 16.59
N LYS B 275 39.93 -8.79 15.61
CA LYS B 275 40.40 -7.75 14.72
C LYS B 275 40.00 -8.00 13.26
N LEU B 276 39.04 -8.89 13.04
CA LEU B 276 38.63 -9.24 11.68
C LEU B 276 37.87 -8.09 11.03
N VAL B 277 38.25 -7.75 9.82
CA VAL B 277 37.54 -6.74 9.03
C VAL B 277 36.52 -7.39 8.11
N ASN B 278 36.95 -8.33 7.28
CA ASN B 278 35.98 -9.09 6.49
C ASN B 278 36.61 -10.37 5.96
N VAL B 279 35.76 -11.22 5.42
CA VAL B 279 36.17 -12.43 4.71
C VAL B 279 35.51 -12.41 3.34
N THR B 280 36.28 -12.76 2.31
CA THR B 280 35.75 -12.79 0.95
C THR B 280 36.14 -14.09 0.27
N ILE B 281 35.25 -14.56 -0.59
CA ILE B 281 35.50 -15.71 -1.45
C ILE B 281 35.30 -15.24 -2.89
N HIS B 282 36.33 -15.41 -3.70
CA HIS B 282 36.31 -14.99 -5.09
C HIS B 282 36.51 -16.19 -6.00
N PHE B 283 35.66 -16.34 -7.00
CA PHE B 283 35.92 -17.35 -8.03
C PHE B 283 35.13 -17.02 -9.28
N ARG B 284 35.57 -17.58 -10.40
CA ARG B 284 34.94 -17.33 -11.69
C ARG B 284 34.42 -18.63 -12.30
N LEU B 285 33.25 -18.55 -12.92
CA LEU B 285 32.64 -19.68 -13.61
C LEU B 285 32.30 -19.27 -15.04
N LYS B 286 32.57 -20.16 -15.97
CA LYS B 286 32.28 -19.93 -17.38
C LYS B 286 31.08 -20.78 -17.80
N THR B 287 30.13 -20.16 -18.50
CA THR B 287 28.98 -20.88 -19.00
C THR B 287 28.60 -20.32 -20.36
N ILE B 288 27.79 -21.09 -21.09
CA ILE B 288 27.28 -20.69 -22.40
C ILE B 288 25.80 -20.40 -22.26
N ASN B 289 25.37 -19.25 -22.76
CA ASN B 289 23.97 -18.83 -22.69
C ASN B 289 23.21 -19.49 -23.83
N LEU B 290 22.65 -20.67 -23.55
CA LEU B 290 21.95 -21.45 -24.57
C LEU B 290 20.61 -20.83 -24.95
N GLN B 291 19.89 -20.24 -24.00
CA GLN B 291 18.54 -19.77 -24.29
C GLN B 291 18.52 -18.63 -25.29
N SER B 292 19.67 -18.08 -25.66
CA SER B 292 19.69 -17.08 -26.72
C SER B 292 19.04 -17.61 -27.99
N LEU B 293 19.12 -18.91 -28.23
CA LEU B 293 18.46 -19.53 -29.37
C LEU B 293 16.96 -19.22 -29.36
N ASN B 296 16.57 -15.51 -31.27
CA ASN B 296 17.18 -16.42 -32.23
C ASN B 296 18.62 -16.05 -32.52
N GLU B 297 19.34 -15.62 -31.48
CA GLU B 297 20.73 -15.22 -31.63
C GLU B 297 21.64 -16.45 -31.58
N ILE B 298 22.94 -16.20 -31.68
CA ILE B 298 23.94 -17.23 -31.46
C ILE B 298 24.32 -17.19 -29.99
N PRO B 299 24.40 -18.32 -29.29
CA PRO B 299 24.81 -18.28 -27.89
C PRO B 299 26.16 -17.60 -27.71
N ASP B 300 26.24 -16.77 -26.67
CA ASP B 300 27.47 -16.10 -26.30
C ASP B 300 27.99 -16.70 -24.99
N CYS B 301 29.25 -16.40 -24.69
CA CYS B 301 29.95 -17.03 -23.58
C CYS B 301 30.02 -16.04 -22.41
N TYR B 302 29.52 -16.47 -21.25
CA TYR B 302 29.53 -15.67 -20.04
C TYR B 302 30.63 -16.14 -19.11
N THR B 303 31.31 -15.19 -18.48
CA THR B 303 32.16 -15.46 -17.33
C THR B 303 31.58 -14.70 -16.15
N PHE B 304 31.06 -15.43 -15.17
CA PHE B 304 30.59 -14.84 -13.93
C PHE B 304 31.74 -14.80 -12.94
N SER B 305 32.06 -13.61 -12.44
CA SER B 305 32.93 -13.48 -11.29
C SER B 305 32.05 -13.34 -10.06
N VAL B 306 32.19 -14.29 -9.14
CA VAL B 306 31.35 -14.42 -7.96
C VAL B 306 32.17 -13.99 -6.76
N LEU B 307 31.60 -13.08 -5.97
CA LEU B 307 32.20 -12.58 -4.75
C LEU B 307 31.21 -12.82 -3.60
N ILE B 308 31.63 -13.60 -2.62
CA ILE B 308 30.86 -13.83 -1.41
C ILE B 308 31.54 -13.07 -0.27
N THR B 309 30.81 -12.18 0.37
CA THR B 309 31.34 -11.30 1.40
C THR B 309 30.70 -11.62 2.74
N PHE B 310 31.54 -11.83 3.76
CA PHE B 310 31.16 -11.89 5.17
C PHE B 310 31.72 -10.63 5.80
N ASP B 311 30.85 -9.67 6.08
CA ASP B 311 31.25 -8.30 6.39
C ASP B 311 31.21 -8.05 7.90
N ASN B 312 32.35 -7.70 8.48
CA ASN B 312 32.45 -7.39 9.91
C ASN B 312 32.90 -5.96 10.18
N LYS B 313 32.70 -5.05 9.24
CA LYS B 313 33.20 -3.69 9.42
C LYS B 313 32.51 -2.97 10.57
N ALA B 314 31.26 -3.34 10.88
CA ALA B 314 30.56 -2.72 12.00
C ALA B 314 31.01 -3.26 13.35
N HIS B 315 31.64 -4.43 13.39
CA HIS B 315 32.13 -5.03 14.64
C HIS B 315 31.02 -5.10 15.69
N SER B 316 29.83 -5.49 15.27
CA SER B 316 28.64 -5.42 16.10
C SER B 316 28.14 -6.77 16.59
N GLY B 317 28.89 -7.84 16.34
CA GLY B 317 28.43 -9.18 16.64
C GLY B 317 27.55 -9.80 15.59
N ARG B 318 27.15 -9.04 14.57
CA ARG B 318 26.35 -9.54 13.46
C ARG B 318 27.14 -9.35 12.18
N ILE B 319 27.36 -10.43 11.44
CA ILE B 319 28.16 -10.38 10.23
C ILE B 319 27.28 -10.69 9.03
N PRO B 320 26.84 -9.68 8.26
CA PRO B 320 26.02 -9.96 7.08
C PRO B 320 26.80 -10.71 6.02
N ILE B 321 26.08 -11.57 5.31
CA ILE B 321 26.63 -12.39 4.23
C ILE B 321 25.90 -12.03 2.94
N SER B 322 26.66 -11.77 1.89
CA SER B 322 26.08 -11.44 0.60
C SER B 322 26.86 -12.12 -0.52
N LEU B 323 26.17 -12.35 -1.63
CA LEU B 323 26.78 -12.90 -2.84
C LEU B 323 26.47 -11.95 -3.98
N GLU B 324 27.50 -11.60 -4.76
CA GLU B 324 27.37 -10.70 -5.89
C GLU B 324 28.10 -11.27 -7.09
N THR B 325 27.62 -10.92 -8.28
CA THR B 325 28.20 -11.41 -9.52
C THR B 325 28.44 -10.26 -10.49
N GLN B 326 29.53 -10.36 -11.23
CA GLN B 326 29.77 -9.52 -12.40
C GLN B 326 29.90 -10.44 -13.61
N ALA B 327 29.16 -10.14 -14.67
CA ALA B 327 29.15 -10.97 -15.87
C ALA B 327 29.95 -10.28 -16.97
N HIS B 328 30.95 -10.97 -17.49
CA HIS B 328 31.70 -10.55 -18.66
C HIS B 328 31.25 -11.40 -19.84
N ILE B 329 30.67 -10.76 -20.84
CA ILE B 329 30.11 -11.47 -22.00
C ILE B 329 31.05 -11.31 -23.17
N GLN B 330 31.31 -12.42 -23.87
CA GLN B 330 32.09 -12.37 -25.09
C GLN B 330 31.48 -13.34 -26.10
N GLU B 331 32.02 -13.30 -27.31
CA GLU B 331 31.60 -14.24 -28.34
C GLU B 331 32.36 -15.55 -28.17
N CYS B 332 31.65 -16.66 -28.29
CA CYS B 332 32.29 -17.96 -28.14
C CYS B 332 33.18 -18.25 -29.33
N LYS B 333 34.29 -18.95 -29.07
CA LYS B 333 35.31 -19.14 -30.08
C LYS B 333 34.79 -19.96 -31.26
N HIS B 334 34.13 -21.08 -30.98
CA HIS B 334 33.67 -21.99 -32.01
C HIS B 334 32.18 -22.25 -31.83
N PRO B 335 31.33 -21.31 -32.26
CA PRO B 335 29.89 -21.54 -32.23
C PRO B 335 29.39 -22.23 -33.49
N SER B 336 28.56 -23.26 -33.28
CA SER B 336 28.00 -24.03 -34.39
C SER B 336 26.55 -24.36 -34.04
N VAL B 337 25.61 -23.65 -34.68
CA VAL B 337 24.19 -23.90 -34.51
C VAL B 337 23.66 -24.43 -35.83
N PHE B 338 23.15 -25.65 -35.83
CA PHE B 338 22.71 -26.30 -37.05
C PHE B 338 21.67 -25.45 -37.77
N GLN B 339 22.01 -24.96 -38.96
CA GLN B 339 21.11 -24.14 -39.76
C GLN B 339 20.69 -22.89 -38.98
N SER B 344 22.44 -9.64 -40.82
CA SER B 344 22.94 -8.33 -40.43
C SER B 344 21.84 -7.28 -40.50
N PHE B 345 20.60 -7.71 -40.26
CA PHE B 345 19.47 -6.79 -40.32
C PHE B 345 19.48 -5.80 -39.18
N ARG B 346 19.96 -6.20 -38.01
CA ARG B 346 20.06 -5.28 -36.88
C ARG B 346 21.02 -4.13 -37.20
N LEU B 347 22.17 -4.45 -37.78
CA LEU B 347 23.14 -3.42 -38.13
C LEU B 347 22.60 -2.52 -39.24
N LEU B 348 21.90 -3.12 -40.21
CA LEU B 348 21.30 -2.31 -41.27
C LEU B 348 20.26 -1.35 -40.70
N PHE B 349 19.46 -1.82 -39.74
CA PHE B 349 18.46 -0.95 -39.12
C PHE B 349 19.14 0.17 -38.33
N ASP B 350 20.23 -0.15 -37.63
CA ASP B 350 20.95 0.91 -36.93
C ASP B 350 21.49 1.95 -37.89
N VAL B 351 22.02 1.52 -39.04
CA VAL B 351 22.50 2.46 -40.04
C VAL B 351 21.35 3.32 -40.56
N VAL B 352 20.18 2.70 -40.77
CA VAL B 352 19.02 3.45 -41.23
C VAL B 352 18.63 4.51 -40.22
N VAL B 353 18.62 4.14 -38.93
CA VAL B 353 18.28 5.11 -37.88
C VAL B 353 19.27 6.26 -37.89
N ILE B 354 20.56 5.94 -37.99
CA ILE B 354 21.58 7.00 -37.99
C ILE B 354 21.38 7.93 -39.18
N LEU B 355 21.09 7.37 -40.36
CA LEU B 355 20.91 8.19 -41.55
C LEU B 355 19.68 9.09 -41.40
N THR B 356 18.58 8.54 -40.89
CA THR B 356 17.37 9.34 -40.69
C THR B 356 17.63 10.48 -39.72
N CYS B 357 18.29 10.18 -38.61
CA CYS B 357 18.55 11.22 -37.62
C CYS B 357 19.51 12.27 -38.17
N SER B 358 20.49 11.86 -38.98
CA SER B 358 21.41 12.83 -39.59
C SER B 358 20.68 13.76 -40.56
N LEU B 359 19.80 13.20 -41.39
CA LEU B 359 19.04 14.03 -42.32
C LEU B 359 18.16 15.02 -41.57
N SER B 360 17.46 14.53 -40.54
CA SER B 360 16.63 15.42 -39.73
C SER B 360 17.47 16.51 -39.07
N PHE B 361 18.64 16.13 -38.56
CA PHE B 361 19.52 17.12 -37.95
C PHE B 361 19.92 18.20 -38.94
N LEU B 362 20.28 17.80 -40.17
CA LEU B 362 20.69 18.78 -41.16
C LEU B 362 19.56 19.73 -41.52
N LEU B 363 18.35 19.19 -41.72
CA LEU B 363 17.23 20.05 -42.07
C LEU B 363 16.88 21.01 -40.93
N CYS B 364 16.87 20.50 -39.70
CA CYS B 364 16.56 21.36 -38.56
C CYS B 364 17.63 22.44 -38.38
N ALA B 365 18.90 22.08 -38.59
CA ALA B 365 19.96 23.08 -38.47
C ALA B 365 19.81 24.15 -39.55
N ARG B 366 19.45 23.75 -40.77
CA ARG B 366 19.22 24.75 -41.81
C ARG B 366 18.07 25.67 -41.44
N SER B 367 16.99 25.12 -40.90
CA SER B 367 15.87 25.96 -40.47
C SER B 367 16.30 26.93 -39.38
N LEU B 368 17.07 26.46 -38.41
CA LEU B 368 17.52 27.32 -37.33
C LEU B 368 18.42 28.44 -37.86
N LEU B 369 19.32 28.11 -38.78
CA LEU B 369 20.20 29.12 -39.35
C LEU B 369 19.40 30.18 -40.10
N ARG B 370 18.43 29.75 -40.91
CA ARG B 370 17.61 30.72 -41.64
C ARG B 370 16.81 31.59 -40.69
N GLY B 371 16.28 31.01 -39.62
CA GLY B 371 15.60 31.82 -38.62
C GLY B 371 16.52 32.85 -38.00
N PHE B 372 17.75 32.46 -37.68
CA PHE B 372 18.70 33.40 -37.10
C PHE B 372 19.02 34.52 -38.09
N LEU B 373 19.19 34.18 -39.37
CA LEU B 373 19.47 35.20 -40.38
C LEU B 373 18.32 36.20 -40.48
N LEU B 374 17.08 35.70 -40.52
CA LEU B 374 15.92 36.59 -40.55
C LEU B 374 15.87 37.45 -39.29
N GLN B 375 16.22 36.87 -38.14
CA GLN B 375 16.25 37.65 -36.92
C GLN B 375 17.24 38.81 -37.01
N ASN B 376 18.43 38.53 -37.53
CA ASN B 376 19.42 39.59 -37.70
C ASN B 376 18.92 40.66 -38.64
N GLU B 377 18.33 40.26 -39.77
CA GLU B 377 17.83 41.23 -40.73
C GLU B 377 16.75 42.11 -40.10
N PHE B 378 15.82 41.49 -39.36
CA PHE B 378 14.75 42.25 -38.73
C PHE B 378 15.31 43.23 -37.69
N VAL B 379 16.26 42.78 -36.88
CA VAL B 379 16.83 43.64 -35.87
C VAL B 379 17.54 44.83 -36.53
N GLY B 380 18.29 44.58 -37.59
CA GLY B 380 18.96 45.66 -38.28
C GLY B 380 17.99 46.65 -38.90
N PHE B 381 16.94 46.14 -39.53
CA PHE B 381 15.94 47.03 -40.14
C PHE B 381 15.25 47.88 -39.08
N MET B 382 14.91 47.29 -37.94
CA MET B 382 14.28 48.06 -36.87
C MET B 382 15.24 49.11 -36.33
N TRP B 383 16.52 48.76 -36.17
CA TRP B 383 17.48 49.76 -35.70
C TRP B 383 17.58 50.91 -36.68
N ARG B 384 17.58 50.61 -37.98
CA ARG B 384 17.52 51.67 -38.99
C ARG B 384 16.28 52.55 -38.77
N GLN B 385 15.11 51.92 -38.67
CA GLN B 385 13.89 52.68 -38.44
C GLN B 385 13.93 53.39 -37.08
N ARG B 386 14.45 52.72 -36.06
CA ARG B 386 14.57 53.31 -34.73
C ARG B 386 16.04 53.41 -34.32
N TRP B 393 15.42 38.93 -25.37
CA TRP B 393 14.19 38.22 -25.04
C TRP B 393 13.19 38.35 -26.18
N GLU B 394 13.16 39.51 -26.82
CA GLU B 394 12.31 39.72 -27.97
C GLU B 394 12.85 39.03 -29.22
N ARG B 395 14.14 38.76 -29.27
CA ARG B 395 14.74 38.10 -30.42
C ARG B 395 14.45 36.60 -30.42
N LEU B 396 14.33 35.99 -29.23
CA LEU B 396 14.07 34.56 -29.15
C LEU B 396 12.78 34.16 -29.86
N GLU B 397 11.93 35.12 -30.20
CA GLU B 397 10.73 34.79 -30.98
C GLU B 397 11.08 34.12 -32.29
N PHE B 398 12.29 34.36 -32.82
CA PHE B 398 12.71 33.71 -34.04
C PHE B 398 13.25 32.31 -33.83
N VAL B 399 13.48 31.90 -32.58
CA VAL B 399 14.02 30.59 -32.28
C VAL B 399 12.87 29.59 -32.17
N ASN B 400 12.90 28.56 -33.01
CA ASN B 400 11.91 27.49 -32.98
C ASN B 400 12.37 26.46 -31.95
N GLY B 401 11.73 26.46 -30.78
CA GLY B 401 12.12 25.53 -29.73
C GLY B 401 11.93 24.08 -30.12
N TRP B 402 10.90 23.79 -30.90
CA TRP B 402 10.68 22.41 -31.34
C TRP B 402 11.88 21.90 -32.14
N TYR B 403 12.51 22.76 -32.94
CA TYR B 403 13.68 22.34 -33.69
C TYR B 403 14.89 22.12 -32.78
N ILE B 404 15.02 22.89 -31.72
CA ILE B 404 16.08 22.63 -30.75
C ILE B 404 15.86 21.26 -30.12
N LEU B 405 14.62 20.96 -29.75
CA LEU B 405 14.31 19.63 -29.21
C LEU B 405 14.64 18.53 -30.22
N LEU B 406 14.27 18.73 -31.48
CA LEU B 406 14.52 17.72 -32.50
C LEU B 406 16.01 17.50 -32.70
N VAL B 407 16.79 18.58 -32.73
CA VAL B 407 18.24 18.46 -32.90
C VAL B 407 18.85 17.72 -31.72
N THR B 408 18.41 18.05 -30.50
CA THR B 408 18.91 17.35 -29.33
C THR B 408 18.61 15.85 -29.41
N SER B 409 17.38 15.51 -29.79
CA SER B 409 17.02 14.10 -29.90
C SER B 409 17.82 13.41 -30.99
N ASP B 410 18.08 14.10 -32.11
CA ASP B 410 18.91 13.52 -33.16
C ASP B 410 20.30 13.20 -32.65
N VAL B 411 20.91 14.13 -31.93
CA VAL B 411 22.26 13.91 -31.41
C VAL B 411 22.27 12.74 -30.43
N LEU B 412 21.30 12.73 -29.52
CA LEU B 412 21.23 11.64 -28.55
C LEU B 412 21.04 10.31 -29.24
N THR B 413 20.17 10.25 -30.24
CA THR B 413 19.92 8.99 -30.93
C THR B 413 21.16 8.52 -31.67
N ILE B 414 21.89 9.43 -32.33
CA ILE B 414 23.08 9.01 -33.07
C ILE B 414 24.14 8.48 -32.11
N SER B 415 24.39 9.19 -31.01
CA SER B 415 25.35 8.70 -30.03
C SER B 415 24.93 7.34 -29.49
N GLY B 416 23.66 7.20 -29.10
CA GLY B 416 23.20 5.96 -28.54
C GLY B 416 23.26 4.81 -29.53
N THR B 417 23.02 5.09 -30.82
CA THR B 417 23.08 4.04 -31.82
C THR B 417 24.51 3.61 -32.08
N ILE B 418 25.45 4.54 -32.07
CA ILE B 418 26.86 4.16 -32.20
C ILE B 418 27.25 3.26 -31.03
N MET B 419 26.88 3.66 -29.81
CA MET B 419 27.19 2.83 -28.66
C MET B 419 26.49 1.48 -28.72
N LYS B 420 25.26 1.45 -29.23
CA LYS B 420 24.52 0.21 -29.34
C LYS B 420 25.20 -0.73 -30.34
N ILE B 421 25.67 -0.19 -31.47
CA ILE B 421 26.42 -1.00 -32.42
C ILE B 421 27.65 -1.59 -31.74
N GLY B 422 28.39 -0.75 -31.01
CA GLY B 422 29.56 -1.25 -30.33
C GLY B 422 29.24 -2.34 -29.32
N ILE B 423 28.16 -2.16 -28.55
CA ILE B 423 27.79 -3.12 -27.52
C ILE B 423 27.38 -4.45 -28.15
N GLU B 424 26.57 -4.39 -29.20
CA GLU B 424 26.06 -5.62 -29.81
C GLU B 424 27.19 -6.44 -30.45
N ALA B 425 28.32 -5.81 -30.75
CA ALA B 425 29.49 -6.53 -31.24
C ALA B 425 30.37 -7.04 -30.12
N LYS B 426 29.98 -6.83 -28.86
CA LYS B 426 30.73 -7.20 -27.65
C LYS B 426 32.00 -6.38 -27.48
N ASN B 427 32.15 -5.28 -28.22
CA ASN B 427 33.31 -4.42 -28.04
C ASN B 427 33.13 -3.41 -26.91
N LEU B 428 31.91 -3.23 -26.42
CA LEU B 428 31.64 -2.32 -25.31
C LEU B 428 30.68 -2.99 -24.34
N ALA B 429 30.65 -2.46 -23.12
CA ALA B 429 29.74 -2.99 -22.10
C ALA B 429 29.04 -1.88 -21.32
N SER B 430 28.97 -0.66 -21.87
CA SER B 430 28.35 0.47 -21.18
C SER B 430 26.86 0.51 -21.49
N TYR B 431 26.15 -0.47 -20.94
CA TYR B 431 24.71 -0.56 -21.19
C TYR B 431 23.97 0.65 -20.62
N ASP B 432 24.37 1.12 -19.45
CA ASP B 432 23.61 2.17 -18.77
C ASP B 432 23.56 3.44 -19.60
N VAL B 433 24.72 3.91 -20.05
CA VAL B 433 24.77 5.16 -20.79
C VAL B 433 24.02 5.04 -22.12
N CYS B 434 24.22 3.93 -22.83
CA CYS B 434 23.51 3.74 -24.10
C CYS B 434 22.01 3.73 -23.90
N SER B 435 21.54 3.00 -22.87
CA SER B 435 20.11 2.93 -22.60
C SER B 435 19.57 4.31 -22.23
N ILE B 436 20.30 5.07 -21.41
CA ILE B 436 19.84 6.39 -21.03
C ILE B 436 19.73 7.29 -22.26
N LEU B 437 20.73 7.23 -23.14
CA LEU B 437 20.69 8.06 -24.35
C LEU B 437 19.49 7.70 -25.22
N LEU B 438 19.32 6.41 -25.53
CA LEU B 438 18.24 6.01 -26.41
C LEU B 438 16.88 6.28 -25.81
N GLY B 439 16.72 6.01 -24.50
CA GLY B 439 15.44 6.25 -23.86
C GLY B 439 15.09 7.73 -23.79
N THR B 440 16.07 8.57 -23.45
CA THR B 440 15.80 10.01 -23.41
C THR B 440 15.44 10.53 -24.79
N SER B 441 16.13 10.07 -25.84
CA SER B 441 15.79 10.52 -27.18
C SER B 441 14.39 10.07 -27.58
N THR B 442 14.00 8.84 -27.24
CA THR B 442 12.66 8.39 -27.56
C THR B 442 11.61 9.21 -26.82
N LEU B 443 11.84 9.49 -25.54
CA LEU B 443 10.97 10.38 -24.80
C LEU B 443 10.86 11.74 -25.48
N LEU B 444 11.98 12.27 -25.95
CA LEU B 444 11.97 13.58 -26.60
C LEU B 444 11.15 13.58 -27.89
N VAL B 445 11.29 12.55 -28.72
CA VAL B 445 10.54 12.55 -29.97
C VAL B 445 9.04 12.40 -29.69
N TRP B 446 8.69 11.53 -28.74
CA TRP B 446 7.27 11.38 -28.45
C TRP B 446 6.69 12.65 -27.82
N VAL B 447 7.49 13.40 -27.08
CA VAL B 447 7.05 14.71 -26.60
C VAL B 447 6.89 15.67 -27.77
N GLY B 448 7.84 15.67 -28.70
CA GLY B 448 7.77 16.54 -29.86
C GLY B 448 6.57 16.30 -30.72
N VAL B 449 5.94 15.13 -30.61
CA VAL B 449 4.67 14.90 -31.28
C VAL B 449 3.63 15.96 -30.94
N ILE B 450 3.78 16.62 -29.78
CA ILE B 450 2.82 17.65 -29.35
C ILE B 450 2.78 18.82 -30.34
N ARG B 451 3.89 19.08 -31.03
CA ARG B 451 3.92 20.16 -32.01
C ARG B 451 2.81 20.00 -33.04
N TYR B 452 2.56 18.77 -33.48
CA TYR B 452 1.54 18.56 -34.50
C TYR B 452 0.15 18.90 -33.96
N LEU B 453 -0.11 18.55 -32.70
CA LEU B 453 -1.40 18.88 -32.10
C LEU B 453 -1.56 20.38 -31.93
N THR B 454 -0.46 21.12 -31.76
CA THR B 454 -0.60 22.57 -31.60
C THR B 454 -1.20 23.23 -32.86
N PHE B 455 -1.19 22.56 -34.00
CA PHE B 455 -1.69 23.15 -35.23
C PHE B 455 -3.22 23.16 -35.31
N PHE B 456 -3.91 22.44 -34.43
CA PHE B 456 -5.35 22.37 -34.42
C PHE B 456 -5.88 23.12 -33.19
N HIS B 457 -6.87 23.99 -33.43
CA HIS B 457 -7.23 24.99 -32.44
C HIS B 457 -7.64 24.38 -31.10
N ASN B 458 -8.47 23.33 -31.13
CA ASN B 458 -9.00 22.79 -29.89
C ASN B 458 -7.91 22.16 -29.03
N TYR B 459 -6.90 21.55 -29.65
CA TYR B 459 -5.75 21.03 -28.91
C TYR B 459 -4.81 22.15 -28.48
N ASN B 460 -4.67 23.17 -29.32
CA ASN B 460 -3.82 24.30 -28.98
C ASN B 460 -4.32 25.03 -27.75
N ILE B 461 -5.63 25.08 -27.54
CA ILE B 461 -6.15 25.70 -26.32
C ILE B 461 -5.52 25.03 -25.09
N LEU B 462 -5.52 23.70 -25.04
CA LEU B 462 -4.99 22.99 -23.90
C LEU B 462 -3.48 23.16 -23.77
N ILE B 463 -2.76 23.03 -24.88
CA ILE B 463 -1.31 23.14 -24.82
C ILE B 463 -0.90 24.55 -24.40
N ALA B 464 -1.58 25.56 -24.93
CA ALA B 464 -1.30 26.94 -24.56
C ALA B 464 -1.63 27.20 -23.10
N THR B 465 -2.69 26.58 -22.58
CA THR B 465 -2.97 26.71 -21.15
C THR B 465 -1.80 26.20 -20.33
N LEU B 466 -1.28 25.03 -20.68
CA LEU B 466 -0.14 24.50 -19.93
C LEU B 466 1.07 25.42 -20.06
N ARG B 467 1.32 25.94 -21.26
CA ARG B 467 2.47 26.81 -21.47
C ARG B 467 2.36 28.09 -20.63
N VAL B 468 1.18 28.71 -20.60
N VAL B 468 1.17 28.70 -20.62
CA VAL B 468 1.04 29.94 -19.83
CA VAL B 468 0.97 29.93 -19.84
C VAL B 468 1.11 29.64 -18.34
C VAL B 468 1.10 29.64 -18.35
N ALA B 469 0.66 28.46 -17.91
CA ALA B 469 0.72 28.14 -16.49
C ALA B 469 2.14 27.85 -16.02
N LEU B 470 3.00 27.31 -16.89
CA LEU B 470 4.28 26.77 -16.45
C LEU B 470 5.14 27.73 -15.64
N PRO B 471 5.32 29.00 -16.00
CA PRO B 471 6.21 29.87 -15.21
C PRO B 471 5.78 30.01 -13.75
N SER B 472 4.50 30.26 -13.51
CA SER B 472 4.03 30.38 -12.13
C SER B 472 4.12 29.06 -11.39
N VAL B 473 3.91 27.94 -12.10
CA VAL B 473 4.07 26.62 -11.48
C VAL B 473 5.50 26.43 -11.02
N MET B 474 6.47 26.82 -11.84
CA MET B 474 7.88 26.68 -11.46
C MET B 474 8.24 27.58 -10.29
N ARG B 475 7.75 28.82 -10.29
CA ARG B 475 8.01 29.72 -9.17
C ARG B 475 7.45 29.15 -7.88
N PHE B 476 6.21 28.65 -7.92
CA PHE B 476 5.65 28.03 -6.72
C PHE B 476 6.43 26.78 -6.35
N CYS B 477 7.02 26.10 -7.32
CA CYS B 477 7.87 24.96 -7.01
C CYS B 477 9.08 25.38 -6.18
N CYS B 478 9.67 26.53 -6.50
CA CYS B 478 10.75 27.05 -5.66
C CYS B 478 10.28 27.34 -4.23
N CYS B 479 9.14 28.05 -4.14
CA CYS B 479 8.56 28.34 -2.83
C CYS B 479 8.34 27.06 -2.04
N VAL B 480 7.80 26.04 -2.69
CA VAL B 480 7.55 24.75 -2.03
C VAL B 480 8.86 24.09 -1.66
N ALA B 481 9.89 24.26 -2.49
CA ALA B 481 11.14 23.56 -2.29
C ALA B 481 11.79 23.97 -0.98
N VAL B 482 11.78 25.26 -0.66
CA VAL B 482 12.46 25.67 0.58
C VAL B 482 11.79 25.05 1.81
N ILE B 483 10.45 25.10 1.86
CA ILE B 483 9.71 24.52 2.98
C ILE B 483 9.91 23.02 3.05
N TYR B 484 9.88 22.36 1.88
CA TYR B 484 10.07 20.92 1.80
C TYR B 484 11.45 20.53 2.32
N LEU B 485 12.48 21.28 1.96
CA LEU B 485 13.83 20.99 2.43
C LEU B 485 13.94 21.16 3.93
N GLY B 486 13.32 22.21 4.48
CA GLY B 486 13.30 22.36 5.93
C GLY B 486 12.69 21.15 6.62
N TYR B 487 11.54 20.69 6.12
CA TYR B 487 10.91 19.51 6.70
C TYR B 487 11.79 18.29 6.56
N CYS B 488 12.46 18.14 5.42
CA CYS B 488 13.35 17.00 5.22
C CYS B 488 14.45 16.97 6.26
N PHE B 489 15.11 18.11 6.49
CA PHE B 489 16.19 18.16 7.47
C PHE B 489 15.69 17.84 8.86
N CYS B 490 14.57 18.47 9.26
CA CYS B 490 14.04 18.23 10.59
C CYS B 490 13.69 16.77 10.79
N GLY B 491 12.99 16.18 9.83
CA GLY B 491 12.61 14.79 9.95
C GLY B 491 13.80 13.85 10.00
N TRP B 492 14.82 14.14 9.18
CA TRP B 492 16.01 13.30 9.19
C TRP B 492 16.71 13.34 10.54
N ILE B 493 16.84 14.52 11.14
CA ILE B 493 17.58 14.60 12.39
C ILE B 493 16.77 14.00 13.54
N VAL B 494 15.46 14.24 13.58
CA VAL B 494 14.67 13.85 14.73
C VAL B 494 14.22 12.40 14.63
N LEU B 495 13.69 11.98 13.48
CA LEU B 495 13.07 10.67 13.35
C LEU B 495 14.01 9.59 12.86
N GLY B 496 15.13 9.95 12.22
CA GLY B 496 16.05 8.97 11.70
C GLY B 496 16.51 7.94 12.72
N PRO B 497 16.79 8.33 13.96
CA PRO B 497 17.15 7.32 14.97
C PRO B 497 16.05 6.32 15.28
N TYR B 498 14.79 6.62 14.96
CA TYR B 498 13.66 5.80 15.38
C TYR B 498 12.84 5.22 14.24
N HIS B 499 13.06 5.63 13.00
CA HIS B 499 12.18 5.30 11.89
C HIS B 499 13.01 4.82 10.71
N VAL B 500 12.66 3.66 10.17
CA VAL B 500 13.44 3.09 9.06
C VAL B 500 13.34 3.97 7.83
N LYS B 501 12.19 4.59 7.58
CA LYS B 501 12.01 5.43 6.41
C LYS B 501 12.76 6.76 6.49
N PHE B 502 13.33 7.10 7.64
CA PHE B 502 13.98 8.40 7.83
C PHE B 502 15.48 8.28 8.05
N ARG B 503 16.09 7.17 7.60
CA ARG B 503 17.49 6.93 7.90
C ARG B 503 18.41 7.88 7.14
N SER B 504 18.15 8.12 5.87
CA SER B 504 18.97 8.98 5.03
C SER B 504 18.11 10.09 4.43
N LEU B 505 18.78 11.13 3.94
CA LEU B 505 18.07 12.29 3.43
C LEU B 505 17.27 11.97 2.17
N SER B 506 17.84 11.17 1.26
CA SER B 506 17.09 10.79 0.07
C SER B 506 15.88 9.94 0.44
N MET B 507 16.03 9.05 1.42
CA MET B 507 14.90 8.26 1.88
C MET B 507 13.85 9.15 2.53
N VAL B 508 14.27 10.14 3.32
CA VAL B 508 13.32 11.07 3.93
C VAL B 508 12.53 11.80 2.85
N SER B 509 13.23 12.28 1.83
CA SER B 509 12.55 12.99 0.74
C SER B 509 11.56 12.07 0.03
N GLU B 510 11.95 10.83 -0.23
CA GLU B 510 11.05 9.90 -0.88
C GLU B 510 9.80 9.67 -0.03
N CYS B 511 9.98 9.49 1.28
CA CYS B 511 8.84 9.28 2.17
C CYS B 511 7.92 10.48 2.19
N LEU B 512 8.48 11.69 2.31
CA LEU B 512 7.65 12.89 2.36
C LEU B 512 6.91 13.10 1.04
N PHE B 513 7.59 12.87 -0.08
CA PHE B 513 6.95 13.03 -1.38
C PHE B 513 5.81 12.03 -1.54
N SER B 514 6.00 10.79 -1.09
CA SER B 514 4.92 9.82 -1.13
C SER B 514 3.75 10.24 -0.22
N LEU B 515 4.05 10.79 0.95
CA LEU B 515 3.00 11.27 1.83
C LEU B 515 2.19 12.37 1.16
N ILE B 516 2.86 13.28 0.45
CA ILE B 516 2.13 14.34 -0.25
C ILE B 516 1.11 13.74 -1.20
N ASN B 517 1.48 12.66 -1.88
CA ASN B 517 0.62 12.00 -2.84
C ASN B 517 -0.31 10.96 -2.20
N GLY B 518 -0.31 10.86 -0.87
CA GLY B 518 -1.21 9.96 -0.17
C GLY B 518 -0.87 8.49 -0.28
N ASP B 519 0.42 8.15 -0.25
CA ASP B 519 0.87 6.77 -0.30
C ASP B 519 1.69 6.44 0.93
N ASP B 520 1.46 5.25 1.48
CA ASP B 520 2.28 4.73 2.57
C ASP B 520 2.18 5.60 3.83
N MET B 521 0.99 6.13 4.08
CA MET B 521 0.79 7.04 5.19
C MET B 521 0.58 6.28 6.50
N PHE B 522 -0.31 5.28 6.49
CA PHE B 522 -0.63 4.58 7.72
C PHE B 522 0.57 3.80 8.25
N VAL B 523 1.38 3.19 7.37
CA VAL B 523 2.55 2.47 7.85
C VAL B 523 3.57 3.43 8.45
N THR B 524 3.68 4.63 7.87
CA THR B 524 4.56 5.64 8.46
C THR B 524 4.10 5.99 9.87
N PHE B 525 2.79 6.15 10.08
CA PHE B 525 2.30 6.41 11.42
C PHE B 525 2.50 5.19 12.33
N ALA B 526 2.29 3.99 11.81
CA ALA B 526 2.34 2.79 12.64
C ALA B 526 3.75 2.49 13.11
N ALA B 527 4.76 2.79 12.29
CA ALA B 527 6.13 2.61 12.73
C ALA B 527 6.42 3.46 13.96
N MET B 528 5.91 4.70 13.98
CA MET B 528 6.06 5.55 15.14
C MET B 528 5.22 5.08 16.31
N GLN B 529 4.10 4.40 16.03
CA GLN B 529 3.22 3.94 17.10
C GLN B 529 3.99 3.11 18.13
N ALA B 530 4.94 2.30 17.68
CA ALA B 530 5.74 1.50 18.61
C ALA B 530 6.93 2.27 19.15
N GLN B 531 6.66 3.51 19.59
CA GLN B 531 7.61 4.27 20.38
C GLN B 531 6.91 5.14 21.43
N GLN B 532 5.59 5.06 21.54
CA GLN B 532 4.87 5.91 22.48
C GLN B 532 5.31 5.68 23.92
N GLY B 533 5.92 4.53 24.22
CA GLY B 533 6.43 4.27 25.55
C GLY B 533 7.91 4.55 25.68
N ARG B 534 8.68 4.24 24.63
CA ARG B 534 10.11 4.46 24.69
C ARG B 534 10.43 5.95 24.84
N SER B 535 9.82 6.80 24.02
CA SER B 535 10.03 8.24 24.10
C SER B 535 8.71 8.94 23.79
N SER B 536 8.03 9.41 24.83
CA SER B 536 6.78 10.12 24.64
C SER B 536 7.00 11.42 23.88
N LEU B 537 8.09 12.13 24.17
CA LEU B 537 8.37 13.40 23.51
C LEU B 537 8.57 13.21 22.01
N VAL B 538 9.32 12.18 21.63
CA VAL B 538 9.56 11.93 20.21
C VAL B 538 8.27 11.52 19.51
N TRP B 539 7.44 10.69 20.17
CA TRP B 539 6.17 10.31 19.56
C TRP B 539 5.28 11.52 19.35
N LEU B 540 5.18 12.41 20.35
CA LEU B 540 4.38 13.61 20.19
C LEU B 540 4.92 14.49 19.07
N PHE B 541 6.24 14.65 19.01
CA PHE B 541 6.82 15.45 17.95
C PHE B 541 6.51 14.85 16.59
N SER B 542 6.58 13.52 16.47
CA SER B 542 6.29 12.88 15.19
C SER B 542 4.84 13.11 14.79
N GLN B 543 3.93 13.05 15.76
CA GLN B 543 2.53 13.34 15.46
C GLN B 543 2.39 14.75 14.90
N LEU B 544 2.96 15.74 15.59
CA LEU B 544 2.85 17.12 15.13
C LEU B 544 3.48 17.28 13.75
N TYR B 545 4.69 16.73 13.58
CA TYR B 545 5.43 16.84 12.33
C TYR B 545 4.62 16.27 11.16
N LEU B 546 4.15 15.03 11.29
CA LEU B 546 3.45 14.39 10.18
C LEU B 546 2.13 15.06 9.89
N TYR B 547 1.32 15.31 10.93
CA TYR B 547 0.01 15.91 10.70
C TYR B 547 0.15 17.30 10.06
N SER B 548 1.06 18.12 10.58
CA SER B 548 1.22 19.46 10.01
C SER B 548 1.72 19.41 8.58
N PHE B 549 2.73 18.58 8.30
CA PHE B 549 3.24 18.49 6.94
C PHE B 549 2.14 18.07 5.96
N ILE B 550 1.44 16.98 6.27
CA ILE B 550 0.46 16.46 5.35
C ILE B 550 -0.69 17.45 5.17
N SER B 551 -1.17 18.04 6.28
CA SER B 551 -2.27 18.99 6.17
C SER B 551 -1.88 20.20 5.35
N LEU B 552 -0.69 20.76 5.59
CA LEU B 552 -0.26 21.93 4.85
C LEU B 552 -0.16 21.61 3.36
N PHE B 553 0.41 20.47 3.01
CA PHE B 553 0.63 20.20 1.60
C PHE B 553 -0.65 19.80 0.88
N ILE B 554 -1.57 19.11 1.55
CA ILE B 554 -2.78 18.65 0.88
C ILE B 554 -3.85 19.73 0.84
N TYR B 555 -4.03 20.51 1.91
CA TYR B 555 -5.08 21.53 1.90
C TYR B 555 -4.67 22.76 1.11
N MET B 556 -3.39 23.12 1.09
CA MET B 556 -2.95 24.43 0.63
C MET B 556 -2.11 24.38 -0.64
N VAL B 557 -1.05 23.57 -0.67
CA VAL B 557 -0.09 23.60 -1.77
C VAL B 557 -0.72 23.06 -3.05
N LEU B 558 -1.25 21.83 -2.97
CA LEU B 558 -1.88 21.21 -4.14
C LEU B 558 -3.05 22.04 -4.63
N SER B 559 -3.81 22.61 -3.69
CA SER B 559 -4.91 23.51 -4.07
C SER B 559 -4.39 24.70 -4.86
N LEU B 560 -3.23 25.23 -4.49
CA LEU B 560 -2.70 26.39 -5.20
C LEU B 560 -2.24 26.01 -6.60
N PHE B 561 -1.65 24.83 -6.76
CA PHE B 561 -1.34 24.37 -8.11
C PHE B 561 -2.60 24.28 -8.96
N ILE B 562 -3.68 23.75 -8.38
CA ILE B 562 -4.96 23.68 -9.09
C ILE B 562 -5.42 25.09 -9.48
N ALA B 563 -5.31 26.03 -8.56
CA ALA B 563 -5.76 27.40 -8.83
C ALA B 563 -4.94 28.03 -9.95
N LEU B 564 -3.63 27.78 -9.98
CA LEU B 564 -2.80 28.34 -11.03
C LEU B 564 -3.22 27.80 -12.39
N ILE B 565 -3.45 26.49 -12.47
CA ILE B 565 -3.88 25.91 -13.74
C ILE B 565 -5.25 26.45 -14.16
N THR B 566 -6.17 26.58 -13.19
CA THR B 566 -7.50 27.08 -13.51
C THR B 566 -7.45 28.53 -14.00
N GLY B 567 -6.64 29.36 -13.35
CA GLY B 567 -6.50 30.74 -13.79
C GLY B 567 -5.90 30.84 -15.18
N ALA B 568 -4.89 30.03 -15.46
CA ALA B 568 -4.34 29.99 -16.81
C ALA B 568 -5.40 29.59 -17.84
N TYR B 569 -6.20 28.57 -17.50
CA TYR B 569 -7.23 28.14 -18.44
C TYR B 569 -8.25 29.24 -18.69
N ASP B 570 -8.65 29.95 -17.62
CA ASP B 570 -9.59 31.06 -17.80
C ASP B 570 -8.99 32.16 -18.67
N THR B 571 -7.71 32.46 -18.47
CA THR B 571 -7.07 33.47 -19.30
C THR B 571 -7.07 33.05 -20.77
N ILE B 572 -6.79 31.78 -21.05
CA ILE B 572 -6.79 31.30 -22.43
C ILE B 572 -8.20 31.35 -23.02
N LYS B 573 -9.20 30.92 -22.25
CA LYS B 573 -10.56 30.82 -22.79
C LYS B 573 -11.24 32.17 -22.93
N HIS B 574 -10.85 33.16 -22.13
CA HIS B 574 -11.46 34.49 -22.14
C HIS B 574 -10.36 35.54 -22.24
N PRO B 575 -9.75 35.70 -23.42
CA PRO B 575 -8.68 36.69 -23.59
C PRO B 575 -9.14 38.12 -23.30
N LEU C 89 8.64 62.51 10.52
CA LEU C 89 7.93 61.36 11.04
C LEU C 89 7.38 60.52 9.90
N ARG C 90 6.79 61.18 8.91
CA ARG C 90 6.34 60.47 7.71
C ARG C 90 7.51 59.87 6.96
N ARG C 91 8.60 60.61 6.82
CA ARG C 91 9.77 60.10 6.12
C ARG C 91 10.36 58.90 6.85
N ARG C 92 10.54 59.00 8.16
CA ARG C 92 11.11 57.90 8.93
C ARG C 92 10.20 56.68 8.87
N LEU C 93 8.90 56.88 9.00
CA LEU C 93 7.96 55.77 8.89
C LEU C 93 8.05 55.10 7.53
N LYS C 94 8.07 55.90 6.46
CA LYS C 94 8.14 55.32 5.12
C LYS C 94 9.45 54.59 4.90
N TYR C 95 10.54 55.06 5.51
CA TYR C 95 11.80 54.33 5.44
C TYR C 95 11.70 53.01 6.19
N PHE C 96 11.03 53.00 7.34
CA PHE C 96 10.94 51.78 8.12
C PHE C 96 10.29 50.65 7.35
N PHE C 97 9.44 50.97 6.36
CA PHE C 97 8.67 49.97 5.64
C PHE C 97 9.20 49.71 4.24
N MET C 98 10.34 50.28 3.87
CA MET C 98 10.89 50.02 2.54
C MET C 98 11.50 48.62 2.47
N SER C 99 11.66 48.15 1.23
CA SER C 99 12.32 46.88 0.97
C SER C 99 13.83 47.06 1.03
N PRO C 100 14.59 45.95 1.09
CA PRO C 100 16.04 46.09 1.22
C PRO C 100 16.69 46.92 0.13
N CYS C 101 16.25 46.74 -1.13
CA CYS C 101 16.81 47.53 -2.21
C CYS C 101 16.44 49.00 -2.06
N ASP C 102 15.20 49.28 -1.70
CA ASP C 102 14.79 50.66 -1.48
C ASP C 102 15.56 51.28 -0.33
N LYS C 103 15.77 50.52 0.74
CA LYS C 103 16.55 51.03 1.87
C LYS C 103 17.99 51.33 1.44
N PHE C 104 18.58 50.44 0.65
CA PHE C 104 19.94 50.65 0.16
C PHE C 104 20.02 51.90 -0.69
N ARG C 105 19.04 52.12 -1.56
CA ARG C 105 19.02 53.35 -2.35
C ARG C 105 18.86 54.56 -1.46
N ALA C 106 18.00 54.46 -0.45
CA ALA C 106 17.65 55.63 0.36
C ALA C 106 18.82 56.08 1.23
N LYS C 107 19.51 55.14 1.88
CA LYS C 107 20.57 55.49 2.82
C LYS C 107 21.92 54.87 2.50
N GLY C 108 21.98 53.88 1.61
CA GLY C 108 23.25 53.33 1.18
C GLY C 108 23.91 52.39 2.16
N ARG C 109 23.27 52.09 3.28
CA ARG C 109 23.84 51.15 4.24
C ARG C 109 23.95 49.78 3.61
N LYS C 110 25.13 49.18 3.70
CA LYS C 110 25.30 47.83 3.17
C LYS C 110 24.48 46.85 4.00
N PRO C 111 23.64 46.01 3.38
CA PRO C 111 22.76 45.16 4.19
C PRO C 111 23.52 44.06 4.90
N CYS C 112 23.73 44.22 6.20
CA CYS C 112 24.47 43.23 6.96
C CYS C 112 23.59 42.06 7.35
N LYS C 113 22.33 42.34 7.67
CA LYS C 113 21.44 41.29 8.16
C LYS C 113 21.17 40.23 7.10
N LEU C 114 20.99 40.64 5.83
CA LEU C 114 20.70 39.66 4.79
C LEU C 114 21.86 38.68 4.60
N MET C 115 23.08 39.21 4.47
CA MET C 115 24.24 38.34 4.32
C MET C 115 24.43 37.48 5.56
N LEU C 116 24.20 38.06 6.73
CA LEU C 116 24.29 37.28 7.97
C LEU C 116 23.30 36.13 7.96
N GLN C 117 22.08 36.36 7.48
CA GLN C 117 21.08 35.30 7.45
C GLN C 117 21.45 34.22 6.46
N VAL C 118 22.02 34.59 5.32
CA VAL C 118 22.47 33.58 4.36
C VAL C 118 23.57 32.72 4.99
N VAL C 119 24.55 33.36 5.62
CA VAL C 119 25.62 32.62 6.28
C VAL C 119 25.05 31.74 7.38
N LYS C 120 24.06 32.23 8.11
CA LYS C 120 23.43 31.45 9.16
C LYS C 120 22.77 30.21 8.60
N ILE C 121 22.03 30.36 7.51
CA ILE C 121 21.41 29.19 6.89
C ILE C 121 22.47 28.16 6.55
N LEU C 122 23.55 28.61 5.91
CA LEU C 122 24.62 27.69 5.52
C LEU C 122 25.19 26.95 6.71
N VAL C 123 25.60 27.70 7.75
CA VAL C 123 26.31 27.06 8.86
C VAL C 123 25.38 26.17 9.68
N VAL C 124 24.13 26.61 9.89
CA VAL C 124 23.19 25.79 10.65
C VAL C 124 22.90 24.49 9.91
N THR C 125 22.72 24.56 8.59
CA THR C 125 22.46 23.34 7.83
C THR C 125 23.67 22.41 7.86
N VAL C 126 24.88 22.95 7.74
CA VAL C 126 26.07 22.10 7.76
C VAL C 126 26.22 21.44 9.13
N GLN C 127 25.99 22.20 10.19
CA GLN C 127 26.05 21.63 11.53
C GLN C 127 25.06 20.49 11.69
N LEU C 128 23.82 20.71 11.22
CA LEU C 128 22.82 19.66 11.32
C LEU C 128 23.25 18.41 10.54
N ILE C 129 23.79 18.59 9.34
CA ILE C 129 24.18 17.45 8.53
C ILE C 129 25.29 16.66 9.22
N LEU C 130 26.30 17.36 9.74
CA LEU C 130 27.39 16.67 10.42
C LEU C 130 26.88 15.91 11.65
N PHE C 131 26.03 16.56 12.43
CA PHE C 131 25.47 15.92 13.62
C PHE C 131 24.68 14.67 13.25
N GLY C 132 23.84 14.76 12.23
CA GLY C 132 23.05 13.61 11.83
C GLY C 132 23.91 12.47 11.32
N LEU C 133 24.93 12.77 10.53
CA LEU C 133 25.83 11.73 10.05
C LEU C 133 26.52 11.04 11.22
N SER C 134 26.94 11.81 12.23
CA SER C 134 27.59 11.19 13.39
C SER C 134 26.60 10.33 14.18
N ASN C 135 25.35 10.79 14.34
CA ASN C 135 24.38 10.03 15.12
C ASN C 135 23.96 8.74 14.41
N GLN C 136 23.97 8.75 13.08
CA GLN C 136 23.57 7.56 12.33
CA GLN C 136 23.55 7.56 12.34
C GLN C 136 24.44 6.37 12.67
N LEU C 137 25.76 6.59 12.76
CA LEU C 137 26.67 5.49 13.06
C LEU C 137 26.38 4.87 14.43
N ALA C 138 26.17 5.73 15.43
CA ALA C 138 25.87 5.22 16.77
C ALA C 138 24.56 4.45 16.79
N VAL C 139 23.54 4.95 16.08
CA VAL C 139 22.26 4.26 16.01
C VAL C 139 22.44 2.88 15.38
N THR C 140 23.19 2.83 14.27
CA THR C 140 23.41 1.55 13.60
C THR C 140 24.16 0.59 14.51
N PHE C 141 25.17 1.07 15.23
CA PHE C 141 25.92 0.20 16.13
C PHE C 141 25.01 -0.40 17.19
N ARG C 142 24.19 0.44 17.83
CA ARG C 142 23.30 -0.04 18.87
C ARG C 142 22.31 -1.05 18.33
N GLU C 143 21.71 -0.75 17.17
CA GLU C 143 20.71 -1.65 16.61
C GLU C 143 21.32 -2.98 16.19
N GLU C 144 22.50 -2.97 15.58
CA GLU C 144 23.14 -4.22 15.18
C GLU C 144 23.47 -5.07 16.39
N ASN C 145 24.01 -4.45 17.45
CA ASN C 145 24.30 -5.22 18.65
C ASN C 145 23.03 -5.82 19.25
N THR C 146 21.93 -5.07 19.22
CA THR C 146 20.67 -5.59 19.78
C THR C 146 20.14 -6.75 18.95
N ILE C 147 20.23 -6.66 17.62
CA ILE C 147 19.81 -7.78 16.78
C ILE C 147 20.66 -9.01 17.07
N ALA C 148 21.98 -8.82 17.21
CA ALA C 148 22.85 -9.93 17.56
C ALA C 148 22.43 -10.54 18.90
N PHE C 149 22.08 -9.69 19.88
CA PHE C 149 21.64 -10.20 21.17
C PHE C 149 20.37 -11.02 21.06
N ARG C 150 19.42 -10.55 20.25
CA ARG C 150 18.20 -11.33 20.05
C ARG C 150 18.51 -12.69 19.46
N HIS C 151 19.40 -12.74 18.47
CA HIS C 151 19.76 -14.03 17.88
C HIS C 151 20.53 -14.91 18.86
N LEU C 152 21.33 -14.32 19.73
CA LEU C 152 22.15 -15.10 20.65
C LEU C 152 21.35 -15.66 21.83
N PHE C 153 20.41 -14.88 22.37
CA PHE C 153 19.83 -15.19 23.66
C PHE C 153 18.38 -15.69 23.61
N LEU C 154 17.65 -15.44 22.52
CA LEU C 154 16.25 -15.84 22.43
C LEU C 154 16.15 -17.14 21.64
N LEU C 155 15.75 -18.21 22.33
CA LEU C 155 15.70 -19.53 21.71
C LEU C 155 14.68 -19.55 20.57
N GLY C 156 15.14 -19.95 19.39
CA GLY C 156 14.26 -20.06 18.25
C GLY C 156 13.84 -18.74 17.64
N TYR C 157 14.60 -17.69 17.84
CA TYR C 157 14.23 -16.37 17.32
C TYR C 157 14.58 -16.27 15.85
N SER C 158 13.73 -15.57 15.09
CA SER C 158 14.01 -15.26 13.70
C SER C 158 13.58 -13.83 13.43
N ASP C 159 14.18 -13.24 12.40
CA ASP C 159 13.91 -11.84 12.08
C ASP C 159 12.45 -11.65 11.70
N GLY C 160 11.87 -10.52 12.11
CA GLY C 160 10.49 -10.22 11.85
C GLY C 160 9.49 -10.86 12.81
N ALA C 161 9.95 -11.57 13.83
CA ALA C 161 9.08 -12.26 14.76
C ALA C 161 8.90 -11.50 16.07
N ASP C 162 9.37 -10.25 16.15
CA ASP C 162 9.42 -9.55 17.43
C ASP C 162 8.04 -9.44 18.06
N ASP C 163 7.03 -9.11 17.27
CA ASP C 163 5.71 -8.81 17.84
C ASP C 163 4.98 -10.06 18.31
N THR C 164 5.23 -11.21 17.67
CA THR C 164 4.50 -12.43 17.99
C THR C 164 5.31 -13.41 18.84
N PHE C 165 6.58 -13.13 19.10
CA PHE C 165 7.44 -14.06 19.82
C PHE C 165 6.91 -14.29 21.24
N ALA C 166 6.57 -15.55 21.55
CA ALA C 166 5.94 -15.85 22.82
C ALA C 166 6.09 -17.33 23.13
N ALA C 167 5.90 -17.67 24.41
CA ALA C 167 5.85 -19.05 24.86
C ALA C 167 4.41 -19.43 25.18
N TYR C 168 4.10 -20.72 25.04
CA TYR C 168 2.76 -21.22 25.27
C TYR C 168 2.70 -22.45 26.16
N THR C 169 3.83 -23.04 26.53
CA THR C 169 3.85 -24.17 27.44
C THR C 169 4.93 -23.94 28.49
N ARG C 170 4.81 -24.65 29.61
CA ARG C 170 5.77 -24.50 30.69
C ARG C 170 7.16 -24.93 30.25
N GLU C 171 7.26 -26.01 29.50
CA GLU C 171 8.56 -26.46 29.02
C GLU C 171 9.16 -25.44 28.05
N GLN C 172 8.34 -24.83 27.20
CA GLN C 172 8.83 -23.77 26.33
C GLN C 172 9.45 -22.63 27.14
N LEU C 173 8.75 -22.19 28.19
CA LEU C 173 9.25 -21.09 29.01
C LEU C 173 10.55 -21.46 29.70
N TYR C 174 10.60 -22.65 30.32
CA TYR C 174 11.81 -23.10 30.98
C TYR C 174 12.98 -23.18 30.00
N GLN C 175 12.73 -23.73 28.81
CA GLN C 175 13.79 -23.85 27.81
C GLN C 175 14.29 -22.49 27.38
N ALA C 176 13.39 -21.53 27.16
CA ALA C 176 13.82 -20.19 26.79
C ALA C 176 14.70 -19.56 27.87
N ILE C 177 14.27 -19.68 29.13
CA ILE C 177 15.04 -19.09 30.23
C ILE C 177 16.43 -19.72 30.33
N PHE C 178 16.48 -21.05 30.33
CA PHE C 178 17.74 -21.74 30.49
C PHE C 178 18.65 -21.51 29.29
N HIS C 179 18.10 -21.43 28.09
CA HIS C 179 18.90 -21.11 26.92
C HIS C 179 19.52 -19.74 27.04
N ALA C 180 18.74 -18.75 27.49
CA ALA C 180 19.31 -17.41 27.65
C ALA C 180 20.47 -17.41 28.63
N VAL C 181 20.30 -18.07 29.78
CA VAL C 181 21.36 -18.07 30.78
C VAL C 181 22.59 -18.83 30.27
N ASP C 182 22.37 -19.97 29.61
CA ASP C 182 23.48 -20.76 29.09
C ASP C 182 24.25 -19.99 28.02
N GLN C 183 23.54 -19.26 27.17
CA GLN C 183 24.20 -18.45 26.15
C GLN C 183 24.99 -17.31 26.80
N TYR C 184 24.45 -16.71 27.85
CA TYR C 184 25.23 -15.72 28.59
C TYR C 184 26.53 -16.32 29.12
N LEU C 185 26.47 -17.55 29.63
CA LEU C 185 27.68 -18.17 30.16
C LEU C 185 28.64 -18.60 29.04
N ALA C 186 28.12 -18.91 27.86
CA ALA C 186 28.95 -19.36 26.74
C ALA C 186 29.43 -18.22 25.84
N LEU C 187 28.99 -16.99 26.09
CA LEU C 187 29.24 -15.88 25.16
C LEU C 187 30.68 -15.76 24.67
N PRO C 188 31.71 -15.77 25.53
CA PRO C 188 33.07 -15.56 25.01
C PRO C 188 33.50 -16.58 23.96
N ASP C 189 32.98 -17.81 24.01
CA ASP C 189 33.41 -18.84 23.08
C ASP C 189 32.63 -18.85 21.77
N VAL C 190 31.42 -18.28 21.73
CA VAL C 190 30.55 -18.43 20.58
C VAL C 190 30.29 -17.11 19.85
N SER C 191 30.33 -15.98 20.55
CA SER C 191 29.91 -14.72 19.95
C SER C 191 30.93 -14.21 18.93
N LEU C 192 30.43 -13.59 17.88
CA LEU C 192 31.28 -12.90 16.93
C LEU C 192 31.74 -11.54 17.42
N GLY C 193 31.03 -10.95 18.39
CA GLY C 193 31.50 -9.74 19.03
C GLY C 193 32.44 -10.01 20.17
N ARG C 194 33.06 -8.94 20.67
CA ARG C 194 33.96 -9.02 21.81
C ARG C 194 33.31 -8.27 22.97
N TYR C 195 32.86 -9.03 23.96
CA TYR C 195 32.13 -8.47 25.08
C TYR C 195 32.83 -8.79 26.39
N ALA C 196 32.84 -7.83 27.29
CA ALA C 196 33.34 -8.03 28.65
C ALA C 196 32.16 -8.06 29.61
N TYR C 197 32.26 -8.92 30.62
CA TYR C 197 31.24 -9.01 31.65
C TYR C 197 31.33 -7.83 32.62
N VAL C 198 30.19 -7.50 33.22
CA VAL C 198 30.09 -6.47 34.24
C VAL C 198 29.46 -7.10 35.48
N ARG C 199 30.11 -6.93 36.63
CA ARG C 199 29.67 -7.53 37.87
C ARG C 199 29.25 -6.46 38.88
N GLY C 200 28.20 -6.75 39.64
CA GLY C 200 27.83 -5.91 40.77
C GLY C 200 27.32 -4.55 40.36
N GLY C 201 27.67 -3.54 41.14
CA GLY C 201 27.31 -2.17 40.84
C GLY C 201 25.83 -1.84 40.91
N GLY C 202 25.14 -2.30 41.94
CA GLY C 202 23.77 -1.92 42.19
C GLY C 202 22.79 -3.03 41.88
N ASP C 203 21.52 -2.71 42.05
CA ASP C 203 20.46 -3.68 41.86
C ASP C 203 20.11 -3.82 40.37
N PRO C 204 19.61 -4.98 39.97
CA PRO C 204 19.23 -6.14 40.78
C PRO C 204 20.41 -7.07 41.09
N TRP C 205 21.62 -6.68 40.72
CA TRP C 205 22.79 -7.55 40.90
C TRP C 205 23.35 -7.42 42.31
N THR C 206 23.86 -8.54 42.83
CA THR C 206 24.65 -8.51 44.03
C THR C 206 26.11 -8.24 43.67
N ASN C 207 26.97 -8.16 44.67
CA ASN C 207 28.30 -7.57 44.47
C ASN C 207 29.08 -8.31 43.41
N GLY C 208 29.08 -9.64 43.46
CA GLY C 208 29.89 -10.44 42.56
C GLY C 208 29.16 -11.06 41.38
N SER C 209 27.93 -10.65 41.09
CA SER C 209 27.09 -11.33 40.13
C SER C 209 26.97 -10.52 38.84
N GLY C 210 26.97 -11.23 37.71
CA GLY C 210 26.84 -10.59 36.41
C GLY C 210 25.45 -10.69 35.84
N LEU C 211 24.68 -11.70 36.20
CA LEU C 211 23.35 -11.91 35.65
C LEU C 211 22.35 -12.09 36.78
N ALA C 212 21.19 -11.45 36.63
CA ALA C 212 20.11 -11.55 37.60
C ALA C 212 18.89 -12.17 36.93
N LEU C 213 18.43 -13.30 37.45
CA LEU C 213 17.27 -14.01 36.95
C LEU C 213 16.17 -13.90 38.00
N CYS C 214 15.23 -13.00 37.77
CA CYS C 214 14.28 -12.61 38.81
C CYS C 214 12.85 -12.99 38.41
N GLN C 215 12.13 -13.57 39.36
CA GLN C 215 10.75 -14.01 39.18
C GLN C 215 9.85 -13.19 40.11
N ARG C 216 8.80 -12.61 39.55
CA ARG C 216 7.88 -11.76 40.29
C ARG C 216 6.48 -12.38 40.25
N TYR C 217 5.90 -12.59 41.43
CA TYR C 217 4.59 -13.23 41.57
C TYR C 217 3.80 -12.53 42.67
N TYR C 218 2.58 -13.01 42.91
CA TYR C 218 1.71 -12.43 43.92
C TYR C 218 2.01 -13.00 45.30
N HIS C 219 1.84 -12.15 46.32
CA HIS C 219 2.12 -12.56 47.69
C HIS C 219 1.27 -13.74 48.10
N ARG C 220 -0.04 -13.65 47.90
CA ARG C 220 -0.97 -14.75 48.07
C ARG C 220 -1.75 -14.89 46.78
N GLY C 221 -1.78 -16.09 46.22
CA GLY C 221 -2.31 -16.26 44.88
C GLY C 221 -3.26 -17.42 44.64
N HIS C 222 -4.17 -17.68 45.57
CA HIS C 222 -5.04 -18.85 45.41
C HIS C 222 -6.06 -18.59 44.29
N VAL C 223 -6.05 -19.42 43.26
CA VAL C 223 -6.97 -19.31 42.13
C VAL C 223 -7.56 -20.68 41.86
N ASP C 224 -8.88 -20.80 41.91
CA ASP C 224 -9.58 -22.07 41.71
C ASP C 224 -10.75 -21.80 40.77
N PRO C 225 -10.52 -21.83 39.45
CA PRO C 225 -11.62 -21.60 38.51
C PRO C 225 -12.67 -22.69 38.54
N ALA C 226 -12.36 -23.88 39.05
CA ALA C 226 -13.35 -24.94 39.13
C ALA C 226 -14.53 -24.53 40.01
N ASN C 227 -14.25 -23.91 41.16
CA ASN C 227 -15.28 -23.41 42.05
C ASN C 227 -15.51 -21.91 41.90
N ASP C 228 -14.92 -21.29 40.88
CA ASP C 228 -15.09 -19.86 40.64
C ASP C 228 -14.66 -19.04 41.85
N THR C 229 -13.53 -19.41 42.46
CA THR C 229 -13.07 -18.76 43.67
C THR C 229 -11.64 -18.29 43.51
N PHE C 230 -11.30 -17.23 44.24
CA PHE C 230 -9.92 -16.76 44.24
C PHE C 230 -9.68 -15.90 45.48
N ASP C 231 -8.47 -16.01 46.02
CA ASP C 231 -8.02 -15.25 47.17
C ASP C 231 -6.63 -14.69 46.83
N ILE C 232 -6.57 -13.40 46.54
CA ILE C 232 -5.38 -12.77 46.00
C ILE C 232 -4.96 -11.61 46.88
N ASP C 233 -3.71 -11.63 47.34
CA ASP C 233 -3.05 -10.45 47.86
C ASP C 233 -2.18 -9.89 46.75
N PRO C 234 -2.54 -8.77 46.12
CA PRO C 234 -1.86 -8.38 44.88
C PRO C 234 -0.47 -7.80 45.07
N MET C 235 0.10 -7.90 46.27
CA MET C 235 1.42 -7.33 46.50
C MET C 235 2.47 -8.23 45.87
N VAL C 236 3.35 -7.64 45.07
CA VAL C 236 4.28 -8.38 44.23
C VAL C 236 5.53 -8.73 45.03
N VAL C 237 5.87 -10.01 45.04
CA VAL C 237 7.10 -10.52 45.65
C VAL C 237 8.08 -10.86 44.54
N THR C 238 9.34 -10.47 44.75
CA THR C 238 10.43 -10.70 43.82
C THR C 238 11.42 -11.67 44.45
N ASP C 239 11.67 -12.79 43.77
CA ASP C 239 12.70 -13.75 44.17
C ASP C 239 13.67 -13.88 43.00
N CYS C 240 14.95 -13.63 43.25
CA CYS C 240 15.85 -13.48 42.12
C CYS C 240 17.15 -14.22 42.40
N ILE C 241 17.60 -15.01 41.41
CA ILE C 241 18.81 -15.80 41.47
C ILE C 241 19.96 -15.01 40.84
N GLN C 242 21.15 -15.15 41.40
CA GLN C 242 22.32 -14.43 40.95
C GLN C 242 23.29 -15.40 40.31
N VAL C 243 23.78 -15.05 39.12
CA VAL C 243 24.70 -15.89 38.36
C VAL C 243 25.97 -15.11 38.11
N ASP C 244 27.10 -15.69 38.48
CA ASP C 244 28.39 -15.11 38.19
C ASP C 244 28.85 -15.51 36.78
N PRO C 245 29.58 -14.64 36.09
CA PRO C 245 30.12 -15.03 34.79
C PRO C 245 31.16 -16.14 34.95
N PRO C 246 31.39 -16.93 33.90
CA PRO C 246 32.37 -18.02 34.00
C PRO C 246 33.78 -17.51 34.31
N SER C 264 25.08 -25.39 38.77
CA SER C 264 24.08 -24.53 38.14
C SER C 264 22.88 -24.35 39.05
N SER C 265 22.96 -23.39 39.96
CA SER C 265 21.84 -23.12 40.87
C SER C 265 20.63 -22.64 40.10
N TYR C 266 20.84 -21.79 39.08
CA TYR C 266 19.72 -21.29 38.29
C TYR C 266 18.95 -22.41 37.61
N LYS C 267 19.58 -23.57 37.41
CA LYS C 267 18.88 -24.69 36.80
C LYS C 267 17.79 -25.26 37.71
N ASN C 268 17.78 -24.89 38.98
CA ASN C 268 16.74 -25.32 39.91
C ASN C 268 15.59 -24.33 40.03
N LEU C 269 15.45 -23.42 39.08
CA LEU C 269 14.35 -22.47 39.10
C LEU C 269 13.02 -23.22 39.08
N THR C 270 12.10 -22.78 39.94
CA THR C 270 10.76 -23.34 40.01
C THR C 270 9.76 -22.19 39.93
N LEU C 271 9.09 -22.07 38.81
CA LEU C 271 8.20 -20.95 38.58
C LEU C 271 6.84 -21.19 39.22
N LYS C 272 6.28 -20.12 39.80
CA LYS C 272 4.95 -20.15 40.41
C LYS C 272 3.95 -19.73 39.34
N PHE C 273 3.61 -20.68 38.47
CA PHE C 273 2.89 -20.35 37.24
C PHE C 273 1.53 -19.70 37.53
N HIS C 274 0.81 -20.20 38.53
CA HIS C 274 -0.56 -19.74 38.76
C HIS C 274 -0.59 -18.29 39.24
N LYS C 275 0.43 -17.84 39.97
CA LYS C 275 0.49 -16.47 40.46
C LYS C 275 1.65 -15.68 39.87
N LEU C 276 2.26 -16.19 38.80
CA LEU C 276 3.42 -15.54 38.21
C LEU C 276 3.01 -14.24 37.54
N VAL C 277 3.76 -13.17 37.83
CA VAL C 277 3.57 -11.88 37.18
C VAL C 277 4.52 -11.71 36.00
N ASN C 278 5.82 -11.87 36.24
CA ASN C 278 6.74 -11.90 35.11
C ASN C 278 8.07 -12.52 35.53
N VAL C 279 8.91 -12.76 34.52
CA VAL C 279 10.27 -13.20 34.72
C VAL C 279 11.18 -12.26 33.94
N THR C 280 12.28 -11.85 34.54
CA THR C 280 13.22 -10.96 33.88
C THR C 280 14.64 -11.48 34.04
N ILE C 281 15.45 -11.25 33.01
CA ILE C 281 16.88 -11.53 33.03
C ILE C 281 17.59 -10.22 32.76
N HIS C 282 18.47 -9.82 33.66
CA HIS C 282 19.22 -8.58 33.56
C HIS C 282 20.70 -8.88 33.52
N PHE C 283 21.41 -8.30 32.55
CA PHE C 283 22.86 -8.38 32.59
C PHE C 283 23.46 -7.27 31.73
N ARG C 284 24.72 -6.96 31.98
CA ARG C 284 25.42 -5.90 31.26
C ARG C 284 26.64 -6.45 30.53
N LEU C 285 26.86 -5.96 29.33
CA LEU C 285 28.02 -6.31 28.51
C LEU C 285 28.75 -5.04 28.08
N LYS C 286 30.07 -5.09 28.15
CA LYS C 286 30.91 -3.96 27.74
C LYS C 286 31.58 -4.29 26.42
N THR C 287 31.53 -3.35 25.48
CA THR C 287 32.20 -3.53 24.21
C THR C 287 32.79 -2.20 23.77
N ILE C 288 33.71 -2.27 22.80
CA ILE C 288 34.33 -1.10 22.22
C ILE C 288 33.81 -0.94 20.80
N ASN C 289 33.35 0.27 20.46
CA ASN C 289 32.81 0.56 19.14
C ASN C 289 33.96 0.85 18.19
N LEU C 290 34.42 -0.20 17.51
CA LEU C 290 35.59 -0.07 16.64
C LEU C 290 35.28 0.65 15.33
N GLN C 291 34.07 0.52 14.80
CA GLN C 291 33.78 1.09 13.49
C GLN C 291 33.77 2.61 13.50
N SER C 292 33.84 3.23 14.68
CA SER C 292 33.96 4.69 14.73
C SER C 292 35.16 5.17 13.92
N LEU C 293 36.20 4.34 13.81
CA LEU C 293 37.35 4.66 12.98
C LEU C 293 36.90 4.99 11.56
N ASN C 296 35.83 8.93 11.34
CA ASN C 296 37.23 8.85 11.73
C ASN C 296 37.44 9.30 13.18
N GLU C 297 36.52 8.90 14.05
CA GLU C 297 36.59 9.28 15.44
C GLU C 297 37.47 8.31 16.22
N ILE C 298 37.58 8.54 17.52
CA ILE C 298 38.25 7.60 18.43
C ILE C 298 37.20 6.64 18.95
N PRO C 299 37.44 5.34 18.98
CA PRO C 299 36.43 4.42 19.52
C PRO C 299 36.04 4.79 20.94
N ASP C 300 34.75 4.71 21.22
CA ASP C 300 34.21 4.93 22.55
C ASP C 300 33.73 3.60 23.13
N CYS C 301 33.51 3.58 24.44
CA CYS C 301 33.21 2.37 25.17
C CYS C 301 31.71 2.32 25.48
N TYR C 302 31.06 1.25 25.06
CA TYR C 302 29.64 1.04 25.28
C TYR C 302 29.44 0.04 26.40
N THR C 303 28.45 0.31 27.26
CA THR C 303 27.92 -0.67 28.18
C THR C 303 26.45 -0.88 27.82
N PHE C 304 26.14 -2.06 27.31
CA PHE C 304 24.76 -2.45 27.03
C PHE C 304 24.19 -3.10 28.28
N SER C 305 23.07 -2.57 28.76
CA SER C 305 22.27 -3.25 29.77
C SER C 305 21.14 -3.95 29.04
N VAL C 306 21.10 -5.27 29.17
CA VAL C 306 20.18 -6.14 28.44
C VAL C 306 19.14 -6.62 29.43
N LEU C 307 17.87 -6.45 29.06
CA LEU C 307 16.73 -6.93 29.82
C LEU C 307 15.90 -7.84 28.94
N ILE C 308 15.75 -9.09 29.35
CA ILE C 308 14.88 -10.05 28.68
C ILE C 308 13.66 -10.26 29.57
N THR C 309 12.49 -10.00 29.01
CA THR C 309 11.23 -10.05 29.74
C THR C 309 10.35 -11.17 29.21
N PHE C 310 9.86 -12.01 30.12
CA PHE C 310 8.81 -12.99 29.88
C PHE C 310 7.59 -12.49 30.65
N ASP C 311 6.63 -11.94 29.93
CA ASP C 311 5.55 -11.15 30.52
C ASP C 311 4.28 -11.96 30.65
N ASN C 312 3.79 -12.12 31.89
CA ASN C 312 2.56 -12.85 32.17
C ASN C 312 1.49 -11.97 32.81
N LYS C 313 1.55 -10.66 32.62
CA LYS C 313 0.60 -9.79 33.30
C LYS C 313 -0.82 -9.98 32.81
N ALA C 314 -1.01 -10.45 31.58
CA ALA C 314 -2.35 -10.71 31.08
C ALA C 314 -2.92 -12.02 31.59
N HIS C 315 -2.09 -12.94 32.08
CA HIS C 315 -2.54 -14.22 32.60
C HIS C 315 -3.45 -14.94 31.61
N SER C 316 -3.05 -14.94 30.33
CA SER C 316 -3.91 -15.41 29.25
C SER C 316 -3.45 -16.74 28.65
N GLY C 317 -2.45 -17.39 29.24
CA GLY C 317 -1.87 -18.57 28.66
C GLY C 317 -0.82 -18.31 27.60
N ARG C 318 -0.62 -17.06 27.20
CA ARG C 318 0.39 -16.67 26.23
C ARG C 318 1.34 -15.69 26.91
N ILE C 319 2.62 -16.01 26.92
CA ILE C 319 3.61 -15.18 27.60
C ILE C 319 4.57 -14.58 26.58
N PRO C 320 4.39 -13.31 26.19
CA PRO C 320 5.32 -12.71 25.23
C PRO C 320 6.73 -12.58 25.80
N ILE C 321 7.70 -12.71 24.91
CA ILE C 321 9.12 -12.65 25.24
C ILE C 321 9.73 -11.50 24.44
N SER C 322 10.45 -10.62 25.12
CA SER C 322 11.11 -9.50 24.46
C SER C 322 12.49 -9.30 25.03
N LEU C 323 13.36 -8.70 24.21
CA LEU C 323 14.71 -8.31 24.61
C LEU C 323 14.88 -6.84 24.32
N GLU C 324 15.37 -6.08 25.29
CA GLU C 324 15.60 -4.65 25.15
C GLU C 324 16.97 -4.29 25.69
N THR C 325 17.56 -3.23 25.14
CA THR C 325 18.89 -2.78 25.53
C THR C 325 18.87 -1.29 25.81
N GLN C 326 19.65 -0.89 26.81
CA GLN C 326 20.01 0.52 27.02
C GLN C 326 21.52 0.63 26.93
N ALA C 327 22.00 1.57 26.12
CA ALA C 327 23.42 1.76 25.89
C ALA C 327 23.90 2.99 26.66
N HIS C 328 24.89 2.79 27.51
CA HIS C 328 25.60 3.88 28.18
C HIS C 328 26.96 4.04 27.51
N ILE C 329 27.19 5.19 26.91
CA ILE C 329 28.42 5.45 26.16
C ILE C 329 29.33 6.33 26.99
N GLN C 330 30.62 5.98 27.01
CA GLN C 330 31.60 6.80 27.67
C GLN C 330 32.89 6.76 26.87
N GLU C 331 33.85 7.58 27.28
CA GLU C 331 35.17 7.58 26.66
C GLU C 331 36.02 6.47 27.27
N CYS C 332 36.72 5.74 26.42
CA CYS C 332 37.56 4.66 26.90
C CYS C 332 38.77 5.22 27.63
N LYS C 333 39.22 4.49 28.66
CA LYS C 333 40.24 5.02 29.56
C LYS C 333 41.57 5.21 28.84
N HIS C 334 42.01 4.20 28.09
CA HIS C 334 43.30 4.23 27.40
C HIS C 334 43.08 3.95 25.91
N PRO C 335 42.64 4.95 25.15
CA PRO C 335 42.53 4.78 23.70
C PRO C 335 43.82 5.13 22.98
N SER C 336 44.27 4.22 22.12
CA SER C 336 45.48 4.42 21.32
C SER C 336 45.19 3.97 19.90
N VAL C 337 45.10 4.94 18.98
CA VAL C 337 44.93 4.67 17.56
C VAL C 337 46.18 5.17 16.85
N PHE C 338 46.88 4.26 16.17
CA PHE C 338 48.15 4.60 15.55
C PHE C 338 47.97 5.74 14.54
N GLN C 339 48.55 6.89 14.85
CA GLN C 339 48.47 8.05 13.97
C GLN C 339 47.03 8.45 13.72
N SER C 344 39.94 19.53 16.87
CA SER C 344 38.87 20.24 17.58
C SER C 344 38.07 21.09 16.60
N PHE C 345 37.98 20.64 15.36
CA PHE C 345 37.24 21.40 14.35
C PHE C 345 35.74 21.37 14.61
N ARG C 346 35.22 20.28 15.16
CA ARG C 346 33.80 20.22 15.49
C ARG C 346 33.43 21.26 16.54
N LEU C 347 34.25 21.38 17.58
CA LEU C 347 34.00 22.37 18.61
C LEU C 347 34.13 23.79 18.07
N LEU C 348 35.13 24.02 17.21
CA LEU C 348 35.28 25.32 16.60
C LEU C 348 34.07 25.68 15.76
N PHE C 349 33.54 24.71 15.00
CA PHE C 349 32.34 24.96 14.21
C PHE C 349 31.14 25.24 15.09
N ASP C 350 31.00 24.53 16.21
CA ASP C 350 29.90 24.82 17.12
C ASP C 350 30.01 26.24 17.66
N VAL C 351 31.24 26.67 18.02
CA VAL C 351 31.43 28.03 18.50
C VAL C 351 31.07 29.03 17.41
N VAL C 352 31.46 28.75 16.16
CA VAL C 352 31.12 29.64 15.06
C VAL C 352 29.61 29.76 14.91
N VAL C 353 28.90 28.63 14.97
CA VAL C 353 27.44 28.67 14.86
C VAL C 353 26.85 29.50 15.99
N ILE C 354 27.33 29.31 17.21
CA ILE C 354 26.80 30.07 18.34
C ILE C 354 27.04 31.56 18.12
N LEU C 355 28.23 31.93 17.67
CA LEU C 355 28.54 33.35 17.45
C LEU C 355 27.64 33.95 16.36
N THR C 356 27.46 33.21 15.26
CA THR C 356 26.60 33.70 14.18
C THR C 356 25.17 33.90 14.68
N CYS C 357 24.64 32.92 15.41
CA CYS C 357 23.28 33.03 15.90
C CYS C 357 23.15 34.15 16.91
N SER C 358 24.17 34.39 17.74
CA SER C 358 24.12 35.48 18.70
C SER C 358 24.12 36.83 18.00
N LEU C 359 24.96 37.00 16.99
CA LEU C 359 24.98 38.25 16.25
C LEU C 359 23.64 38.50 15.56
N SER C 360 23.10 37.47 14.92
CA SER C 360 21.79 37.61 14.28
C SER C 360 20.72 37.96 15.31
N PHE C 361 20.76 37.31 16.47
CA PHE C 361 19.80 37.62 17.52
C PHE C 361 19.89 39.08 17.94
N LEU C 362 21.10 39.58 18.12
CA LEU C 362 21.27 40.97 18.55
C LEU C 362 20.73 41.93 17.50
N LEU C 363 21.05 41.70 16.23
CA LEU C 363 20.57 42.60 15.18
C LEU C 363 19.05 42.55 15.07
N CYS C 364 18.46 41.36 15.12
CA CYS C 364 17.01 41.25 15.03
C CYS C 364 16.33 41.91 16.23
N ALA C 365 16.91 41.75 17.42
CA ALA C 365 16.34 42.40 18.60
C ALA C 365 16.40 43.91 18.48
N ARG C 366 17.51 44.44 17.95
CA ARG C 366 17.60 45.88 17.74
C ARG C 366 16.54 46.35 16.76
N SER C 367 16.34 45.62 15.67
CA SER C 367 15.30 45.98 14.70
C SER C 367 13.92 45.97 15.35
N LEU C 368 13.64 44.92 16.15
CA LEU C 368 12.34 44.84 16.81
C LEU C 368 12.13 46.00 17.78
N LEU C 369 13.17 46.36 18.54
CA LEU C 369 13.04 47.46 19.49
C LEU C 369 12.79 48.77 18.76
N ARG C 370 13.52 49.02 17.67
CA ARG C 370 13.31 50.25 16.91
C ARG C 370 11.90 50.29 16.32
N GLY C 371 11.41 49.15 15.83
CA GLY C 371 10.03 49.10 15.37
C GLY C 371 9.05 49.43 16.46
N PHE C 372 9.26 48.89 17.66
CA PHE C 372 8.38 49.21 18.79
C PHE C 372 8.42 50.70 19.11
N LEU C 373 9.61 51.30 19.10
CA LEU C 373 9.72 52.72 19.39
C LEU C 373 8.96 53.55 18.37
N LEU C 374 9.12 53.22 17.08
CA LEU C 374 8.39 53.95 16.06
C LEU C 374 6.89 53.75 16.21
N GLN C 375 6.46 52.55 16.60
CA GLN C 375 5.05 52.30 16.83
C GLN C 375 4.52 53.21 17.93
N ASN C 376 5.26 53.31 19.03
CA ASN C 376 4.84 54.19 20.12
C ASN C 376 4.76 55.64 19.65
N GLU C 377 5.76 56.10 18.90
CA GLU C 377 5.74 57.48 18.43
C GLU C 377 4.55 57.74 17.52
N PHE C 378 4.27 56.80 16.61
CA PHE C 378 3.13 56.97 15.73
C PHE C 378 1.81 57.00 16.50
N VAL C 379 1.66 56.10 17.48
CA VAL C 379 0.43 56.06 18.25
C VAL C 379 0.25 57.37 19.01
N GLY C 380 1.32 57.88 19.61
CA GLY C 380 1.23 59.15 20.32
C GLY C 380 0.86 60.30 19.41
N PHE C 381 1.51 60.37 18.24
CA PHE C 381 1.22 61.45 17.31
C PHE C 381 -0.23 61.39 16.84
N MET C 382 -0.72 60.19 16.55
CA MET C 382 -2.12 60.06 16.13
C MET C 382 -3.06 60.46 17.25
N TRP C 383 -2.75 60.09 18.49
CA TRP C 383 -3.60 60.51 19.61
C TRP C 383 -3.62 62.03 19.73
N ARG C 384 -2.47 62.67 19.55
CA ARG C 384 -2.44 64.12 19.52
C ARG C 384 -3.35 64.66 18.42
N GLN C 385 -3.19 64.14 17.20
CA GLN C 385 -4.06 64.57 16.10
C GLN C 385 -5.51 64.19 16.39
N ARG C 386 -5.74 63.00 16.93
CA ARG C 386 -7.09 62.53 17.24
C ARG C 386 -7.24 62.28 18.74
N TRP C 393 -4.47 45.60 17.30
CA TRP C 393 -4.43 44.88 16.03
C TRP C 393 -3.83 45.76 14.94
N GLU C 394 -4.10 47.06 15.01
CA GLU C 394 -3.49 48.01 14.09
C GLU C 394 -2.05 48.30 14.46
N ARG C 395 -1.66 48.03 15.70
CA ARG C 395 -0.28 48.26 16.13
C ARG C 395 0.66 47.18 15.62
N LEU C 396 0.17 45.95 15.52
CA LEU C 396 1.02 44.84 15.08
C LEU C 396 1.62 45.06 13.71
N GLU C 397 1.10 46.02 12.93
CA GLU C 397 1.69 46.33 11.64
C GLU C 397 3.16 46.70 11.78
N PHE C 398 3.57 47.20 12.94
CA PHE C 398 4.97 47.53 13.16
C PHE C 398 5.82 46.33 13.55
N VAL C 399 5.20 45.20 13.86
CA VAL C 399 5.93 44.00 14.26
C VAL C 399 6.33 43.22 13.01
N ASN C 400 7.63 43.00 12.85
CA ASN C 400 8.15 42.20 11.73
C ASN C 400 8.14 40.75 12.16
N GLY C 401 7.16 39.99 11.65
CA GLY C 401 7.05 38.58 12.04
C GLY C 401 8.26 37.76 11.65
N TRP C 402 8.88 38.08 10.51
CA TRP C 402 10.07 37.35 10.09
C TRP C 402 11.17 37.48 11.12
N TYR C 403 11.28 38.64 11.78
CA TYR C 403 12.31 38.81 12.80
C TYR C 403 11.99 38.03 14.06
N ILE C 404 10.71 37.90 14.40
CA ILE C 404 10.35 37.03 15.52
C ILE C 404 10.73 35.59 15.20
N LEU C 405 10.46 35.15 13.97
CA LEU C 405 10.87 33.81 13.57
C LEU C 405 12.38 33.64 13.65
N LEU C 406 13.13 34.65 13.18
CA LEU C 406 14.58 34.55 13.20
C LEU C 406 15.12 34.50 14.63
N VAL C 407 14.54 35.29 15.53
CA VAL C 407 14.99 35.29 16.92
C VAL C 407 14.70 33.94 17.56
N THR C 408 13.52 33.38 17.30
CA THR C 408 13.19 32.05 17.81
C THR C 408 14.19 31.02 17.30
N SER C 409 14.51 31.09 16.01
CA SER C 409 15.48 30.16 15.43
C SER C 409 16.84 30.31 16.08
N ASP C 410 17.28 31.55 16.32
CA ASP C 410 18.57 31.78 16.96
C ASP C 410 18.61 31.18 18.35
N VAL C 411 17.55 31.38 19.14
CA VAL C 411 17.51 30.83 20.49
C VAL C 411 17.56 29.31 20.45
N LEU C 412 16.72 28.71 19.58
CA LEU C 412 16.71 27.25 19.49
C LEU C 412 18.07 26.71 19.08
N THR C 413 18.71 27.35 18.11
CA THR C 413 20.01 26.89 17.64
C THR C 413 21.06 26.99 18.75
N ILE C 414 21.06 28.09 19.50
CA ILE C 414 22.07 28.25 20.55
C ILE C 414 21.88 27.19 21.63
N SER C 415 20.63 26.98 22.07
CA SER C 415 20.38 25.95 23.06
C SER C 415 20.81 24.57 22.55
N GLY C 416 20.41 24.25 21.31
CA GLY C 416 20.75 22.95 20.76
C GLY C 416 22.23 22.76 20.58
N THR C 417 22.96 23.82 20.25
CA THR C 417 24.40 23.71 20.08
C THR C 417 25.10 23.52 21.42
N ILE C 418 24.62 24.20 22.47
CA ILE C 418 25.18 23.96 23.79
C ILE C 418 24.96 22.50 24.19
N MET C 419 23.75 22.00 23.99
CA MET C 419 23.47 20.60 24.29
C MET C 419 24.32 19.67 23.45
N LYS C 420 24.52 20.01 22.17
CA LYS C 420 25.33 19.18 21.29
C LYS C 420 26.78 19.12 21.76
N ILE C 421 27.32 20.26 22.18
CA ILE C 421 28.67 20.28 22.72
C ILE C 421 28.75 19.37 23.94
N GLY C 422 27.77 19.48 24.83
CA GLY C 422 27.76 18.62 26.00
C GLY C 422 27.69 17.15 25.65
N ILE C 423 26.85 16.80 24.68
CA ILE C 423 26.66 15.40 24.30
C ILE C 423 27.93 14.84 23.68
N GLU C 424 28.55 15.59 22.78
CA GLU C 424 29.72 15.09 22.07
C GLU C 424 30.91 14.89 23.00
N ALA C 425 30.89 15.51 24.17
CA ALA C 425 31.91 15.29 25.19
C ALA C 425 31.56 14.13 26.11
N LYS C 426 30.45 13.43 25.85
CA LYS C 426 29.92 12.36 26.69
C LYS C 426 29.47 12.85 28.06
N ASN C 427 29.29 14.16 28.23
CA ASN C 427 28.79 14.69 29.49
C ASN C 427 27.27 14.65 29.58
N LEU C 428 26.56 14.56 28.44
CA LEU C 428 25.12 14.47 28.43
C LEU C 428 24.69 13.35 27.49
N ALA C 429 23.45 12.90 27.66
CA ALA C 429 22.90 11.85 26.82
C ALA C 429 21.48 12.16 26.36
N SER C 430 21.10 13.43 26.32
CA SER C 430 19.73 13.81 25.93
C SER C 430 19.70 14.10 24.43
N TYR C 431 19.80 13.02 23.64
CA TYR C 431 19.83 13.17 22.19
C TYR C 431 18.50 13.70 21.66
N ASP C 432 17.38 13.26 22.24
CA ASP C 432 16.08 13.60 21.70
C ASP C 432 15.84 15.11 21.72
N VAL C 433 16.06 15.73 22.87
CA VAL C 433 15.80 17.16 23.00
C VAL C 433 16.73 17.97 22.11
N CYS C 434 18.02 17.62 22.09
CA CYS C 434 18.97 18.34 21.26
C CYS C 434 18.60 18.22 19.78
N SER C 435 18.24 17.01 19.34
CA SER C 435 17.88 16.81 17.95
C SER C 435 16.62 17.60 17.61
N ILE C 436 15.62 17.60 18.51
CA ILE C 436 14.40 18.35 18.24
C ILE C 436 14.70 19.83 18.12
N LEU C 437 15.55 20.36 19.02
CA LEU C 437 15.89 21.78 18.96
C LEU C 437 16.57 22.12 17.64
N LEU C 438 17.62 21.37 17.28
CA LEU C 438 18.39 21.70 16.08
C LEU C 438 17.54 21.51 14.83
N GLY C 439 16.74 20.44 14.76
CA GLY C 439 15.90 20.22 13.60
C GLY C 439 14.83 21.28 13.43
N THR C 440 14.17 21.67 14.54
CA THR C 440 13.17 22.72 14.45
C THR C 440 13.78 24.03 14.01
N SER C 441 14.97 24.37 14.54
CA SER C 441 15.60 25.61 14.13
C SER C 441 15.98 25.58 12.64
N THR C 442 16.48 24.44 12.16
CA THR C 442 16.81 24.35 10.74
C THR C 442 15.56 24.49 9.87
N LEU C 443 14.47 23.84 10.27
CA LEU C 443 13.21 24.01 9.56
C LEU C 443 12.79 25.48 9.55
N LEU C 444 12.96 26.17 10.68
CA LEU C 444 12.57 27.57 10.74
C LEU C 444 13.39 28.45 9.82
N VAL C 445 14.71 28.25 9.77
CA VAL C 445 15.52 29.10 8.90
C VAL C 445 15.18 28.83 7.43
N TRP C 446 14.99 27.57 7.07
CA TRP C 446 14.65 27.28 5.68
C TRP C 446 13.28 27.82 5.33
N VAL C 447 12.35 27.87 6.28
CA VAL C 447 11.08 28.54 6.04
C VAL C 447 11.28 30.03 5.88
N GLY C 448 12.12 30.63 6.72
CA GLY C 448 12.38 32.05 6.65
C GLY C 448 13.00 32.48 5.33
N VAL C 449 13.58 31.55 4.60
CA VAL C 449 14.04 31.85 3.24
C VAL C 449 12.92 32.44 2.39
N ILE C 450 11.66 32.15 2.72
CA ILE C 450 10.52 32.65 1.94
C ILE C 450 10.48 34.18 1.93
N ARG C 451 10.99 34.81 2.99
CA ARG C 451 10.99 36.27 3.06
C ARG C 451 11.69 36.87 1.85
N TYR C 452 12.79 36.26 1.42
CA TYR C 452 13.52 36.79 0.28
C TYR C 452 12.69 36.72 -1.00
N LEU C 453 11.95 35.63 -1.18
CA LEU C 453 11.09 35.51 -2.34
C LEU C 453 9.95 36.51 -2.31
N THR C 454 9.51 36.93 -1.12
CA THR C 454 8.43 37.91 -1.08
C THR C 454 8.82 39.24 -1.71
N PHE C 455 10.12 39.51 -1.90
CA PHE C 455 10.55 40.77 -2.45
C PHE C 455 10.35 40.88 -3.95
N PHE C 456 10.13 39.77 -4.64
CA PHE C 456 9.91 39.76 -6.09
C PHE C 456 8.43 39.51 -6.38
N HIS C 457 7.86 40.34 -7.26
CA HIS C 457 6.42 40.43 -7.41
C HIS C 457 5.79 39.08 -7.75
N ASN C 458 6.38 38.34 -8.69
CA ASN C 458 5.74 37.12 -9.17
C ASN C 458 5.69 36.05 -8.08
N TYR C 459 6.70 35.97 -7.21
CA TYR C 459 6.65 35.06 -6.08
C TYR C 459 5.74 35.58 -4.97
N ASN C 460 5.73 36.90 -4.79
CA ASN C 460 4.88 37.50 -3.77
C ASN C 460 3.41 37.24 -4.07
N ILE C 461 3.03 37.15 -5.33
CA ILE C 461 1.65 36.82 -5.67
C ILE C 461 1.24 35.51 -4.99
N LEU C 462 2.07 34.48 -5.14
CA LEU C 462 1.75 33.17 -4.58
C LEU C 462 1.80 33.18 -3.05
N ILE C 463 2.83 33.81 -2.48
CA ILE C 463 2.94 33.81 -1.02
C ILE C 463 1.76 34.58 -0.41
N ALA C 464 1.38 35.70 -1.02
CA ALA C 464 0.25 36.48 -0.53
C ALA C 464 -1.05 35.70 -0.68
N THR C 465 -1.20 34.91 -1.75
CA THR C 465 -2.37 34.07 -1.86
C THR C 465 -2.47 33.12 -0.68
N LEU C 466 -1.36 32.45 -0.36
CA LEU C 466 -1.39 31.55 0.80
C LEU C 466 -1.71 32.29 2.08
N ARG C 467 -1.13 33.47 2.27
CA ARG C 467 -1.37 34.24 3.49
C ARG C 467 -2.84 34.63 3.62
N VAL C 468 -3.44 35.12 2.54
N VAL C 468 -3.43 35.11 2.53
CA VAL C 468 -4.85 35.52 2.62
CA VAL C 468 -4.83 35.51 2.54
C VAL C 468 -5.74 34.29 2.79
C VAL C 468 -5.73 34.30 2.79
N ALA C 469 -5.36 33.14 2.24
CA ALA C 469 -6.19 31.94 2.40
C ALA C 469 -6.13 31.39 3.83
N LEU C 470 -5.00 31.55 4.52
CA LEU C 470 -4.77 30.81 5.76
C LEU C 470 -5.87 30.96 6.81
N PRO C 471 -6.39 32.16 7.11
CA PRO C 471 -7.42 32.26 8.16
C PRO C 471 -8.65 31.40 7.92
N SER C 472 -9.20 31.44 6.71
CA SER C 472 -10.37 30.62 6.40
C SER C 472 -10.02 29.14 6.41
N VAL C 473 -8.80 28.79 5.98
CA VAL C 473 -8.37 27.39 6.05
C VAL C 473 -8.36 26.90 7.49
N MET C 474 -7.86 27.72 8.42
CA MET C 474 -7.84 27.32 9.82
C MET C 474 -9.24 27.22 10.42
N ARG C 475 -10.12 28.16 10.08
CA ARG C 475 -11.49 28.08 10.55
C ARG C 475 -12.17 26.80 10.06
N PHE C 476 -12.00 26.48 8.78
CA PHE C 476 -12.57 25.24 8.27
C PHE C 476 -11.91 24.04 8.91
N CYS C 477 -10.65 24.16 9.31
CA CYS C 477 -9.99 23.08 10.04
C CYS C 477 -10.70 22.83 11.38
N CYS C 478 -11.13 23.88 12.07
CA CYS C 478 -11.91 23.68 13.29
C CYS C 478 -13.23 22.97 12.99
N CYS C 479 -13.95 23.45 11.97
CA CYS C 479 -15.19 22.80 11.56
C CYS C 479 -14.97 21.33 11.27
N VAL C 480 -13.90 21.01 10.55
CA VAL C 480 -13.58 19.62 10.22
C VAL C 480 -13.21 18.85 11.48
N ALA C 481 -12.55 19.51 12.42
CA ALA C 481 -12.05 18.83 13.60
C ALA C 481 -13.19 18.24 14.42
N VAL C 482 -14.28 18.99 14.60
CA VAL C 482 -15.35 18.45 15.44
C VAL C 482 -15.95 17.19 14.82
N ILE C 483 -16.24 17.22 13.52
CA ILE C 483 -16.80 16.06 12.83
C ILE C 483 -15.83 14.89 12.85
N TYR C 484 -14.54 15.18 12.63
CA TYR C 484 -13.51 14.16 12.63
C TYR C 484 -13.42 13.48 13.99
N LEU C 485 -13.48 14.26 15.06
CA LEU C 485 -13.42 13.71 16.41
C LEU C 485 -14.63 12.82 16.69
N GLY C 486 -15.82 13.26 16.26
CA GLY C 486 -16.99 12.40 16.41
C GLY C 486 -16.80 11.06 15.74
N TYR C 487 -16.31 11.07 14.49
CA TYR C 487 -16.07 9.82 13.78
C TYR C 487 -15.02 8.98 14.50
N CYS C 488 -13.98 9.62 15.02
CA CYS C 488 -12.94 8.89 15.73
C CYS C 488 -13.52 8.14 16.93
N PHE C 489 -14.34 8.83 17.74
CA PHE C 489 -14.92 8.20 18.91
C PHE C 489 -15.83 7.03 18.53
N CYS C 490 -16.70 7.26 17.54
CA CYS C 490 -17.62 6.21 17.13
C CYS C 490 -16.87 4.99 16.62
N GLY C 491 -15.87 5.21 15.76
CA GLY C 491 -15.10 4.10 15.23
C GLY C 491 -14.35 3.36 16.31
N TRP C 492 -13.77 4.08 17.25
CA TRP C 492 -13.04 3.42 18.33
C TRP C 492 -13.96 2.54 19.15
N ILE C 493 -15.16 3.02 19.49
CA ILE C 493 -16.03 2.23 20.36
C ILE C 493 -16.60 1.04 19.60
N VAL C 494 -16.99 1.21 18.34
CA VAL C 494 -17.69 0.16 17.63
C VAL C 494 -16.74 -0.85 17.00
N LEU C 495 -15.71 -0.38 16.31
CA LEU C 495 -14.85 -1.26 15.53
C LEU C 495 -13.63 -1.76 16.29
N GLY C 496 -13.22 -1.08 17.36
CA GLY C 496 -12.06 -1.48 18.11
C GLY C 496 -12.05 -2.93 18.54
N PRO C 497 -13.18 -3.48 18.99
CA PRO C 497 -13.21 -4.91 19.32
C PRO C 497 -12.95 -5.84 18.15
N TYR C 498 -13.11 -5.37 16.91
CA TYR C 498 -13.04 -6.24 15.74
C TYR C 498 -11.94 -5.90 14.74
N HIS C 499 -11.28 -4.75 14.88
CA HIS C 499 -10.38 -4.24 13.85
C HIS C 499 -9.08 -3.84 14.50
N VAL C 500 -7.95 -4.34 13.96
CA VAL C 500 -6.66 -4.04 14.56
C VAL C 500 -6.33 -2.56 14.45
N LYS C 501 -6.73 -1.90 13.36
CA LYS C 501 -6.43 -0.49 13.18
C LYS C 501 -7.25 0.43 14.07
N PHE C 502 -8.24 -0.09 14.81
CA PHE C 502 -9.13 0.74 15.61
C PHE C 502 -8.97 0.48 17.11
N ARG C 503 -7.82 -0.03 17.54
CA ARG C 503 -7.67 -0.43 18.93
C ARG C 503 -7.58 0.77 19.89
N SER C 504 -6.80 1.78 19.54
CA SER C 504 -6.67 2.97 20.37
C SER C 504 -7.14 4.19 19.58
N LEU C 505 -7.34 5.30 20.30
CA LEU C 505 -7.85 6.51 19.66
C LEU C 505 -6.82 7.11 18.71
N SER C 506 -5.54 7.12 19.09
CA SER C 506 -4.52 7.63 18.19
C SER C 506 -4.41 6.78 16.93
N MET C 507 -4.53 5.45 17.09
CA MET C 507 -4.53 4.58 15.92
C MET C 507 -5.74 4.83 15.04
N VAL C 508 -6.92 5.03 15.65
CA VAL C 508 -8.12 5.33 14.88
C VAL C 508 -7.91 6.62 14.08
N SER C 509 -7.35 7.64 14.72
CA SER C 509 -7.12 8.90 14.02
C SER C 509 -6.15 8.72 12.87
N GLU C 510 -5.08 7.96 13.08
CA GLU C 510 -4.14 7.71 12.00
C GLU C 510 -4.81 7.00 10.83
N CYS C 511 -5.63 5.99 11.13
CA CYS C 511 -6.33 5.26 10.08
C CYS C 511 -7.28 6.17 9.31
N LEU C 512 -8.07 6.98 10.00
CA LEU C 512 -9.01 7.86 9.33
C LEU C 512 -8.30 8.91 8.50
N PHE C 513 -7.21 9.48 9.03
CA PHE C 513 -6.45 10.47 8.29
C PHE C 513 -5.86 9.87 7.03
N SER C 514 -5.35 8.62 7.12
CA SER C 514 -4.85 7.94 5.94
C SER C 514 -5.96 7.69 4.93
N LEU C 515 -7.16 7.32 5.41
CA LEU C 515 -8.28 7.11 4.50
C LEU C 515 -8.64 8.39 3.76
N ILE C 516 -8.61 9.53 4.45
CA ILE C 516 -8.90 10.80 3.80
C ILE C 516 -7.95 11.01 2.62
N ASN C 517 -6.70 10.63 2.78
CA ASN C 517 -5.68 10.80 1.75
C ASN C 517 -5.63 9.61 0.79
N GLY C 518 -6.56 8.69 0.89
CA GLY C 518 -6.63 7.55 -0.02
C GLY C 518 -5.52 6.55 0.13
N ASP C 519 -5.12 6.23 1.36
CA ASP C 519 -4.09 5.23 1.62
C ASP C 519 -4.65 4.14 2.53
N ASP C 520 -4.31 2.89 2.22
CA ASP C 520 -4.63 1.75 3.07
C ASP C 520 -6.14 1.57 3.21
N MET C 521 -6.87 1.81 2.12
CA MET C 521 -8.32 1.76 2.15
C MET C 521 -8.84 0.33 1.99
N PHE C 522 -8.31 -0.39 0.99
CA PHE C 522 -8.82 -1.72 0.71
C PHE C 522 -8.51 -2.68 1.84
N VAL C 523 -7.35 -2.57 2.48
CA VAL C 523 -7.03 -3.46 3.59
C VAL C 523 -7.95 -3.17 4.77
N THR C 524 -8.30 -1.89 4.98
CA THR C 524 -9.25 -1.55 6.02
C THR C 524 -10.60 -2.22 5.76
N PHE C 525 -11.05 -2.20 4.51
CA PHE C 525 -12.29 -2.91 4.18
C PHE C 525 -12.14 -4.41 4.34
N ALA C 526 -10.99 -4.96 3.92
CA ALA C 526 -10.81 -6.41 3.91
C ALA C 526 -10.75 -6.98 5.32
N ALA C 527 -10.19 -6.22 6.27
CA ALA C 527 -10.19 -6.69 7.66
C ALA C 527 -11.61 -6.87 8.15
N MET C 528 -12.52 -5.98 7.78
CA MET C 528 -13.91 -6.13 8.16
C MET C 528 -14.60 -7.23 7.38
N GLN C 529 -14.10 -7.52 6.17
CA GLN C 529 -14.71 -8.57 5.36
C GLN C 529 -14.78 -9.90 6.10
N ALA C 530 -13.85 -10.13 7.02
CA ALA C 530 -13.75 -11.41 7.73
C ALA C 530 -14.63 -11.44 8.96
N GLN C 531 -15.67 -10.62 8.98
CA GLN C 531 -16.64 -10.62 10.06
C GLN C 531 -18.08 -10.58 9.57
N GLN C 532 -18.31 -10.70 8.26
CA GLN C 532 -19.67 -10.68 7.72
C GLN C 532 -20.54 -11.79 8.30
N GLY C 533 -19.93 -12.86 8.80
CA GLY C 533 -20.69 -13.95 9.40
C GLY C 533 -20.71 -13.88 10.92
N ARG C 534 -19.61 -13.43 11.52
CA ARG C 534 -19.55 -13.34 12.97
C ARG C 534 -20.57 -12.36 13.51
N SER C 535 -20.70 -11.19 12.88
CA SER C 535 -21.67 -10.19 13.30
C SER C 535 -22.11 -9.41 12.06
N SER C 536 -23.29 -9.74 11.54
CA SER C 536 -23.80 -9.03 10.38
C SER C 536 -24.05 -7.56 10.69
N LEU C 537 -24.57 -7.26 11.89
CA LEU C 537 -24.86 -5.89 12.26
C LEU C 537 -23.60 -5.04 12.27
N VAL C 538 -22.51 -5.56 12.85
CA VAL C 538 -21.27 -4.80 12.92
C VAL C 538 -20.69 -4.61 11.53
N TRP C 539 -20.76 -5.63 10.68
CA TRP C 539 -20.23 -5.49 9.33
C TRP C 539 -21.01 -4.43 8.54
N LEU C 540 -22.33 -4.45 8.65
CA LEU C 540 -23.13 -3.43 7.96
C LEU C 540 -22.82 -2.04 8.50
N PHE C 541 -22.69 -1.91 9.82
CA PHE C 541 -22.33 -0.63 10.38
C PHE C 541 -20.98 -0.16 9.87
N SER C 542 -20.01 -1.07 9.78
CA SER C 542 -18.69 -0.68 9.28
C SER C 542 -18.78 -0.22 7.84
N GLN C 543 -19.59 -0.88 7.02
CA GLN C 543 -19.78 -0.43 5.65
C GLN C 543 -20.31 1.00 5.62
N LEU C 544 -21.39 1.26 6.37
CA LEU C 544 -21.96 2.60 6.37
C LEU C 544 -20.96 3.62 6.88
N TYR C 545 -20.28 3.29 7.97
CA TYR C 545 -19.33 4.21 8.60
C TYR C 545 -18.21 4.58 7.64
N LEU C 546 -17.56 3.58 7.05
CA LEU C 546 -16.43 3.85 6.17
C LEU C 546 -16.87 4.58 4.91
N TYR C 547 -17.91 4.09 4.24
CA TYR C 547 -18.33 4.73 2.99
C TYR C 547 -18.75 6.17 3.24
N SER C 548 -19.54 6.42 4.28
CA SER C 548 -19.98 7.79 4.54
C SER C 548 -18.81 8.69 4.89
N PHE C 549 -17.90 8.23 5.75
CA PHE C 549 -16.75 9.07 6.12
C PHE C 549 -15.93 9.43 4.88
N ILE C 550 -15.56 8.43 4.09
CA ILE C 550 -14.68 8.68 2.96
C ILE C 550 -15.38 9.57 1.93
N SER C 551 -16.66 9.29 1.64
CA SER C 551 -17.36 10.09 0.65
C SER C 551 -17.50 11.53 1.10
N LEU C 552 -17.87 11.74 2.37
CA LEU C 552 -18.01 13.10 2.87
C LEU C 552 -16.69 13.86 2.77
N PHE C 553 -15.59 13.22 3.16
CA PHE C 553 -14.33 13.97 3.20
C PHE C 553 -13.74 14.17 1.81
N ILE C 554 -13.94 13.24 0.89
CA ILE C 554 -13.33 13.36 -0.43
C ILE C 554 -14.17 14.22 -1.37
N TYR C 555 -15.50 14.10 -1.33
CA TYR C 555 -16.32 14.89 -2.23
C TYR C 555 -16.48 16.33 -1.77
N MET C 556 -16.52 16.57 -0.47
CA MET C 556 -16.96 17.86 0.07
C MET C 556 -15.86 18.64 0.77
N VAL C 557 -15.15 18.03 1.72
CA VAL C 557 -14.20 18.77 2.57
C VAL C 557 -13.00 19.22 1.74
N LEU C 558 -12.33 18.27 1.08
CA LEU C 558 -11.17 18.60 0.27
C LEU C 558 -11.52 19.57 -0.84
N SER C 559 -12.71 19.39 -1.44
CA SER C 559 -13.18 20.33 -2.44
C SER C 559 -13.30 21.73 -1.87
N LEU C 560 -13.75 21.84 -0.62
CA LEU C 560 -13.91 23.18 -0.04
C LEU C 560 -12.55 23.83 0.23
N PHE C 561 -11.56 23.03 0.66
CA PHE C 561 -10.21 23.59 0.78
C PHE C 561 -9.73 24.11 -0.57
N ILE C 562 -9.97 23.36 -1.63
CA ILE C 562 -9.60 23.81 -2.97
C ILE C 562 -10.31 25.13 -3.31
N ALA C 563 -11.60 25.21 -2.98
CA ALA C 563 -12.36 26.42 -3.30
C ALA C 563 -11.82 27.62 -2.52
N LEU C 564 -11.44 27.43 -1.26
CA LEU C 564 -10.89 28.53 -0.48
C LEU C 564 -9.60 29.05 -1.11
N ILE C 565 -8.72 28.13 -1.50
CA ILE C 565 -7.46 28.55 -2.12
C ILE C 565 -7.73 29.25 -3.45
N THR C 566 -8.66 28.73 -4.24
CA THR C 566 -8.96 29.35 -5.53
C THR C 566 -9.54 30.75 -5.36
N GLY C 567 -10.44 30.92 -4.38
CA GLY C 567 -11.00 32.23 -4.13
C GLY C 567 -9.95 33.22 -3.67
N ALA C 568 -9.05 32.79 -2.79
CA ALA C 568 -7.94 33.65 -2.38
C ALA C 568 -7.09 34.06 -3.58
N TYR C 569 -6.80 33.10 -4.47
CA TYR C 569 -5.97 33.42 -5.63
C TYR C 569 -6.68 34.43 -6.53
N ASP C 570 -7.99 34.25 -6.73
CA ASP C 570 -8.73 35.22 -7.54
C ASP C 570 -8.71 36.60 -6.91
N THR C 571 -8.87 36.67 -5.59
CA THR C 571 -8.82 37.96 -4.92
C THR C 571 -7.45 38.62 -5.12
N ILE C 572 -6.37 37.85 -5.02
CA ILE C 572 -5.04 38.42 -5.22
C ILE C 572 -4.85 38.88 -6.66
N LYS C 573 -5.29 38.08 -7.62
CA LYS C 573 -5.04 38.39 -9.03
C LYS C 573 -5.93 39.51 -9.55
N HIS C 574 -7.11 39.70 -8.97
CA HIS C 574 -8.06 40.71 -9.42
C HIS C 574 -8.51 41.53 -8.22
N PRO C 575 -7.65 42.42 -7.72
CA PRO C 575 -8.01 43.25 -6.56
C PRO C 575 -9.23 44.13 -6.81
N LEU D 89 -47.49 39.35 17.09
CA LEU D 89 -47.23 38.14 16.31
C LEU D 89 -45.92 38.29 15.54
N ARG D 90 -45.72 39.46 14.93
CA ARG D 90 -44.46 39.70 14.25
C ARG D 90 -43.29 39.75 15.24
N ARG D 91 -43.49 40.38 16.40
CA ARG D 91 -42.42 40.45 17.38
C ARG D 91 -42.11 39.06 17.93
N ARG D 92 -43.13 38.27 18.26
CA ARG D 92 -42.88 36.93 18.78
C ARG D 92 -42.18 36.06 17.75
N LEU D 93 -42.60 36.14 16.49
CA LEU D 93 -41.92 35.40 15.43
C LEU D 93 -40.47 35.82 15.31
N LYS D 94 -40.21 37.13 15.29
CA LYS D 94 -38.84 37.60 15.16
C LYS D 94 -37.99 37.17 16.34
N TYR D 95 -38.58 37.08 17.53
CA TYR D 95 -37.85 36.57 18.68
C TYR D 95 -37.56 35.08 18.52
N PHE D 96 -38.50 34.33 17.96
CA PHE D 96 -38.30 32.88 17.83
C PHE D 96 -37.13 32.55 16.92
N PHE D 97 -36.69 33.51 16.09
CA PHE D 97 -35.63 33.27 15.12
C PHE D 97 -34.34 34.01 15.46
N MET D 98 -34.26 34.64 16.62
CA MET D 98 -33.02 35.32 17.00
C MET D 98 -31.97 34.32 17.44
N SER D 99 -30.71 34.77 17.40
CA SER D 99 -29.58 34.00 17.87
C SER D 99 -29.51 34.06 19.39
N PRO D 100 -28.72 33.17 20.02
CA PRO D 100 -28.69 33.15 21.48
C PRO D 100 -28.32 34.48 22.12
N CYS D 101 -27.34 35.18 21.54
CA CYS D 101 -26.98 36.49 22.07
C CYS D 101 -28.12 37.49 21.90
N ASP D 102 -28.77 37.47 20.73
CA ASP D 102 -29.90 38.35 20.51
C ASP D 102 -31.04 38.04 21.48
N LYS D 103 -31.31 36.76 21.72
CA LYS D 103 -32.34 36.39 22.67
C LYS D 103 -31.99 36.87 24.07
N PHE D 104 -30.72 36.72 24.46
CA PHE D 104 -30.28 37.16 25.78
C PHE D 104 -30.44 38.66 25.93
N ARG D 105 -30.11 39.43 24.89
CA ARG D 105 -30.32 40.87 24.94
C ARG D 105 -31.80 41.20 25.02
N ALA D 106 -32.63 40.48 24.25
CA ALA D 106 -34.04 40.83 24.13
C ALA D 106 -34.81 40.55 25.41
N LYS D 107 -34.56 39.40 26.04
CA LYS D 107 -35.32 39.00 27.21
C LYS D 107 -34.48 38.74 28.46
N GLY D 108 -33.17 38.55 28.31
CA GLY D 108 -32.31 38.42 29.47
C GLY D 108 -32.29 37.04 30.11
N ARG D 109 -33.06 36.09 29.59
CA ARG D 109 -33.05 34.74 30.14
C ARG D 109 -31.65 34.15 30.00
N LYS D 110 -31.15 33.58 31.09
CA LYS D 110 -29.84 32.94 31.04
C LYS D 110 -29.94 31.68 30.18
N PRO D 111 -29.06 31.49 29.19
CA PRO D 111 -29.22 30.35 28.30
C PRO D 111 -28.89 29.04 29.00
N CYS D 112 -29.93 28.28 29.34
CA CYS D 112 -29.71 27.01 30.03
C CYS D 112 -29.39 25.89 29.06
N LYS D 113 -29.99 25.93 27.87
CA LYS D 113 -29.82 24.84 26.93
C LYS D 113 -28.39 24.74 26.43
N LEU D 114 -27.73 25.88 26.17
CA LEU D 114 -26.36 25.82 25.65
C LEU D 114 -25.40 25.23 26.67
N MET D 115 -25.48 25.68 27.93
CA MET D 115 -24.62 25.12 28.96
C MET D 115 -24.94 23.65 29.17
N LEU D 116 -26.22 23.29 29.13
CA LEU D 116 -26.61 21.90 29.25
C LEU D 116 -26.00 21.07 28.12
N GLN D 117 -25.99 21.61 26.90
CA GLN D 117 -25.42 20.87 25.77
C GLN D 117 -23.92 20.69 25.92
N VAL D 118 -23.22 21.72 26.42
CA VAL D 118 -21.79 21.59 26.65
C VAL D 118 -21.52 20.50 27.69
N VAL D 119 -22.26 20.54 28.80
CA VAL D 119 -22.10 19.52 29.83
C VAL D 119 -22.41 18.14 29.27
N LYS D 120 -23.43 18.06 28.42
CA LYS D 120 -23.79 16.79 27.81
C LYS D 120 -22.65 16.25 26.96
N ILE D 121 -22.06 17.10 26.13
CA ILE D 121 -20.93 16.66 25.31
C ILE D 121 -19.85 16.10 26.20
N LEU D 122 -19.50 16.83 27.26
CA LEU D 122 -18.44 16.38 28.16
C LEU D 122 -18.75 15.02 28.76
N VAL D 123 -19.95 14.88 29.36
CA VAL D 123 -20.24 13.65 30.10
C VAL D 123 -20.39 12.47 29.16
N VAL D 124 -21.03 12.67 28.01
CA VAL D 124 -21.19 11.58 27.05
C VAL D 124 -19.84 11.12 26.55
N THR D 125 -18.94 12.05 26.24
CA THR D 125 -17.60 11.66 25.78
C THR D 125 -16.84 10.91 26.87
N VAL D 126 -16.91 11.37 28.12
CA VAL D 126 -16.21 10.67 29.20
C VAL D 126 -16.78 9.28 29.39
N GLN D 127 -18.10 9.15 29.34
CA GLN D 127 -18.71 7.83 29.46
C GLN D 127 -18.22 6.90 28.36
N LEU D 128 -18.20 7.40 27.13
CA LEU D 128 -17.75 6.55 26.02
C LEU D 128 -16.29 6.14 26.21
N ILE D 129 -15.45 7.07 26.65
CA ILE D 129 -14.03 6.76 26.82
C ILE D 129 -13.84 5.68 27.88
N LEU D 130 -14.51 5.83 29.03
CA LEU D 130 -14.39 4.83 30.09
C LEU D 130 -14.90 3.47 29.61
N PHE D 131 -16.03 3.46 28.92
CA PHE D 131 -16.57 2.21 28.40
C PHE D 131 -15.59 1.53 27.45
N GLY D 132 -15.00 2.30 26.53
CA GLY D 132 -14.09 1.72 25.58
C GLY D 132 -12.83 1.20 26.23
N LEU D 133 -12.30 1.94 27.22
CA LEU D 133 -11.12 1.47 27.93
C LEU D 133 -11.41 0.17 28.65
N SER D 134 -12.61 0.03 29.23
CA SER D 134 -12.95 -1.21 29.91
C SER D 134 -13.14 -2.36 28.93
N ASN D 135 -13.74 -2.10 27.77
CA ASN D 135 -13.97 -3.17 26.81
C ASN D 135 -12.68 -3.63 26.15
N GLN D 136 -11.68 -2.74 26.03
CA GLN D 136 -10.42 -3.11 25.41
CA GLN D 136 -10.43 -3.13 25.39
C GLN D 136 -9.75 -4.25 26.17
N LEU D 137 -9.76 -4.18 27.50
CA LEU D 137 -9.11 -5.22 28.30
C LEU D 137 -9.77 -6.57 28.08
N ALA D 138 -11.10 -6.61 28.08
CA ALA D 138 -11.80 -7.87 27.87
C ALA D 138 -11.51 -8.43 26.47
N VAL D 139 -11.48 -7.55 25.47
CA VAL D 139 -11.18 -8.00 24.10
C VAL D 139 -9.79 -8.60 24.05
N THR D 140 -8.81 -7.92 24.66
CA THR D 140 -7.45 -8.44 24.67
C THR D 140 -7.37 -9.78 25.39
N PHE D 141 -8.07 -9.92 26.52
CA PHE D 141 -8.03 -11.17 27.24
C PHE D 141 -8.57 -12.32 26.38
N ARG D 142 -9.72 -12.11 25.75
CA ARG D 142 -10.30 -13.16 24.91
C ARG D 142 -9.38 -13.51 23.75
N GLU D 143 -8.83 -12.50 23.08
CA GLU D 143 -7.97 -12.76 21.93
C GLU D 143 -6.70 -13.49 22.32
N GLU D 144 -6.07 -13.09 23.43
CA GLU D 144 -4.86 -13.77 23.87
C GLU D 144 -5.13 -15.22 24.23
N ASN D 145 -6.24 -15.48 24.93
CA ASN D 145 -6.58 -16.85 25.25
C ASN D 145 -6.81 -17.67 23.99
N THR D 146 -7.46 -17.08 22.99
CA THR D 146 -7.73 -17.81 21.77
C THR D 146 -6.45 -18.11 21.00
N ILE D 147 -5.52 -17.16 20.97
CA ILE D 147 -4.23 -17.42 20.33
C ILE D 147 -3.50 -18.56 21.05
N ALA D 148 -3.52 -18.53 22.39
CA ALA D 148 -2.92 -19.62 23.13
C ALA D 148 -3.57 -20.95 22.79
N PHE D 149 -4.91 -20.97 22.66
CA PHE D 149 -5.59 -22.21 22.30
C PHE D 149 -5.16 -22.70 20.93
N ARG D 150 -5.02 -21.79 19.96
CA ARG D 150 -4.55 -22.21 18.65
C ARG D 150 -3.17 -22.84 18.73
N HIS D 151 -2.27 -22.23 19.50
CA HIS D 151 -0.93 -22.80 19.63
C HIS D 151 -0.95 -24.12 20.40
N LEU D 152 -1.89 -24.30 21.31
CA LEU D 152 -1.91 -25.50 22.14
C LEU D 152 -2.55 -26.69 21.41
N PHE D 153 -3.59 -26.45 20.62
CA PHE D 153 -4.44 -27.53 20.14
C PHE D 153 -4.30 -27.84 18.66
N LEU D 154 -3.78 -26.93 17.85
CA LEU D 154 -3.66 -27.13 16.40
C LEU D 154 -2.23 -27.58 16.08
N LEU D 155 -2.09 -28.82 15.62
CA LEU D 155 -0.78 -29.38 15.35
C LEU D 155 -0.08 -28.62 14.23
N GLY D 156 1.12 -28.12 14.51
CA GLY D 156 1.90 -27.42 13.50
C GLY D 156 1.42 -26.02 13.20
N TYR D 157 0.67 -25.40 14.10
CA TYR D 157 0.15 -24.06 13.87
C TYR D 157 1.25 -23.02 14.06
N SER D 158 1.20 -21.98 13.22
CA SER D 158 2.08 -20.83 13.37
C SER D 158 1.27 -19.56 13.11
N ASP D 159 1.74 -18.45 13.66
CA ASP D 159 1.03 -17.19 13.54
C ASP D 159 0.94 -16.77 12.07
N GLY D 160 -0.19 -16.20 11.70
CA GLY D 160 -0.42 -15.75 10.34
C GLY D 160 -0.87 -16.83 9.38
N ALA D 161 -1.08 -18.06 9.85
CA ALA D 161 -1.46 -19.18 9.00
C ALA D 161 -2.95 -19.47 9.05
N ASP D 162 -3.75 -18.60 9.66
CA ASP D 162 -5.15 -18.95 9.92
C ASP D 162 -5.90 -19.25 8.63
N ASP D 163 -5.68 -18.45 7.59
CA ASP D 163 -6.49 -18.58 6.39
C ASP D 163 -6.14 -19.82 5.58
N THR D 164 -4.87 -20.24 5.60
CA THR D 164 -4.42 -21.35 4.78
C THR D 164 -4.27 -22.66 5.54
N PHE D 165 -4.47 -22.66 6.86
CA PHE D 165 -4.27 -23.86 7.66
C PHE D 165 -5.25 -24.96 7.23
N ALA D 166 -4.71 -26.09 6.79
CA ALA D 166 -5.54 -27.16 6.26
C ALA D 166 -4.77 -28.47 6.27
N ALA D 167 -5.52 -29.56 6.17
CA ALA D 167 -4.96 -30.90 6.00
C ALA D 167 -5.16 -31.36 4.56
N TYR D 168 -4.25 -32.22 4.10
CA TYR D 168 -4.30 -32.71 2.72
C TYR D 168 -4.16 -34.22 2.61
N THR D 169 -3.88 -34.93 3.70
CA THR D 169 -3.79 -36.38 3.67
C THR D 169 -4.56 -36.94 4.86
N ARG D 170 -4.91 -38.22 4.75
CA ARG D 170 -5.66 -38.88 5.81
C ARG D 170 -4.86 -38.93 7.11
N GLU D 171 -3.56 -39.24 7.02
CA GLU D 171 -2.73 -39.27 8.21
C GLU D 171 -2.58 -37.88 8.82
N GLN D 172 -2.48 -36.84 8.00
CA GLN D 172 -2.45 -35.47 8.52
C GLN D 172 -3.70 -35.18 9.35
N LEU D 173 -4.87 -35.54 8.82
CA LEU D 173 -6.12 -35.26 9.51
C LEU D 173 -6.20 -36.04 10.83
N TYR D 174 -5.86 -37.33 10.78
CA TYR D 174 -5.87 -38.14 12.01
C TYR D 174 -4.92 -37.56 13.05
N GLN D 175 -3.71 -37.17 12.62
CA GLN D 175 -2.74 -36.63 13.56
C GLN D 175 -3.24 -35.33 14.18
N ALA D 176 -3.86 -34.46 13.38
CA ALA D 176 -4.40 -33.21 13.93
C ALA D 176 -5.46 -33.49 14.97
N ILE D 177 -6.39 -34.40 14.67
CA ILE D 177 -7.47 -34.71 15.61
C ILE D 177 -6.90 -35.29 16.91
N PHE D 178 -6.02 -36.27 16.79
CA PHE D 178 -5.49 -36.93 17.98
C PHE D 178 -4.62 -35.98 18.80
N HIS D 179 -3.87 -35.10 18.12
CA HIS D 179 -3.09 -34.10 18.84
C HIS D 179 -3.99 -33.17 19.64
N ALA D 180 -5.10 -32.71 19.03
CA ALA D 180 -6.01 -31.84 19.77
C ALA D 180 -6.55 -32.52 21.01
N VAL D 181 -6.99 -33.78 20.87
CA VAL D 181 -7.56 -34.47 22.04
C VAL D 181 -6.49 -34.73 23.10
N ASP D 182 -5.29 -35.12 22.68
CA ASP D 182 -4.22 -35.38 23.63
C ASP D 182 -3.82 -34.12 24.37
N GLN D 183 -3.77 -32.99 23.68
CA GLN D 183 -3.46 -31.71 24.33
C GLN D 183 -4.56 -31.32 25.31
N TYR D 184 -5.81 -31.57 24.96
CA TYR D 184 -6.90 -31.34 25.91
C TYR D 184 -6.67 -32.16 27.18
N LEU D 185 -6.26 -33.43 27.02
CA LEU D 185 -6.06 -34.27 28.20
C LEU D 185 -4.81 -33.87 28.97
N ALA D 186 -3.81 -33.29 28.32
CA ALA D 186 -2.57 -32.90 28.98
C ALA D 186 -2.57 -31.46 29.49
N LEU D 187 -3.62 -30.71 29.23
CA LEU D 187 -3.62 -29.26 29.50
C LEU D 187 -3.13 -28.86 30.89
N PRO D 188 -3.59 -29.46 31.99
CA PRO D 188 -3.13 -28.99 33.30
C PRO D 188 -1.63 -29.08 33.49
N ASP D 189 -0.96 -30.03 32.85
CA ASP D 189 0.48 -30.19 33.04
C ASP D 189 1.33 -29.29 32.16
N VAL D 190 0.81 -28.83 31.02
CA VAL D 190 1.64 -28.14 30.04
C VAL D 190 1.27 -26.67 29.88
N SER D 191 0.02 -26.29 30.12
CA SER D 191 -0.43 -24.94 29.79
C SER D 191 0.14 -23.91 30.76
N LEU D 192 0.42 -22.72 30.23
CA LEU D 192 0.81 -21.60 31.06
C LEU D 192 -0.38 -20.92 31.72
N GLY D 193 -1.59 -21.11 31.18
CA GLY D 193 -2.79 -20.64 31.84
C GLY D 193 -3.31 -21.64 32.86
N ARG D 194 -4.27 -21.18 33.65
CA ARG D 194 -4.93 -22.01 34.67
C ARG D 194 -6.37 -22.22 34.22
N TYR D 195 -6.69 -23.44 33.79
CA TYR D 195 -7.99 -23.76 33.24
C TYR D 195 -8.63 -24.89 34.03
N ALA D 196 -9.93 -24.76 34.26
CA ALA D 196 -10.73 -25.82 34.85
C ALA D 196 -11.59 -26.46 33.78
N TYR D 197 -11.77 -27.78 33.89
CA TYR D 197 -12.62 -28.51 32.97
C TYR D 197 -14.10 -28.27 33.29
N VAL D 198 -14.93 -28.42 32.26
CA VAL D 198 -16.38 -28.31 32.39
C VAL D 198 -16.98 -29.60 31.83
N ARG D 199 -17.89 -30.21 32.57
CA ARG D 199 -18.46 -31.50 32.23
C ARG D 199 -19.97 -31.38 32.03
N GLY D 200 -20.47 -32.09 31.02
CA GLY D 200 -21.91 -32.23 30.85
C GLY D 200 -22.59 -30.93 30.48
N GLY D 201 -23.78 -30.73 31.02
CA GLY D 201 -24.53 -29.50 30.81
C GLY D 201 -25.02 -29.25 29.39
N GLY D 202 -25.57 -30.27 28.75
CA GLY D 202 -26.21 -30.10 27.46
C GLY D 202 -25.41 -30.71 26.33
N ASP D 203 -25.95 -30.58 25.13
CA ASP D 203 -25.33 -31.15 23.94
C ASP D 203 -24.20 -30.25 23.45
N PRO D 204 -23.20 -30.84 22.78
CA PRO D 204 -23.10 -32.24 22.37
C PRO D 204 -22.53 -33.14 23.46
N TRP D 205 -22.34 -32.63 24.67
CA TRP D 205 -21.73 -33.41 25.74
C TRP D 205 -22.75 -34.26 26.46
N THR D 206 -22.34 -35.46 26.85
CA THR D 206 -23.12 -36.28 27.76
C THR D 206 -22.80 -35.84 29.19
N ASN D 207 -23.48 -36.45 30.16
CA ASN D 207 -23.49 -35.89 31.51
C ASN D 207 -22.08 -35.78 32.09
N GLY D 208 -21.26 -36.81 31.94
CA GLY D 208 -19.95 -36.85 32.54
C GLY D 208 -18.79 -36.49 31.64
N SER D 209 -19.04 -35.96 30.45
CA SER D 209 -18.00 -35.80 29.44
C SER D 209 -17.60 -34.34 29.29
N GLY D 210 -16.32 -34.12 29.07
CA GLY D 210 -15.80 -32.78 28.90
C GLY D 210 -15.51 -32.43 27.46
N LEU D 211 -15.23 -33.42 26.62
CA LEU D 211 -14.89 -33.16 25.23
C LEU D 211 -15.77 -34.03 24.32
N ALA D 212 -16.26 -33.43 23.25
CA ALA D 212 -17.08 -34.13 22.27
C ALA D 212 -16.36 -34.12 20.92
N LEU D 213 -16.08 -35.30 20.39
CA LEU D 213 -15.41 -35.45 19.10
C LEU D 213 -16.43 -36.05 18.14
N CYS D 214 -17.01 -35.21 17.28
CA CYS D 214 -18.17 -35.60 16.50
C CYS D 214 -17.83 -35.58 15.01
N GLN D 215 -18.30 -36.61 14.30
CA GLN D 215 -18.09 -36.79 12.88
C GLN D 215 -19.45 -36.79 12.18
N ARG D 216 -19.58 -35.94 11.15
CA ARG D 216 -20.82 -35.79 10.41
C ARG D 216 -20.60 -36.21 8.96
N TYR D 217 -21.42 -37.14 8.48
CA TYR D 217 -21.31 -37.67 7.12
C TYR D 217 -22.70 -37.87 6.54
N TYR D 218 -22.76 -38.35 5.30
CA TYR D 218 -24.03 -38.57 4.61
C TYR D 218 -24.61 -39.92 4.99
N HIS D 219 -25.94 -39.97 5.04
CA HIS D 219 -26.62 -41.20 5.43
C HIS D 219 -26.32 -42.33 4.46
N ARG D 220 -26.43 -42.07 3.17
CA ARG D 220 -25.99 -42.98 2.12
C ARG D 220 -25.05 -42.20 1.20
N GLY D 221 -23.89 -42.77 0.92
CA GLY D 221 -22.84 -42.00 0.28
C GLY D 221 -22.06 -42.68 -0.83
N HIS D 222 -22.67 -43.51 -1.66
CA HIS D 222 -21.92 -44.22 -2.68
C HIS D 222 -21.44 -43.24 -3.75
N VAL D 223 -20.12 -43.18 -3.95
CA VAL D 223 -19.51 -42.31 -4.95
C VAL D 223 -18.50 -43.15 -5.72
N ASP D 224 -18.67 -43.24 -7.04
CA ASP D 224 -17.79 -44.03 -7.91
C ASP D 224 -17.45 -43.18 -9.12
N PRO D 225 -16.43 -42.33 -9.02
CA PRO D 225 -16.05 -41.50 -10.18
C PRO D 225 -15.52 -42.31 -11.35
N ALA D 226 -15.06 -43.55 -11.13
CA ALA D 226 -14.58 -44.36 -12.23
C ALA D 226 -15.69 -44.61 -13.24
N ASN D 227 -16.90 -44.93 -12.78
CA ASN D 227 -18.05 -45.13 -13.64
C ASN D 227 -18.95 -43.91 -13.72
N ASP D 228 -18.50 -42.77 -13.17
CA ASP D 228 -19.29 -41.54 -13.20
C ASP D 228 -20.66 -41.75 -12.55
N THR D 229 -20.69 -42.45 -11.42
CA THR D 229 -21.94 -42.79 -10.76
C THR D 229 -21.91 -42.36 -9.31
N PHE D 230 -23.09 -42.07 -8.77
CA PHE D 230 -23.20 -41.77 -7.35
C PHE D 230 -24.64 -41.95 -6.89
N ASP D 231 -24.78 -42.42 -5.66
CA ASP D 231 -26.06 -42.65 -5.01
C ASP D 231 -25.95 -42.04 -3.61
N ILE D 232 -26.60 -40.90 -3.41
CA ILE D 232 -26.42 -40.09 -2.21
C ILE D 232 -27.76 -39.81 -1.57
N ASP D 233 -27.87 -40.12 -0.28
CA ASP D 233 -28.94 -39.59 0.55
C ASP D 233 -28.36 -38.45 1.36
N PRO D 234 -28.68 -37.19 1.06
CA PRO D 234 -27.92 -36.08 1.66
C PRO D 234 -28.22 -35.84 3.13
N MET D 235 -28.97 -36.72 3.77
CA MET D 235 -29.29 -36.54 5.18
C MET D 235 -28.05 -36.79 6.02
N VAL D 236 -27.74 -35.85 6.91
CA VAL D 236 -26.49 -35.86 7.67
C VAL D 236 -26.66 -36.67 8.94
N VAL D 237 -25.80 -37.67 9.11
CA VAL D 237 -25.71 -38.47 10.33
C VAL D 237 -24.54 -37.97 11.15
N THR D 238 -24.74 -37.86 12.46
CA THR D 238 -23.72 -37.43 13.41
C THR D 238 -23.40 -38.59 14.33
N ASP D 239 -22.11 -38.95 14.41
CA ASP D 239 -21.63 -39.96 15.34
C ASP D 239 -20.53 -39.33 16.16
N CYS D 240 -20.67 -39.32 17.49
CA CYS D 240 -19.80 -38.48 18.28
C CYS D 240 -19.31 -39.25 19.50
N ILE D 241 -18.01 -39.18 19.75
CA ILE D 241 -17.35 -39.85 20.86
C ILE D 241 -17.21 -38.86 22.02
N GLN D 242 -17.35 -39.37 23.24
CA GLN D 242 -17.32 -38.55 24.44
C GLN D 242 -16.05 -38.87 25.21
N VAL D 243 -15.32 -37.84 25.62
CA VAL D 243 -14.07 -37.97 26.35
C VAL D 243 -14.21 -37.25 27.67
N ASP D 244 -13.93 -37.96 28.76
CA ASP D 244 -13.89 -37.35 30.08
C ASP D 244 -12.52 -36.74 30.34
N PRO D 245 -12.45 -35.63 31.09
CA PRO D 245 -11.16 -35.07 31.45
C PRO D 245 -10.40 -36.03 32.35
N PRO D 246 -9.06 -35.93 32.40
CA PRO D 246 -8.27 -36.82 33.25
C PRO D 246 -8.62 -36.68 34.72
N SER D 264 -8.10 -45.33 25.64
CA SER D 264 -8.34 -44.26 24.68
C SER D 264 -9.32 -44.71 23.60
N SER D 265 -10.62 -44.60 23.89
CA SER D 265 -11.62 -44.98 22.90
C SER D 265 -11.55 -44.06 21.68
N TYR D 266 -11.32 -42.77 21.91
CA TYR D 266 -11.24 -41.83 20.79
C TYR D 266 -10.12 -42.20 19.83
N LYS D 267 -9.11 -42.93 20.28
CA LYS D 267 -8.04 -43.36 19.40
C LYS D 267 -8.51 -44.34 18.34
N ASN D 268 -9.69 -44.93 18.49
CA ASN D 268 -10.25 -45.86 17.52
C ASN D 268 -11.17 -45.16 16.53
N LEU D 269 -11.08 -43.85 16.40
CA LEU D 269 -11.89 -43.13 15.43
C LEU D 269 -11.61 -43.65 14.02
N THR D 270 -12.67 -43.88 13.25
CA THR D 270 -12.56 -44.32 11.87
C THR D 270 -13.41 -43.38 11.02
N LEU D 271 -12.76 -42.53 10.24
CA LEU D 271 -13.47 -41.52 9.47
C LEU D 271 -14.00 -42.10 8.16
N LYS D 272 -15.21 -41.67 7.80
CA LYS D 272 -15.84 -42.07 6.54
C LYS D 272 -15.50 -41.02 5.49
N PHE D 273 -14.28 -41.14 4.95
CA PHE D 273 -13.70 -40.07 4.16
C PHE D 273 -14.54 -39.74 2.93
N HIS D 274 -15.06 -40.77 2.26
CA HIS D 274 -15.72 -40.54 0.98
C HIS D 274 -17.05 -39.79 1.16
N LYS D 275 -17.72 -39.95 2.30
CA LYS D 275 -18.98 -39.27 2.56
C LYS D 275 -18.89 -38.33 3.76
N LEU D 276 -17.67 -37.98 4.18
CA LEU D 276 -17.49 -37.13 5.35
C LEU D 276 -17.91 -35.70 5.05
N VAL D 277 -18.71 -35.12 5.93
CA VAL D 277 -19.09 -33.72 5.83
C VAL D 277 -18.19 -32.83 6.68
N ASN D 278 -18.06 -33.13 7.97
CA ASN D 278 -17.07 -32.43 8.76
C ASN D 278 -16.76 -33.20 10.03
N VAL D 279 -15.73 -32.73 10.73
CA VAL D 279 -15.38 -33.22 12.05
C VAL D 279 -15.27 -32.02 12.98
N THR D 280 -15.82 -32.14 14.19
CA THR D 280 -15.77 -31.05 15.15
C THR D 280 -15.33 -31.58 16.51
N ILE D 281 -14.62 -30.73 17.23
CA ILE D 281 -14.22 -31.00 18.61
C ILE D 281 -14.76 -29.85 19.45
N HIS D 282 -15.55 -30.18 20.45
CA HIS D 282 -16.18 -29.20 21.33
C HIS D 282 -15.72 -29.43 22.76
N PHE D 283 -15.28 -28.37 23.43
CA PHE D 283 -15.03 -28.48 24.86
C PHE D 283 -15.02 -27.10 25.48
N ARG D 284 -15.22 -27.05 26.80
CA ARG D 284 -15.27 -25.79 27.53
C ARG D 284 -14.20 -25.75 28.60
N LEU D 285 -13.60 -24.57 28.77
CA LEU D 285 -12.60 -24.33 29.80
C LEU D 285 -12.99 -23.13 30.63
N LYS D 286 -12.82 -23.24 31.94
CA LYS D 286 -13.10 -22.14 32.87
C LYS D 286 -11.79 -21.52 33.32
N THR D 287 -11.73 -20.19 33.31
CA THR D 287 -10.57 -19.49 33.82
C THR D 287 -11.03 -18.22 34.53
N ILE D 288 -10.13 -17.64 35.31
CA ILE D 288 -10.38 -16.39 36.02
C ILE D 288 -9.51 -15.30 35.38
N ASN D 289 -10.13 -14.18 35.03
CA ASN D 289 -9.44 -13.06 34.40
C ASN D 289 -8.74 -12.25 35.49
N LEU D 290 -7.48 -12.60 35.76
CA LEU D 290 -6.73 -11.95 36.83
C LEU D 290 -6.28 -10.54 36.48
N GLN D 291 -6.01 -10.26 35.20
CA GLN D 291 -5.45 -8.97 34.85
C GLN D 291 -6.46 -7.83 35.03
N SER D 292 -7.73 -8.15 35.30
CA SER D 292 -8.69 -7.09 35.60
C SER D 292 -8.21 -6.23 36.75
N LEU D 293 -7.42 -6.79 37.67
CA LEU D 293 -6.83 -6.03 38.76
C LEU D 293 -6.03 -4.86 38.19
N ASN D 296 -8.70 -1.74 37.61
CA ASN D 296 -8.73 -2.06 39.03
C ASN D 296 -10.05 -2.72 39.42
N GLU D 297 -10.60 -3.52 38.52
CA GLU D 297 -11.86 -4.19 38.76
C GLU D 297 -11.66 -5.43 39.62
N ILE D 298 -12.73 -6.15 39.88
CA ILE D 298 -12.68 -7.46 40.52
C ILE D 298 -12.61 -8.51 39.42
N PRO D 299 -11.72 -9.50 39.51
CA PRO D 299 -11.68 -10.53 38.47
C PRO D 299 -13.02 -11.21 38.29
N ASP D 300 -13.38 -11.44 37.03
CA ASP D 300 -14.59 -12.15 36.67
C ASP D 300 -14.23 -13.51 36.09
N CYS D 301 -15.24 -14.39 36.01
CA CYS D 301 -15.03 -15.78 35.63
C CYS D 301 -15.44 -15.98 34.18
N TYR D 302 -14.53 -16.51 33.38
CA TYR D 302 -14.75 -16.75 31.96
C TYR D 302 -14.96 -18.24 31.73
N THR D 303 -15.92 -18.58 30.88
CA THR D 303 -16.05 -19.91 30.32
C THR D 303 -15.86 -19.78 28.81
N PHE D 304 -14.77 -20.34 28.31
CA PHE D 304 -14.52 -20.40 26.88
C PHE D 304 -15.10 -21.71 26.35
N SER D 305 -15.99 -21.61 25.38
CA SER D 305 -16.41 -22.77 24.61
C SER D 305 -15.58 -22.77 23.33
N VAL D 306 -14.81 -23.84 23.15
CA VAL D 306 -13.85 -23.98 22.07
C VAL D 306 -14.42 -24.99 21.08
N LEU D 307 -14.45 -24.58 19.81
CA LEU D 307 -14.89 -25.42 18.70
C LEU D 307 -13.75 -25.49 17.69
N ILE D 308 -13.28 -26.70 17.41
CA ILE D 308 -12.28 -26.95 16.38
C ILE D 308 -12.98 -27.66 15.23
N THR D 309 -12.92 -27.08 14.05
CA THR D 309 -13.62 -27.57 12.88
C THR D 309 -12.63 -28.03 11.82
N PHE D 310 -12.82 -29.26 11.34
CA PHE D 310 -12.17 -29.80 10.16
C PHE D 310 -13.25 -29.92 9.10
N ASP D 311 -13.24 -29.00 8.13
CA ASP D 311 -14.36 -28.78 7.23
C ASP D 311 -14.12 -29.44 5.88
N ASN D 312 -15.01 -30.37 5.51
CA ASN D 312 -14.92 -31.06 4.23
C ASN D 312 -16.14 -30.82 3.34
N LYS D 313 -16.85 -29.71 3.52
CA LYS D 313 -18.07 -29.50 2.76
C LYS D 313 -17.80 -29.31 1.28
N ALA D 314 -16.62 -28.80 0.92
CA ALA D 314 -16.27 -28.63 -0.48
C ALA D 314 -15.88 -29.94 -1.16
N HIS D 315 -15.50 -30.97 -0.39
CA HIS D 315 -15.14 -32.27 -0.93
C HIS D 315 -14.06 -32.14 -2.01
N SER D 316 -13.06 -31.29 -1.76
CA SER D 316 -12.08 -30.90 -2.77
C SER D 316 -10.70 -31.50 -2.54
N GLY D 317 -10.55 -32.39 -1.55
CA GLY D 317 -9.26 -32.90 -1.18
C GLY D 317 -8.49 -32.03 -0.22
N ARG D 318 -8.97 -30.83 0.08
CA ARG D 318 -8.36 -29.92 1.04
C ARG D 318 -9.36 -29.66 2.15
N ILE D 319 -8.96 -29.94 3.39
CA ILE D 319 -9.86 -29.79 4.53
C ILE D 319 -9.35 -28.68 5.44
N PRO D 320 -9.92 -27.48 5.38
CA PRO D 320 -9.47 -26.41 6.28
C PRO D 320 -9.75 -26.72 7.73
N ILE D 321 -8.86 -26.25 8.59
CA ILE D 321 -8.93 -26.44 10.03
C ILE D 321 -9.00 -25.08 10.70
N SER D 322 -9.97 -24.90 11.58
CA SER D 322 -10.10 -23.63 12.29
C SER D 322 -10.44 -23.89 13.75
N LEU D 323 -10.09 -22.92 14.60
CA LEU D 323 -10.44 -22.94 16.01
C LEU D 323 -11.17 -21.64 16.33
N GLU D 324 -12.31 -21.75 17.01
CA GLU D 324 -13.11 -20.59 17.39
C GLU D 324 -13.54 -20.71 18.84
N THR D 325 -13.72 -19.56 19.48
CA THR D 325 -14.10 -19.51 20.88
C THR D 325 -15.30 -18.59 21.08
N GLN D 326 -16.17 -18.98 22.00
CA GLN D 326 -17.19 -18.09 22.53
C GLN D 326 -16.97 -17.95 24.03
N ALA D 327 -16.92 -16.73 24.53
CA ALA D 327 -16.65 -16.47 25.94
C ALA D 327 -17.95 -16.07 26.64
N HIS D 328 -18.29 -16.80 27.70
CA HIS D 328 -19.39 -16.46 28.58
C HIS D 328 -18.80 -15.93 29.88
N ILE D 329 -19.10 -14.69 30.21
CA ILE D 329 -18.52 -14.02 31.36
C ILE D 329 -19.56 -13.94 32.46
N GLN D 330 -19.16 -14.26 33.69
CA GLN D 330 -20.03 -14.11 34.84
C GLN D 330 -19.20 -13.62 36.02
N GLU D 331 -19.89 -13.28 37.10
CA GLU D 331 -19.23 -12.90 38.33
C GLU D 331 -18.82 -14.16 39.09
N CYS D 332 -17.61 -14.15 39.63
CA CYS D 332 -17.13 -15.30 40.38
C CYS D 332 -17.86 -15.41 41.71
N LYS D 333 -18.07 -16.64 42.16
CA LYS D 333 -18.91 -16.88 43.32
C LYS D 333 -18.29 -16.29 44.58
N HIS D 334 -17.00 -16.52 44.80
CA HIS D 334 -16.30 -16.08 46.01
C HIS D 334 -15.06 -15.29 45.63
N PRO D 335 -15.23 -14.03 45.24
CA PRO D 335 -14.07 -13.17 44.97
C PRO D 335 -13.58 -12.49 46.23
N SER D 336 -12.26 -12.52 46.41
CA SER D 336 -11.61 -11.92 47.59
C SER D 336 -10.29 -11.30 47.13
N VAL D 337 -10.28 -9.98 47.00
CA VAL D 337 -9.07 -9.23 46.68
C VAL D 337 -8.69 -8.42 47.91
N PHE D 338 -7.49 -8.66 48.43
CA PHE D 338 -7.06 -8.01 49.65
C PHE D 338 -7.10 -6.49 49.52
N GLN D 339 -7.99 -5.85 50.26
CA GLN D 339 -8.12 -4.39 50.22
C GLN D 339 -8.43 -3.92 48.81
N SER D 344 -19.08 2.45 43.54
CA SER D 344 -20.22 2.50 42.62
C SER D 344 -20.21 3.81 41.83
N PHE D 345 -19.00 4.30 41.53
CA PHE D 345 -18.89 5.56 40.81
C PHE D 345 -19.28 5.41 39.34
N ARG D 346 -19.05 4.24 38.76
CA ARG D 346 -19.44 4.00 37.37
C ARG D 346 -20.94 4.09 37.21
N LEU D 347 -21.68 3.47 38.13
CA LEU D 347 -23.14 3.49 38.06
C LEU D 347 -23.67 4.90 38.34
N LEU D 348 -23.03 5.61 39.27
CA LEU D 348 -23.42 6.99 39.53
C LEU D 348 -23.22 7.86 38.30
N PHE D 349 -22.10 7.65 37.59
CA PHE D 349 -21.86 8.40 36.37
C PHE D 349 -22.88 8.06 35.30
N ASP D 350 -23.26 6.79 35.19
CA ASP D 350 -24.30 6.41 34.23
C ASP D 350 -25.62 7.11 34.56
N VAL D 351 -25.97 7.15 35.85
CA VAL D 351 -27.20 7.84 36.25
C VAL D 351 -27.11 9.32 35.91
N VAL D 352 -25.94 9.92 36.14
CA VAL D 352 -25.76 11.35 35.81
C VAL D 352 -25.96 11.56 34.32
N VAL D 353 -25.38 10.70 33.49
CA VAL D 353 -25.53 10.83 32.05
C VAL D 353 -27.00 10.71 31.66
N ILE D 354 -27.71 9.74 32.23
CA ILE D 354 -29.12 9.57 31.90
C ILE D 354 -29.91 10.82 32.30
N LEU D 355 -29.64 11.36 33.48
CA LEU D 355 -30.36 12.55 33.93
C LEU D 355 -30.09 13.75 33.01
N THR D 356 -28.83 13.95 32.63
CA THR D 356 -28.47 15.05 31.74
C THR D 356 -29.19 14.90 30.40
N CYS D 357 -29.17 13.70 29.83
CA CYS D 357 -29.82 13.49 28.54
C CYS D 357 -31.32 13.64 28.65
N SER D 358 -31.92 13.24 29.77
CA SER D 358 -33.36 13.42 29.94
C SER D 358 -33.73 14.90 30.04
N LEU D 359 -32.96 15.67 30.79
CA LEU D 359 -33.23 17.11 30.89
C LEU D 359 -33.10 17.77 29.52
N SER D 360 -32.03 17.45 28.79
CA SER D 360 -31.86 18.00 27.46
C SER D 360 -33.01 17.60 26.54
N PHE D 361 -33.46 16.34 26.63
CA PHE D 361 -34.58 15.89 25.82
C PHE D 361 -35.82 16.70 26.12
N LEU D 362 -36.11 16.92 27.40
CA LEU D 362 -37.32 17.67 27.77
C LEU D 362 -37.25 19.11 27.24
N LEU D 363 -36.11 19.77 27.41
CA LEU D 363 -35.99 21.14 26.94
C LEU D 363 -36.11 21.22 25.42
N CYS D 364 -35.46 20.31 24.70
CA CYS D 364 -35.55 20.32 23.25
C CYS D 364 -36.97 20.02 22.77
N ALA D 365 -37.66 19.10 23.45
CA ALA D 365 -39.04 18.81 23.09
C ALA D 365 -39.94 20.02 23.32
N ARG D 366 -39.73 20.74 24.43
CA ARG D 366 -40.50 21.95 24.65
C ARG D 366 -40.25 22.99 23.56
N SER D 367 -38.99 23.16 23.17
CA SER D 367 -38.67 24.10 22.09
C SER D 367 -39.36 23.69 20.79
N LEU D 368 -39.31 22.39 20.46
CA LEU D 368 -39.95 21.93 19.24
C LEU D 368 -41.46 22.15 19.27
N LEU D 369 -42.08 21.88 20.42
CA LEU D 369 -43.52 22.08 20.54
C LEU D 369 -43.89 23.55 20.37
N ARG D 370 -43.13 24.45 21.00
CA ARG D 370 -43.43 25.87 20.85
C ARG D 370 -43.21 26.33 19.41
N GLY D 371 -42.19 25.81 18.74
CA GLY D 371 -42.01 26.11 17.34
C GLY D 371 -43.19 25.66 16.50
N PHE D 372 -43.69 24.45 16.77
CA PHE D 372 -44.87 23.96 16.03
C PHE D 372 -46.08 24.83 16.28
N LEU D 373 -46.28 25.26 17.54
CA LEU D 373 -47.42 26.12 17.85
C LEU D 373 -47.32 27.44 17.09
N LEU D 374 -46.13 28.05 17.09
CA LEU D 374 -45.96 29.29 16.34
C LEU D 374 -46.18 29.07 14.86
N GLN D 375 -45.75 27.92 14.34
CA GLN D 375 -45.98 27.62 12.93
C GLN D 375 -47.47 27.57 12.63
N ASN D 376 -48.23 26.90 13.50
CA ASN D 376 -49.68 26.84 13.29
C ASN D 376 -50.30 28.23 13.33
N GLU D 377 -49.90 29.05 14.31
CA GLU D 377 -50.46 30.39 14.41
C GLU D 377 -50.14 31.21 13.17
N PHE D 378 -48.90 31.13 12.69
CA PHE D 378 -48.52 31.88 11.49
C PHE D 378 -49.32 31.42 10.28
N VAL D 379 -49.48 30.10 10.12
CA VAL D 379 -50.21 29.59 8.97
C VAL D 379 -51.66 30.06 9.03
N GLY D 380 -52.28 30.01 10.20
CA GLY D 380 -53.64 30.47 10.33
C GLY D 380 -53.79 31.95 10.04
N PHE D 381 -52.87 32.77 10.57
CA PHE D 381 -52.95 34.20 10.31
C PHE D 381 -52.78 34.51 8.84
N MET D 382 -51.85 33.82 8.16
CA MET D 382 -51.68 34.03 6.73
C MET D 382 -52.93 33.62 5.96
N TRP D 383 -53.55 32.50 6.35
CA TRP D 383 -54.79 32.09 5.69
C TRP D 383 -55.87 33.15 5.87
N ARG D 384 -55.96 33.73 7.08
CA ARG D 384 -56.87 34.84 7.28
C ARG D 384 -56.56 35.98 6.33
N GLN D 385 -55.29 36.40 6.27
CA GLN D 385 -54.90 37.45 5.34
C GLN D 385 -55.11 37.00 3.89
N ARG D 386 -54.79 35.75 3.59
CA ARG D 386 -54.92 35.22 2.24
C ARG D 386 -55.91 34.06 2.20
N TRP D 393 -43.43 22.48 2.79
CA TRP D 393 -42.02 22.80 2.62
C TRP D 393 -41.68 24.15 3.21
N GLU D 394 -42.63 25.10 3.10
CA GLU D 394 -42.45 26.41 3.70
C GLU D 394 -42.65 26.38 5.21
N ARG D 395 -43.37 25.38 5.72
CA ARG D 395 -43.61 25.28 7.15
C ARG D 395 -42.38 24.76 7.90
N LEU D 396 -41.59 23.89 7.26
CA LEU D 396 -40.43 23.31 7.92
C LEU D 396 -39.43 24.37 8.37
N GLU D 397 -39.58 25.62 7.90
CA GLU D 397 -38.70 26.68 8.38
C GLU D 397 -38.81 26.86 9.89
N PHE D 398 -39.94 26.46 10.48
CA PHE D 398 -40.09 26.53 11.93
C PHE D 398 -39.44 25.35 12.65
N VAL D 399 -39.14 24.26 11.95
CA VAL D 399 -38.51 23.10 12.56
C VAL D 399 -37.03 23.39 12.74
N ASN D 400 -36.54 23.25 13.97
CA ASN D 400 -35.13 23.42 14.28
C ASN D 400 -34.47 22.04 14.13
N GLY D 401 -33.74 21.85 13.04
CA GLY D 401 -33.12 20.56 12.80
C GLY D 401 -32.10 20.18 13.84
N TRP D 402 -31.38 21.16 14.39
CA TRP D 402 -30.41 20.87 15.43
C TRP D 402 -31.08 20.25 16.65
N TYR D 403 -32.31 20.68 16.96
CA TYR D 403 -33.03 20.10 18.09
C TYR D 403 -33.49 18.68 17.80
N ILE D 404 -33.86 18.38 16.56
CA ILE D 404 -34.17 17.00 16.21
C ILE D 404 -32.93 16.14 16.39
N LEU D 405 -31.77 16.64 15.94
CA LEU D 405 -30.53 15.90 16.14
C LEU D 405 -30.25 15.68 17.63
N LEU D 406 -30.44 16.72 18.43
CA LEU D 406 -30.17 16.61 19.87
C LEU D 406 -31.11 15.60 20.53
N VAL D 407 -32.39 15.61 20.15
CA VAL D 407 -33.34 14.67 20.73
C VAL D 407 -32.97 13.24 20.35
N THR D 408 -32.60 13.02 19.09
CA THR D 408 -32.15 11.70 18.66
C THR D 408 -30.95 11.25 19.47
N SER D 409 -29.99 12.16 19.66
CA SER D 409 -28.80 11.83 20.45
C SER D 409 -29.17 11.48 21.88
N ASP D 410 -30.09 12.23 22.48
CA ASP D 410 -30.51 11.95 23.85
C ASP D 410 -31.14 10.57 23.96
N VAL D 411 -32.01 10.22 23.02
CA VAL D 411 -32.66 8.90 23.06
C VAL D 411 -31.62 7.80 22.91
N LEU D 412 -30.72 7.94 21.94
CA LEU D 412 -29.70 6.93 21.73
C LEU D 412 -28.83 6.77 22.97
N THR D 413 -28.43 7.89 23.59
CA THR D 413 -27.59 7.82 24.77
C THR D 413 -28.31 7.13 25.92
N ILE D 414 -29.59 7.45 26.13
CA ILE D 414 -30.31 6.84 27.25
C ILE D 414 -30.44 5.33 27.05
N SER D 415 -30.81 4.91 25.83
CA SER D 415 -30.90 3.49 25.55
C SER D 415 -29.56 2.80 25.76
N GLY D 416 -28.49 3.39 25.21
CA GLY D 416 -27.19 2.79 25.33
C GLY D 416 -26.69 2.73 26.76
N THR D 417 -27.05 3.72 27.57
CA THR D 417 -26.62 3.72 28.97
C THR D 417 -27.38 2.67 29.76
N ILE D 418 -28.67 2.49 29.47
CA ILE D 418 -29.41 1.41 30.14
C ILE D 418 -28.77 0.06 29.80
N MET D 419 -28.48 -0.15 28.51
CA MET D 419 -27.84 -1.40 28.12
C MET D 419 -26.46 -1.54 28.75
N LYS D 420 -25.71 -0.44 28.85
CA LYS D 420 -24.39 -0.48 29.45
C LYS D 420 -24.47 -0.87 30.93
N ILE D 421 -25.46 -0.31 31.65
CA ILE D 421 -25.65 -0.69 33.04
C ILE D 421 -25.94 -2.18 33.13
N GLY D 422 -26.84 -2.67 32.28
CA GLY D 422 -27.13 -4.09 32.29
C GLY D 422 -25.92 -4.95 32.00
N ILE D 423 -25.09 -4.53 31.05
CA ILE D 423 -23.93 -5.32 30.64
C ILE D 423 -22.90 -5.35 31.76
N GLU D 424 -22.62 -4.20 32.37
CA GLU D 424 -21.59 -4.14 33.40
C GLU D 424 -21.97 -4.93 34.64
N ALA D 425 -23.25 -5.25 34.80
CA ALA D 425 -23.70 -6.12 35.88
C ALA D 425 -23.68 -7.60 35.48
N LYS D 426 -23.22 -7.91 34.28
CA LYS D 426 -23.21 -9.25 33.70
C LYS D 426 -24.60 -9.79 33.45
N ASN D 427 -25.63 -8.94 33.47
CA ASN D 427 -26.98 -9.38 33.15
C ASN D 427 -27.25 -9.40 31.65
N LEU D 428 -26.41 -8.76 30.85
CA LEU D 428 -26.58 -8.75 29.40
C LEU D 428 -25.22 -8.96 28.75
N ALA D 429 -25.26 -9.38 27.48
CA ALA D 429 -24.02 -9.60 26.73
C ALA D 429 -24.10 -9.00 25.32
N SER D 430 -25.00 -8.05 25.08
CA SER D 430 -25.16 -7.47 23.74
C SER D 430 -24.26 -6.24 23.61
N TYR D 431 -22.95 -6.52 23.50
CA TYR D 431 -21.98 -5.44 23.40
C TYR D 431 -22.13 -4.66 22.10
N ASP D 432 -22.45 -5.35 21.01
CA ASP D 432 -22.46 -4.69 19.70
C ASP D 432 -23.51 -3.59 19.64
N VAL D 433 -24.74 -3.90 20.04
CA VAL D 433 -25.81 -2.91 19.97
C VAL D 433 -25.54 -1.74 20.89
N CYS D 434 -25.10 -2.02 22.12
CA CYS D 434 -24.79 -0.95 23.06
C CYS D 434 -23.68 -0.04 22.54
N SER D 435 -22.63 -0.65 21.99
CA SER D 435 -21.52 0.15 21.46
C SER D 435 -21.98 0.99 20.28
N ILE D 436 -22.79 0.42 19.39
CA ILE D 436 -23.28 1.17 18.25
C ILE D 436 -24.13 2.36 18.72
N LEU D 437 -25.00 2.13 19.69
CA LEU D 437 -25.84 3.21 20.20
C LEU D 437 -24.99 4.33 20.78
N LEU D 438 -24.07 3.98 21.68
CA LEU D 438 -23.29 5.02 22.36
C LEU D 438 -22.36 5.74 21.39
N GLY D 439 -21.74 5.00 20.47
CA GLY D 439 -20.86 5.64 19.50
C GLY D 439 -21.60 6.56 18.55
N THR D 440 -22.76 6.12 18.05
CA THR D 440 -23.53 6.99 17.17
C THR D 440 -23.99 8.25 17.90
N SER D 441 -24.41 8.12 19.16
CA SER D 441 -24.83 9.31 19.90
C SER D 441 -23.65 10.26 20.12
N THR D 442 -22.47 9.73 20.42
CA THR D 442 -21.31 10.60 20.59
C THR D 442 -20.95 11.31 19.29
N LEU D 443 -20.99 10.58 18.17
CA LEU D 443 -20.79 11.20 16.86
C LEU D 443 -21.80 12.32 16.65
N LEU D 444 -23.07 12.09 17.02
CA LEU D 444 -24.10 13.09 16.80
C LEU D 444 -23.86 14.34 17.63
N VAL D 445 -23.49 14.20 18.90
CA VAL D 445 -23.27 15.39 19.72
C VAL D 445 -22.07 16.18 19.19
N TRP D 446 -21.00 15.48 18.80
CA TRP D 446 -19.84 16.20 18.30
C TRP D 446 -20.14 16.88 16.97
N VAL D 447 -21.03 16.31 16.16
CA VAL D 447 -21.48 17.00 14.96
C VAL D 447 -22.32 18.21 15.34
N GLY D 448 -23.21 18.06 16.32
CA GLY D 448 -24.04 19.16 16.76
C GLY D 448 -23.25 20.35 17.28
N VAL D 449 -22.00 20.13 17.66
CA VAL D 449 -21.13 21.25 18.01
C VAL D 449 -21.06 22.28 16.89
N ILE D 450 -21.31 21.87 15.64
CA ILE D 450 -21.24 22.79 14.50
C ILE D 450 -22.24 23.93 14.63
N ARG D 451 -23.35 23.69 15.33
CA ARG D 451 -24.37 24.73 15.51
C ARG D 451 -23.75 25.97 16.15
N TYR D 452 -22.86 25.78 17.11
CA TYR D 452 -22.26 26.92 17.79
C TYR D 452 -21.40 27.74 16.83
N LEU D 453 -20.67 27.05 15.95
CA LEU D 453 -19.86 27.75 14.96
C LEU D 453 -20.72 28.51 13.96
N THR D 454 -21.94 28.03 13.70
CA THR D 454 -22.79 28.76 12.75
C THR D 454 -23.13 30.17 13.24
N PHE D 455 -22.97 30.46 14.52
CA PHE D 455 -23.33 31.77 15.06
C PHE D 455 -22.31 32.85 14.73
N PHE D 456 -21.13 32.48 14.26
CA PHE D 456 -20.08 33.44 13.92
C PHE D 456 -19.92 33.48 12.41
N HIS D 457 -19.90 34.71 11.87
CA HIS D 457 -20.08 34.91 10.43
C HIS D 457 -19.05 34.15 9.61
N ASN D 458 -17.78 34.22 10.01
CA ASN D 458 -16.72 33.64 9.18
C ASN D 458 -16.82 32.12 9.10
N TYR D 459 -17.26 31.47 10.18
CA TYR D 459 -17.51 30.03 10.15
C TYR D 459 -18.82 29.69 9.43
N ASN D 460 -19.82 30.56 9.59
CA ASN D 460 -21.08 30.36 8.90
C ASN D 460 -20.92 30.39 7.39
N ILE D 461 -19.97 31.18 6.88
CA ILE D 461 -19.72 31.17 5.44
C ILE D 461 -19.42 29.74 4.96
N LEU D 462 -18.51 29.05 5.66
CA LEU D 462 -18.12 27.71 5.25
C LEU D 462 -19.25 26.70 5.44
N ILE D 463 -19.92 26.77 6.59
CA ILE D 463 -20.99 25.81 6.84
C ILE D 463 -22.13 25.99 5.84
N ALA D 464 -22.47 27.25 5.53
CA ALA D 464 -23.51 27.52 4.55
C ALA D 464 -23.09 27.07 3.16
N THR D 465 -21.81 27.20 2.82
CA THR D 465 -21.35 26.67 1.54
C THR D 465 -21.62 25.18 1.46
N LEU D 466 -21.25 24.44 2.50
CA LEU D 466 -21.50 23.00 2.49
C LEU D 466 -22.99 22.70 2.38
N ARG D 467 -23.82 23.44 3.12
CA ARG D 467 -25.26 23.20 3.10
C ARG D 467 -25.85 23.45 1.71
N VAL D 468 -25.45 24.54 1.05
N VAL D 468 -25.44 24.54 1.06
CA VAL D 468 -26.01 24.81 -0.27
CA VAL D 468 -25.93 24.86 -0.27
C VAL D 468 -25.47 23.82 -1.29
C VAL D 468 -25.47 23.82 -1.28
N ALA D 469 -24.25 23.29 -1.09
CA ALA D 469 -23.71 22.33 -2.04
C ALA D 469 -24.38 20.97 -1.92
N LEU D 470 -24.82 20.58 -0.71
CA LEU D 470 -25.22 19.21 -0.43
C LEU D 470 -26.27 18.65 -1.40
N PRO D 471 -27.35 19.35 -1.75
CA PRO D 471 -28.35 18.75 -2.65
C PRO D 471 -27.79 18.29 -3.99
N SER D 472 -27.01 19.15 -4.65
CA SER D 472 -26.43 18.77 -5.93
C SER D 472 -25.41 17.66 -5.77
N VAL D 473 -24.68 17.65 -4.65
CA VAL D 473 -23.74 16.56 -4.38
C VAL D 473 -24.50 15.23 -4.29
N MET D 474 -25.63 15.21 -3.60
CA MET D 474 -26.41 13.98 -3.48
C MET D 474 -26.98 13.54 -4.83
N ARG D 475 -27.49 14.48 -5.62
CA ARG D 475 -28.00 14.13 -6.95
C ARG D 475 -26.90 13.52 -7.81
N PHE D 476 -25.71 14.14 -7.80
CA PHE D 476 -24.61 13.57 -8.56
C PHE D 476 -24.19 12.23 -7.98
N CYS D 477 -24.39 12.01 -6.68
CA CYS D 477 -24.12 10.71 -6.10
C CYS D 477 -25.04 9.64 -6.69
N CYS D 478 -26.31 9.99 -6.92
CA CYS D 478 -27.21 9.04 -7.60
C CYS D 478 -26.72 8.73 -9.02
N CYS D 479 -26.39 9.79 -9.76
CA CYS D 479 -25.86 9.61 -11.11
C CYS D 479 -24.63 8.70 -11.11
N VAL D 480 -23.73 8.93 -10.16
CA VAL D 480 -22.53 8.11 -10.04
C VAL D 480 -22.89 6.69 -9.64
N ALA D 481 -23.92 6.53 -8.82
CA ALA D 481 -24.26 5.23 -8.29
C ALA D 481 -24.66 4.27 -9.40
N VAL D 482 -25.44 4.72 -10.36
CA VAL D 482 -25.89 3.79 -11.40
C VAL D 482 -24.68 3.27 -12.21
N ILE D 483 -23.78 4.17 -12.61
CA ILE D 483 -22.60 3.77 -13.38
C ILE D 483 -21.70 2.87 -12.55
N TYR D 484 -21.53 3.22 -11.28
CA TYR D 484 -20.71 2.42 -10.36
C TYR D 484 -21.26 1.01 -10.24
N LEU D 485 -22.57 0.88 -10.10
CA LEU D 485 -23.19 -0.44 -9.97
C LEU D 485 -23.01 -1.26 -11.25
N GLY D 486 -23.16 -0.62 -12.41
CA GLY D 486 -22.88 -1.32 -13.65
C GLY D 486 -21.47 -1.88 -13.69
N TYR D 487 -20.49 -1.05 -13.33
CA TYR D 487 -19.11 -1.52 -13.31
C TYR D 487 -18.92 -2.65 -12.31
N CYS D 488 -19.58 -2.55 -11.14
CA CYS D 488 -19.46 -3.60 -10.14
C CYS D 488 -19.94 -4.94 -10.69
N PHE D 489 -21.11 -4.95 -11.34
CA PHE D 489 -21.64 -6.19 -11.89
C PHE D 489 -20.72 -6.75 -12.96
N CYS D 490 -20.29 -5.90 -13.89
CA CYS D 490 -19.39 -6.36 -14.96
C CYS D 490 -18.12 -6.98 -14.37
N GLY D 491 -17.48 -6.28 -13.44
CA GLY D 491 -16.25 -6.78 -12.87
C GLY D 491 -16.45 -8.06 -12.11
N TRP D 492 -17.54 -8.17 -11.35
CA TRP D 492 -17.80 -9.39 -10.62
C TRP D 492 -17.95 -10.58 -11.55
N ILE D 493 -18.71 -10.43 -12.64
CA ILE D 493 -18.95 -11.57 -13.51
C ILE D 493 -17.71 -11.94 -14.30
N VAL D 494 -16.96 -10.95 -14.79
CA VAL D 494 -15.84 -11.25 -15.69
C VAL D 494 -14.57 -11.59 -14.93
N LEU D 495 -14.22 -10.79 -13.91
CA LEU D 495 -12.93 -10.93 -13.25
C LEU D 495 -12.98 -11.86 -12.03
N GLY D 496 -14.16 -12.07 -11.43
CA GLY D 496 -14.26 -12.90 -10.26
C GLY D 496 -13.63 -14.27 -10.39
N PRO D 497 -13.78 -14.95 -11.53
CA PRO D 497 -13.10 -16.24 -11.69
C PRO D 497 -11.57 -16.16 -11.66
N TYR D 498 -10.99 -14.99 -11.89
CA TYR D 498 -9.55 -14.86 -12.06
C TYR D 498 -8.86 -13.97 -11.03
N HIS D 499 -9.61 -13.24 -10.20
CA HIS D 499 -9.04 -12.20 -9.36
C HIS D 499 -9.58 -12.35 -7.95
N VAL D 500 -8.68 -12.35 -6.96
CA VAL D 500 -9.10 -12.56 -5.59
C VAL D 500 -9.96 -11.40 -5.10
N LYS D 501 -9.67 -10.17 -5.54
CA LYS D 501 -10.41 -9.01 -5.08
C LYS D 501 -11.79 -8.91 -5.70
N PHE D 502 -12.15 -9.76 -6.66
CA PHE D 502 -13.42 -9.66 -7.37
C PHE D 502 -14.33 -10.86 -7.11
N ARG D 503 -14.13 -11.56 -6.00
CA ARG D 503 -14.87 -12.81 -5.75
C ARG D 503 -16.33 -12.54 -5.42
N SER D 504 -16.61 -11.56 -4.58
CA SER D 504 -17.97 -11.23 -4.18
C SER D 504 -18.27 -9.78 -4.55
N LEU D 505 -19.57 -9.46 -4.56
CA LEU D 505 -19.98 -8.12 -4.98
C LEU D 505 -19.52 -7.05 -4.00
N SER D 506 -19.61 -7.32 -2.70
CA SER D 506 -19.14 -6.35 -1.72
C SER D 506 -17.63 -6.15 -1.84
N MET D 507 -16.88 -7.23 -2.09
CA MET D 507 -15.45 -7.10 -2.31
C MET D 507 -15.16 -6.31 -3.57
N VAL D 508 -15.93 -6.54 -4.64
CA VAL D 508 -15.74 -5.78 -5.88
C VAL D 508 -15.96 -4.29 -5.60
N SER D 509 -17.03 -3.96 -4.87
CA SER D 509 -17.30 -2.57 -4.56
C SER D 509 -16.17 -1.95 -3.73
N GLU D 510 -15.67 -2.68 -2.75
CA GLU D 510 -14.57 -2.17 -1.95
C GLU D 510 -13.34 -1.90 -2.82
N CYS D 511 -13.03 -2.83 -3.73
CA CYS D 511 -11.87 -2.65 -4.60
C CYS D 511 -12.05 -1.45 -5.51
N LEU D 512 -13.21 -1.30 -6.13
CA LEU D 512 -13.44 -0.17 -7.02
C LEU D 512 -13.41 1.16 -6.27
N PHE D 513 -14.01 1.20 -5.08
CA PHE D 513 -13.99 2.42 -4.29
C PHE D 513 -12.57 2.79 -3.90
N SER D 514 -11.75 1.79 -3.54
CA SER D 514 -10.35 2.06 -3.24
C SER D 514 -9.61 2.57 -4.47
N LEU D 515 -9.91 2.01 -5.65
CA LEU D 515 -9.27 2.47 -6.88
C LEU D 515 -9.62 3.93 -7.15
N ILE D 516 -10.87 4.32 -6.90
CA ILE D 516 -11.26 5.71 -7.10
C ILE D 516 -10.39 6.64 -6.27
N ASN D 517 -10.09 6.24 -5.04
CA ASN D 517 -9.26 7.02 -4.14
C ASN D 517 -7.77 6.76 -4.33
N GLY D 518 -7.38 6.02 -5.36
CA GLY D 518 -5.99 5.78 -5.65
C GLY D 518 -5.25 4.92 -4.65
N ASP D 519 -5.88 3.85 -4.17
CA ASP D 519 -5.26 2.92 -3.24
C ASP D 519 -5.28 1.52 -3.82
N ASP D 520 -4.18 0.81 -3.68
CA ASP D 520 -4.11 -0.62 -4.02
C ASP D 520 -4.33 -0.84 -5.52
N MET D 521 -3.79 0.07 -6.33
CA MET D 521 -4.05 0.04 -7.77
C MET D 521 -3.05 -0.88 -8.49
N PHE D 522 -1.77 -0.75 -8.15
CA PHE D 522 -0.76 -1.54 -8.84
C PHE D 522 -0.92 -3.03 -8.54
N VAL D 523 -1.28 -3.40 -7.31
CA VAL D 523 -1.46 -4.82 -7.00
C VAL D 523 -2.68 -5.37 -7.75
N THR D 524 -3.72 -4.54 -7.90
CA THR D 524 -4.86 -4.96 -8.71
C THR D 524 -4.44 -5.26 -10.14
N PHE D 525 -3.60 -4.39 -10.72
CA PHE D 525 -3.08 -4.67 -12.07
C PHE D 525 -2.18 -5.91 -12.08
N ALA D 526 -1.35 -6.06 -11.05
CA ALA D 526 -0.36 -7.14 -11.06
C ALA D 526 -1.02 -8.50 -10.91
N ALA D 527 -2.12 -8.59 -10.18
CA ALA D 527 -2.83 -9.85 -10.09
C ALA D 527 -3.31 -10.30 -11.46
N MET D 528 -3.78 -9.36 -12.28
CA MET D 528 -4.18 -9.70 -13.64
C MET D 528 -2.97 -9.98 -14.52
N GLN D 529 -1.82 -9.40 -14.20
CA GLN D 529 -0.63 -9.63 -15.02
C GLN D 529 -0.35 -11.11 -15.20
N ALA D 530 -0.57 -11.91 -14.17
CA ALA D 530 -0.34 -13.36 -14.27
C ALA D 530 -1.55 -14.08 -14.84
N GLN D 531 -2.11 -13.53 -15.91
CA GLN D 531 -3.08 -14.23 -16.73
C GLN D 531 -2.93 -13.89 -18.22
N GLN D 532 -1.92 -13.10 -18.59
CA GLN D 532 -1.76 -12.71 -19.98
C GLN D 532 -1.54 -13.90 -20.90
N GLY D 533 -1.14 -15.04 -20.35
CA GLY D 533 -0.97 -16.25 -21.14
C GLY D 533 -2.15 -17.19 -21.01
N ARG D 534 -2.72 -17.28 -19.82
CA ARG D 534 -3.85 -18.19 -19.62
C ARG D 534 -5.05 -17.78 -20.48
N SER D 535 -5.36 -16.48 -20.51
CA SER D 535 -6.48 -15.98 -21.30
C SER D 535 -6.14 -14.57 -21.75
N SER D 536 -5.74 -14.43 -23.02
CA SER D 536 -5.43 -13.11 -23.55
C SER D 536 -6.65 -12.22 -23.59
N LEU D 537 -7.80 -12.78 -23.95
CA LEU D 537 -9.03 -11.99 -24.03
C LEU D 537 -9.40 -11.41 -22.67
N VAL D 538 -9.31 -12.21 -21.62
CA VAL D 538 -9.68 -11.72 -20.30
C VAL D 538 -8.69 -10.66 -19.83
N TRP D 539 -7.40 -10.85 -20.10
CA TRP D 539 -6.42 -9.86 -19.68
C TRP D 539 -6.63 -8.54 -20.40
N LEU D 540 -6.91 -8.59 -21.70
CA LEU D 540 -7.19 -7.36 -22.45
C LEU D 540 -8.44 -6.68 -21.93
N PHE D 541 -9.49 -7.47 -21.65
CA PHE D 541 -10.70 -6.89 -21.10
C PHE D 541 -10.43 -6.23 -19.76
N SER D 542 -9.62 -6.87 -18.91
CA SER D 542 -9.30 -6.29 -17.62
C SER D 542 -8.55 -4.96 -17.79
N GLN D 543 -7.62 -4.90 -18.74
CA GLN D 543 -6.95 -3.64 -19.02
C GLN D 543 -7.94 -2.55 -19.38
N LEU D 544 -8.83 -2.84 -20.33
CA LEU D 544 -9.81 -1.83 -20.75
C LEU D 544 -10.70 -1.42 -19.58
N TYR D 545 -11.18 -2.41 -18.82
CA TYR D 545 -12.09 -2.17 -17.72
C TYR D 545 -11.46 -1.28 -16.66
N LEU D 546 -10.27 -1.65 -16.19
CA LEU D 546 -9.62 -0.88 -15.14
C LEU D 546 -9.23 0.51 -15.62
N TYR D 547 -8.58 0.61 -16.79
CA TYR D 547 -8.15 1.93 -17.25
C TYR D 547 -9.33 2.85 -17.46
N SER D 548 -10.40 2.36 -18.10
CA SER D 548 -11.55 3.22 -18.35
C SER D 548 -12.22 3.63 -17.05
N PHE D 549 -12.43 2.70 -16.11
CA PHE D 549 -13.07 3.06 -14.85
C PHE D 549 -12.26 4.13 -14.12
N ILE D 550 -10.96 3.90 -13.95
CA ILE D 550 -10.15 4.82 -13.16
C ILE D 550 -10.08 6.18 -13.85
N SER D 551 -9.88 6.19 -15.17
CA SER D 551 -9.79 7.47 -15.88
C SER D 551 -11.09 8.25 -15.80
N LEU D 552 -12.22 7.57 -16.00
CA LEU D 552 -13.50 8.25 -15.93
C LEU D 552 -13.73 8.85 -14.55
N PHE D 553 -13.43 8.09 -13.50
CA PHE D 553 -13.75 8.59 -12.17
C PHE D 553 -12.76 9.65 -11.70
N ILE D 554 -11.50 9.58 -12.09
CA ILE D 554 -10.51 10.53 -11.60
C ILE D 554 -10.52 11.82 -12.43
N TYR D 555 -10.67 11.73 -13.75
CA TYR D 555 -10.65 12.95 -14.56
C TYR D 555 -11.96 13.72 -14.51
N MET D 556 -13.09 13.02 -14.37
CA MET D 556 -14.39 13.63 -14.61
C MET D 556 -15.26 13.72 -13.35
N VAL D 557 -15.44 12.62 -12.63
CA VAL D 557 -16.40 12.58 -11.52
C VAL D 557 -15.91 13.45 -10.36
N LEU D 558 -14.69 13.16 -9.87
CA LEU D 558 -14.15 13.93 -8.75
C LEU D 558 -14.01 15.40 -9.13
N SER D 559 -13.65 15.68 -10.37
CA SER D 559 -13.59 17.06 -10.83
C SER D 559 -14.95 17.72 -10.73
N LEU D 560 -16.03 17.00 -11.05
CA LEU D 560 -17.35 17.61 -10.97
C LEU D 560 -17.75 17.87 -9.52
N PHE D 561 -17.39 16.98 -8.59
CA PHE D 561 -17.64 17.28 -7.19
C PHE D 561 -16.91 18.56 -6.77
N ILE D 562 -15.66 18.72 -7.21
CA ILE D 562 -14.92 19.93 -6.93
C ILE D 562 -15.65 21.15 -7.50
N ALA D 563 -16.14 21.03 -8.74
CA ALA D 563 -16.83 22.15 -9.37
C ALA D 563 -18.10 22.52 -8.63
N LEU D 564 -18.85 21.54 -8.14
CA LEU D 564 -20.06 21.81 -7.39
C LEU D 564 -19.74 22.59 -6.12
N ILE D 565 -18.71 22.14 -5.40
CA ILE D 565 -18.34 22.85 -4.17
C ILE D 565 -17.87 24.25 -4.48
N THR D 566 -17.07 24.42 -5.54
CA THR D 566 -16.57 25.75 -5.89
C THR D 566 -17.71 26.69 -6.29
N GLY D 567 -18.67 26.18 -7.06
CA GLY D 567 -19.81 27.00 -7.42
C GLY D 567 -20.64 27.41 -6.22
N ALA D 568 -20.87 26.48 -5.29
CA ALA D 568 -21.56 26.83 -4.05
C ALA D 568 -20.81 27.92 -3.29
N TYR D 569 -19.48 27.79 -3.20
CA TYR D 569 -18.70 28.78 -2.47
C TYR D 569 -18.81 30.15 -3.13
N ASP D 570 -18.75 30.19 -4.46
CA ASP D 570 -18.90 31.46 -5.17
C ASP D 570 -20.27 32.07 -4.92
N THR D 571 -21.32 31.24 -4.93
CA THR D 571 -22.65 31.75 -4.66
C THR D 571 -22.73 32.35 -3.25
N ILE D 572 -22.13 31.69 -2.27
CA ILE D 572 -22.15 32.21 -0.91
C ILE D 572 -21.36 33.51 -0.81
N LYS D 573 -20.19 33.56 -1.44
CA LYS D 573 -19.32 34.73 -1.29
C LYS D 573 -19.80 35.93 -2.09
N HIS D 574 -20.53 35.71 -3.17
CA HIS D 574 -21.02 36.78 -4.04
C HIS D 574 -22.51 36.61 -4.27
N PRO D 575 -23.33 36.91 -3.26
CA PRO D 575 -24.79 36.77 -3.39
C PRO D 575 -25.36 37.62 -4.53
C1 NAG E . 8.69 -28.32 -23.11
C2 NAG E . 7.44 -27.41 -23.09
C3 NAG E . 6.83 -27.25 -24.49
C4 NAG E . 7.91 -26.90 -25.49
C5 NAG E . 8.92 -28.05 -25.49
C6 NAG E . 10.04 -27.93 -26.49
C7 NAG E . 5.79 -27.33 -21.22
C8 NAG E . 6.16 -25.89 -20.94
N2 NAG E . 6.43 -27.96 -22.23
O3 NAG E . 5.84 -26.26 -24.43
O4 NAG E . 7.30 -26.63 -26.75
O5 NAG E . 9.51 -28.06 -24.22
O6 NAG E . 10.71 -26.70 -26.28
O7 NAG E . 4.93 -27.87 -20.55
C1 NAG E . 6.64 -27.77 -27.33
C2 NAG E . 5.61 -27.28 -28.36
C3 NAG E . 4.97 -28.46 -29.07
C4 NAG E . 6.01 -29.45 -29.58
C5 NAG E . 6.97 -29.81 -28.45
C6 NAG E . 8.10 -30.74 -28.87
C7 NAG E . 4.45 -25.15 -27.75
C8 NAG E . 5.50 -24.36 -28.49
N2 NAG E . 4.59 -26.49 -27.74
O3 NAG E . 4.18 -27.94 -30.11
O4 NAG E . 5.30 -30.58 -30.05
O5 NAG E . 7.55 -28.62 -27.97
O6 NAG E . 8.96 -30.06 -29.75
O7 NAG E . 3.53 -24.58 -27.19
C1 NAG F . 36.99 -5.89 2.85
C2 NAG F . 36.19 -5.19 1.74
C3 NAG F . 37.02 -4.12 1.02
C4 NAG F . 37.71 -3.21 2.03
C5 NAG F . 38.61 -4.10 2.87
C6 NAG F . 39.44 -3.37 3.91
C7 NAG F . 34.50 -6.34 0.31
C8 NAG F . 33.41 -5.46 0.89
N2 NAG F . 35.75 -6.14 0.76
O3 NAG F . 36.18 -3.40 0.16
O4 NAG F . 38.36 -2.16 1.34
O5 NAG F . 37.78 -4.98 3.59
O6 NAG F . 38.59 -2.62 4.73
O7 NAG F . 34.22 -7.17 -0.53
C1 NAG F . 39.42 -2.61 0.48
C2 NAG F . 39.70 -1.53 -0.57
C3 NAG F . 40.91 -1.92 -1.42
C4 NAG F . 42.10 -2.34 -0.56
C5 NAG F . 41.65 -3.38 0.45
C6 NAG F . 42.73 -3.84 1.41
C7 NAG F . 37.68 -0.32 -1.40
C8 NAG F . 37.87 0.74 -0.34
N2 NAG F . 38.57 -1.33 -1.44
O3 NAG F . 41.22 -0.81 -2.24
O4 NAG F . 43.07 -2.85 -1.45
O5 NAG F . 40.60 -2.84 1.22
O6 NAG F . 43.08 -2.77 2.25
O7 NAG F . 36.75 -0.25 -2.18
C1 NAG G . 7.46 -7.12 36.13
C2 NAG G . 7.70 -5.84 35.32
C3 NAG G . 7.67 -4.58 36.19
C4 NAG G . 6.43 -4.58 37.07
C5 NAG G . 6.51 -5.83 37.94
C6 NAG G . 5.40 -6.00 38.95
C7 NAG G . 9.27 -5.70 33.36
C8 NAG G . 8.10 -5.41 32.45
N2 NAG G . 8.99 -5.89 34.66
O3 NAG G . 7.70 -3.45 35.35
O4 NAG G . 6.36 -3.35 37.78
O5 NAG G . 6.44 -6.94 37.08
O6 NAG G . 4.17 -5.97 38.28
O7 NAG G . 10.40 -5.76 32.91
C1 NAG G . 7.45 -3.15 38.68
C2 NAG G . 7.58 -1.65 39.00
C3 NAG G . 8.67 -1.41 40.03
C4 NAG G . 8.49 -2.30 41.25
C5 NAG G . 8.31 -3.77 40.80
C6 NAG G . 8.03 -4.73 41.92
C7 NAG G . 7.06 -0.15 37.06
C8 NAG G . 5.61 -0.08 37.50
N2 NAG G . 7.89 -0.91 37.80
O3 NAG G . 8.61 -0.05 40.38
O4 NAG G . 9.64 -2.14 42.04
O5 NAG G . 7.23 -3.82 39.90
O6 NAG G . 6.74 -4.48 42.44
O7 NAG G . 7.43 0.44 36.06
C1 NAG H . -20.85 -29.56 10.15
C2 NAG H . -21.05 -28.06 10.47
C3 NAG H . -22.52 -27.71 10.67
C4 NAG H . -23.36 -28.28 9.54
C5 NAG H . -23.17 -29.79 9.56
C6 NAG H . -23.99 -30.56 8.54
C7 NAG H . -19.46 -26.69 11.82
C8 NAG H . -19.15 -25.84 10.61
N2 NAG H . -20.34 -27.70 11.67
O3 NAG H . -22.65 -26.32 10.74
O4 NAG H . -24.70 -27.83 9.68
O5 NAG H . -21.82 -30.04 9.26
O6 NAG H . -23.70 -30.07 7.26
O7 NAG H . -18.91 -26.46 12.88
C1 NAG H . -25.34 -28.30 10.88
C2 NAG H . -26.53 -27.40 11.20
C3 NAG H . -27.31 -27.94 12.39
C4 NAG H . -27.63 -29.42 12.23
C5 NAG H . -26.36 -30.19 11.87
C6 NAG H . -26.57 -31.66 11.61
C7 NAG H . -26.16 -24.98 10.70
C8 NAG H . -26.75 -25.16 9.32
N2 NAG H . -26.10 -26.06 11.49
O3 NAG H . -28.47 -27.16 12.51
O4 NAG H . -28.18 -29.86 13.46
O5 NAG H . -25.82 -29.62 10.70
O6 NAG H . -27.32 -31.82 10.45
O7 NAG H . -25.76 -23.88 11.05
C1 OCT I . -38.85 16.54 -10.11
C2 OCT I . -38.62 15.82 -8.79
C3 OCT I . -37.22 15.21 -8.69
C4 OCT I . -37.06 13.95 -9.53
C5 OCT I . -36.24 12.87 -8.83
C6 OCT I . -35.84 11.73 -9.75
C7 OCT I . -35.54 10.42 -9.03
C8 OCT I . -34.38 10.51 -8.06
C1 OCT J . -28.74 11.35 -27.81
C2 OCT J . -28.15 11.99 -26.56
C3 OCT J . -26.83 11.35 -26.15
C4 OCT J . -26.96 9.94 -25.60
C5 OCT J . -25.84 9.02 -26.05
C6 OCT J . -25.67 7.79 -25.17
C7 OCT J . -24.90 8.07 -23.89
C8 OCT J . -24.24 6.81 -23.32
C1 D12 K . -10.81 11.06 -29.77
C2 D12 K . -10.23 12.39 -29.31
C3 D12 K . -10.97 13.59 -29.88
C4 D12 K . -12.47 13.56 -29.62
C5 D12 K . -13.12 14.93 -29.63
C6 D12 K . -14.00 15.20 -30.85
C7 D12 K . -15.48 15.40 -30.53
C8 D12 K . -16.10 16.60 -31.25
C9 D12 K . -17.25 17.23 -30.47
C10 D12 K . -17.67 18.58 -31.02
C11 D12 K . -16.69 19.71 -30.73
C12 D12 K . -16.66 20.11 -29.26
C1 EUJ L . -43.82 4.62 -29.14
C2 EUJ L . -42.76 5.55 -28.56
C3 EUJ L . -42.28 6.53 -29.62
C4 EUJ L . -43.43 7.33 -30.19
C5 EUJ L . -44.50 6.41 -30.76
C6 EUJ L . -44.99 5.42 -29.71
O1 EUJ L . -44.32 3.75 -28.09
O2 EUJ L . -43.30 6.26 -27.45
O3 EUJ L . -41.33 7.46 -29.01
O4 EUJ L . -42.95 8.19 -31.21
O5 EUJ L . -45.65 7.22 -31.19
O6 EUJ L . -45.94 4.52 -30.28
P1 EUJ L . -43.61 2.35 -27.72
O11 EUJ L . -42.30 2.26 -28.45
O12 EUJ L . -43.60 2.20 -26.22
O13 EUJ L . -44.65 1.29 -28.34
P3 EUJ L . -39.81 7.08 -28.66
O31 EUJ L . -39.17 8.33 -28.08
O32 EUJ L . -39.84 5.94 -27.66
O33 EUJ L . -39.17 6.67 -29.97
P5 EUJ L . -46.03 7.40 -32.74
O51 EUJ L . -44.82 8.00 -33.44
O52 EUJ L . -47.22 8.34 -32.78
O53 EUJ L . -46.37 6.02 -33.27
C1A EUJ L . -46.30 -1.99 -27.78
C1B EUJ L . -45.96 -0.77 -31.32
C1C EUJ L . -45.98 1.16 -27.76
C2A EUJ L . -45.43 -3.20 -27.99
C2B EUJ L . -46.08 -1.96 -32.21
C2C EUJ L . -46.81 0.22 -28.59
C3A EUJ L . -45.85 -4.40 -27.19
C3B EUJ L . -44.76 -2.58 -32.55
C3C EUJ L . -47.13 0.76 -29.96
C4A EUJ L . -47.12 -5.05 -27.69
C4B EUJ L . -44.85 -4.03 -32.96
C5A EUJ L . -47.02 -5.65 -29.07
C5B EUJ L . -43.55 -4.79 -32.88
C6A EUJ L . -45.94 -6.70 -29.21
C6B EUJ L . -42.48 -4.30 -33.82
C7A EUJ L . -45.88 -7.36 -30.58
C7B EUJ L . -42.73 -4.64 -35.26
C8A EUJ L . -44.73 -8.34 -30.73
C8B EUJ L . -41.63 -4.16 -36.19
O1A EUJ L . -47.14 -1.88 -26.92
O1B EUJ L . -44.92 -0.25 -31.00
O2C EUJ L . -46.07 -1.04 -28.69
O3C EUJ L . -47.15 -0.34 -30.91
C1 A1IV5 M . 16.95 15.61 -0.35
C3 A1IV5 M . 15.50 17.09 -1.61
C5 A1IV5 M . 14.01 16.28 -3.30
C6 A1IV5 M . 13.54 17.57 -3.53
C7 A1IV5 M . 14.06 18.63 -2.79
C8 A1IV5 M . 15.03 18.37 -1.84
C10 A1IV5 M . 12.79 20.28 -4.18
C11 A1IV5 M . 11.76 19.17 -4.29
C12 A1IV5 M . 12.48 17.85 -4.58
C13 A1IV5 M . 11.47 16.70 -4.75
C14 A1IV5 M . 10.37 17.03 -5.75
C15 A1IV5 M . 9.64 18.34 -5.43
C16 A1IV5 M . 8.83 18.19 -4.14
C19 A1IV5 M . 8.63 20.42 -6.15
C21 A1IV5 M . 10.71 19.43 -5.36
C17 A1IV5 M . 8.79 18.95 -6.56
C20 A1IV5 M . 9.93 20.75 -5.39
C4 A1IV5 M . 14.98 16.04 -2.34
C9 A1IV5 M . 13.63 20.06 -2.94
O18 A1IV5 M . 7.54 18.31 -6.72
O2 A1IV5 M . 16.46 16.91 -0.64
H28 A1IV5 M . 17.63 15.68 0.35
H27 A1IV5 M . 17.36 15.24 -1.16
H26 A1IV5 M . 16.21 15.05 -0.06
H30 A1IV5 M . 13.67 15.55 -3.80
H31 A1IV5 M . 15.39 19.10 -1.32
H34 A1IV5 M . 13.37 20.27 -4.98
H35 A1IV5 M . 12.35 21.15 -4.13
H22 A1IV5 M . 11.31 19.10 -3.42
H23 A1IV5 M . 12.94 17.95 -5.44
H37 A1IV5 M . 11.07 16.49 -3.88
H36 A1IV5 M . 11.95 15.91 -5.07
H39 A1IV5 M . 9.71 16.30 -5.76
H38 A1IV5 M . 10.76 17.11 -6.65
H41 A1IV5 M . 9.40 17.87 -3.42
H40 A1IV5 M . 8.10 17.56 -4.29
H42 A1IV5 M . 8.45 19.05 -3.88
H45 A1IV5 M . 7.85 20.53 -5.57
H44 A1IV5 M . 8.53 20.99 -6.93
H25 A1IV5 M . 11.19 19.39 -6.22
H24 A1IV5 M . 9.28 18.89 -7.41
H46 A1IV5 M . 10.44 21.45 -5.85
H47 A1IV5 M . 9.74 21.05 -4.47
H29 A1IV5 M . 15.28 15.15 -2.21
H32 A1IV5 M . 14.43 20.64 -3.00
H33 A1IV5 M . 13.12 20.34 -2.16
H43 A1IV5 M . 7.61 17.50 -6.45
C1 8K6 N . 3.69 -6.71 -22.25
C2 8K6 N . 3.53 -6.38 -23.72
C3 8K6 N . 2.10 -5.98 -24.07
C4 8K6 N . 1.89 -4.47 -24.18
C5 8K6 N . 0.48 -4.09 -24.63
C6 8K6 N . -0.23 -3.14 -23.67
C7 8K6 N . -1.65 -2.81 -24.11
C8 8K6 N . -2.39 -1.88 -23.15
C9 8K6 N . -3.71 -1.37 -23.71
C10 8K6 N . -4.53 -0.59 -22.69
C11 8K6 N . -5.30 0.59 -23.27
C12 8K6 N . -6.27 1.21 -22.27
C13 8K6 N . -6.95 2.48 -22.75
C14 8K6 N . -8.29 2.73 -22.08
C15 8K6 N . -8.83 4.15 -22.27
C16 8K6 N . -9.01 4.91 -20.97
C17 8K6 N . -9.09 6.42 -21.15
C18 8K6 N . -10.52 6.90 -21.40
C1 D12 O . -26.08 -1.78 -2.85
C2 D12 O . -26.78 -3.06 -3.29
C3 D12 O . -25.92 -4.29 -3.13
C4 D12 O . -26.66 -5.60 -3.37
C5 D12 O . -27.22 -5.73 -4.78
C6 D12 O . -27.95 -7.04 -5.02
C7 D12 O . -27.03 -8.26 -5.05
C8 D12 O . -26.80 -8.88 -3.67
C9 D12 O . -27.01 -10.39 -3.65
C10 D12 O . -25.93 -11.15 -4.40
C11 D12 O . -25.01 -11.97 -3.50
C12 D12 O . -25.72 -13.12 -2.80
C1 8K6 P . 21.44 9.77 0.62
C2 8K6 P . 22.28 11.00 0.33
C3 8K6 P . 22.05 11.56 -1.07
C4 8K6 P . 21.08 12.74 -1.10
C5 8K6 P . 20.94 13.36 -2.49
C6 8K6 P . 19.50 13.45 -2.98
C7 8K6 P . 19.39 14.02 -4.39
C8 8K6 P . 17.95 14.10 -4.92
C9 8K6 P . 17.83 14.88 -6.21
C10 8K6 P . 16.44 14.79 -6.82
C11 8K6 P . 15.97 16.08 -7.50
C12 8K6 P . 14.68 15.89 -8.29
C13 8K6 P . 14.10 17.18 -8.86
C14 8K6 P . 13.22 16.94 -10.08
C15 8K6 P . 12.36 18.13 -10.46
C16 8K6 P . 10.86 17.84 -10.42
C17 8K6 P . 10.00 19.09 -10.34
C18 8K6 P . 9.64 19.65 -11.71
C1 D12 Q . -0.76 1.16 -26.26
C2 D12 Q . 0.29 0.52 -27.15
C3 D12 Q . 1.12 -0.53 -26.42
C4 D12 Q . 2.04 -1.33 -27.34
C5 D12 Q . 3.08 -0.48 -28.05
C6 D12 Q . 4.01 -1.28 -28.96
C7 D12 Q . 4.97 -2.19 -28.19
C8 D12 Q . 4.40 -3.57 -27.91
C9 D12 Q . 5.34 -4.71 -28.29
C10 D12 Q . 6.57 -4.80 -27.39
C11 D12 Q . 6.58 -6.02 -26.49
C12 D12 Q . 6.70 -7.33 -27.26
C1 OCT R . -9.39 19.93 -37.42
C2 OCT R . -9.86 18.51 -37.12
C3 OCT R . -9.32 17.96 -35.82
C4 OCT R . -7.85 17.57 -35.89
C5 OCT R . -7.53 16.29 -35.14
C6 OCT R . -6.03 16.05 -34.97
C7 OCT R . -5.67 14.58 -34.77
C8 OCT R . -6.26 13.98 -33.51
C1 OCT S . 8.64 27.65 -29.83
C2 OCT S . 7.40 27.27 -29.04
C3 OCT S . 7.71 26.50 -27.77
C4 OCT S . 8.21 25.08 -28.01
C5 OCT S . 9.32 24.67 -27.06
C6 OCT S . 9.50 23.16 -26.96
C7 OCT S . 8.50 22.50 -26.04
C8 OCT S . 9.00 21.17 -25.47
C1 D12 T . 13.05 28.33 -12.35
C2 D12 T . 11.95 29.03 -11.56
C3 D12 T . 11.45 30.31 -12.21
C4 D12 T . 11.04 30.12 -13.67
C5 D12 T . 10.05 31.17 -14.16
C6 D12 T . 10.65 32.21 -15.10
C7 D12 T . 10.05 32.18 -16.51
C8 D12 T . 9.69 33.56 -17.05
C9 D12 T . 8.53 33.54 -18.03
C10 D12 T . 7.97 34.92 -18.35
C11 D12 T . 7.17 35.55 -17.22
C12 D12 T . 5.83 34.85 -17.00
C1 EUJ U . 11.70 23.85 -45.65
C2 EUJ U . 10.82 24.13 -44.44
C3 EUJ U . 11.03 25.55 -43.95
C4 EUJ U . 10.75 26.56 -45.06
C5 EUJ U . 11.60 26.27 -46.29
C6 EUJ U . 11.40 24.84 -46.77
O1 EUJ U . 11.41 22.50 -46.14
O2 EUJ U . 9.45 23.93 -44.78
O3 EUJ U . 10.11 25.82 -42.84
O4 EUJ U . 11.01 27.87 -44.57
O5 EUJ U . 11.20 27.18 -47.36
O6 EUJ U . 12.27 24.58 -47.87
P1 EUJ U . 12.16 21.20 -45.58
O11 EUJ U . 12.97 21.60 -44.37
O12 EUJ U . 11.17 20.09 -45.43
O13 EUJ U . 13.17 20.87 -46.79
P3 EUJ U . 10.36 25.27 -41.35
O31 EUJ U . 9.21 25.80 -40.51
O32 EUJ U . 10.37 23.76 -41.41
O33 EUJ U . 11.70 25.83 -40.90
P5 EUJ U . 12.17 28.36 -47.89
O51 EUJ U . 12.48 29.24 -46.69
O52 EUJ U . 11.40 29.11 -48.95
O53 EUJ U . 13.41 27.68 -48.44
C1A EUJ U . 14.66 18.08 -48.76
C1B EUJ U . 16.52 21.35 -48.63
C1C EUJ U . 12.62 20.40 -48.06
C2A EUJ U . 15.74 17.30 -48.07
C2B EUJ U . 17.95 21.06 -48.98
C2C EUJ U . 13.73 20.27 -49.08
C3A EUJ U . 15.87 15.88 -48.54
C3B EUJ U . 18.80 20.79 -47.78
C3C EUJ U . 14.34 21.60 -49.47
C4A EUJ U . 16.47 15.76 -49.93
C4B EUJ U . 20.05 19.99 -48.10
C5A EUJ U . 17.91 16.24 -50.04
C5B EUJ U . 20.68 19.34 -46.90
C6A EUJ U . 18.87 15.53 -49.10
C6B EUJ U . 21.22 20.30 -45.87
C7A EUJ U . 20.31 15.94 -49.27
C7B EUJ U . 22.47 21.01 -46.30
C8A EUJ U . 21.24 15.29 -48.27
C8B EUJ U . 23.01 21.97 -45.26
O1A EUJ U . 13.82 17.61 -49.47
O1B EUJ U . 16.10 21.49 -47.51
O2C EUJ U . 14.74 19.40 -48.51
O3C EUJ U . 15.75 21.42 -49.71
C1 A1IV5 V . -7.37 11.48 18.58
C3 A1IV5 V . -7.64 13.46 17.19
C5 A1IV5 V . -6.09 14.02 15.46
C6 A1IV5 V . -6.83 15.14 15.12
C7 A1IV5 V . -8.00 15.43 15.84
C8 A1IV5 V . -8.39 14.57 16.87
C10 A1IV5 V . -8.25 17.61 14.64
C11 A1IV5 V . -7.60 16.87 13.48
C12 A1IV5 V . -6.41 16.07 14.00
C13 A1IV5 V . -5.68 15.35 12.85
C14 A1IV5 V . -5.34 16.29 11.71
C15 A1IV5 V . -6.54 17.07 11.17
C16 A1IV5 V . -7.52 16.11 10.48
C19 A1IV5 V . -7.53 19.12 10.35
C21 A1IV5 V . -7.15 17.81 12.37
C17 A1IV5 V . -6.24 18.29 10.29
C20 A1IV5 V . -8.11 18.82 11.75
C4 A1IV5 V . -6.49 13.18 16.48
C9 A1IV5 V . -8.89 16.60 15.57
O18 A1IV5 V . -5.88 17.95 8.97
O2 A1IV5 V . -8.09 12.67 18.21
H28 A1IV5 V . -7.83 11.04 19.31
H27 A1IV5 V . -6.48 11.72 18.85
H26 A1IV5 V . -7.34 10.88 17.81
H30 A1IV5 V . -5.29 13.81 14.98
H31 A1IV5 V . -9.18 14.76 17.35
H34 A1IV5 V . -7.57 18.12 15.14
H35 A1IV5 V . -8.92 18.23 14.31
H22 A1IV5 V . -8.27 16.25 13.11
H23 A1IV5 V . -5.77 16.71 14.39
H37 A1IV5 V . -6.25 14.62 12.52
H36 A1IV5 V . -4.85 14.96 13.20
H39 A1IV5 V . -4.94 15.77 10.97
H38 A1IV5 V . -4.66 16.93 12.01
H41 A1IV5 V . -7.75 15.38 11.07
H40 A1IV5 V . -7.11 15.76 9.67
H42 A1IV5 V . -8.34 16.59 10.23
H45 A1IV5 V . -8.15 18.83 9.65
H44 A1IV5 V . -7.35 20.06 10.24
H25 A1IV5 V . -6.41 18.34 12.75
H24 A1IV5 V . -5.49 18.80 10.69
H46 A1IV5 V . -8.15 19.64 12.29
H47 A1IV5 V . -9.01 18.44 11.69
H29 A1IV5 V . -5.96 12.42 16.69
H32 A1IV5 V . -9.10 17.05 16.42
H33 A1IV5 V . -9.73 16.29 15.17
H43 A1IV5 V . -5.54 17.16 8.96
C1 8K6 W . -3.53 6.39 22.37
C2 8K6 W . -4.02 7.47 23.31
C3 8K6 W . -3.40 8.83 23.03
C4 8K6 W . -4.30 9.77 22.24
C5 8K6 W . -3.69 11.15 22.03
C6 8K6 W . -3.62 11.57 20.57
C7 8K6 W . -2.95 12.94 20.39
C8 8K6 W . -2.85 13.38 18.93
C9 8K6 W . -2.42 14.83 18.77
C10 8K6 W . -2.13 15.20 17.32
C11 8K6 W . -2.55 16.62 16.94
C12 8K6 W . -2.04 17.03 15.57
C13 8K6 W . -2.56 18.39 15.10
C14 8K6 W . -1.64 19.05 14.07
C15 8K6 W . -2.27 20.21 13.33
C16 8K6 W . -2.34 19.99 11.82
C17 8K6 W . -3.35 20.89 11.12
C18 8K6 W . -2.76 22.22 10.69
C1 D12 X . 18.51 18.39 -3.25
C2 D12 X . 19.75 18.48 -2.38
C3 D12 X . 20.03 17.20 -1.61
C4 D12 X . 21.37 17.20 -0.89
C5 D12 X . 21.50 18.28 0.17
C6 D12 X . 22.83 18.27 0.91
C7 D12 X . 23.02 17.06 1.82
C8 D12 X . 23.63 15.85 1.11
C9 D12 X . 24.80 15.24 1.87
C10 D12 X . 24.39 14.54 3.16
C11 D12 X . 24.53 13.04 3.12
C12 D12 X . 25.98 12.57 3.00
C1 OCT Y . 13.08 40.01 -10.63
C2 OCT Y . 13.73 38.78 -11.26
C3 OCT Y . 13.22 37.47 -10.65
C4 OCT Y . 13.77 37.20 -9.26
C5 OCT Y . 14.09 35.73 -9.02
C6 OCT Y . 14.36 35.41 -7.55
C7 OCT Y . 15.22 34.17 -7.35
C8 OCT Y . 14.59 32.89 -7.88
C1 OCT Z . 5.22 40.29 8.85
C2 OCT Z . 4.68 39.52 7.65
C3 OCT Z . 4.30 38.08 7.99
C4 OCT Z . 5.49 37.18 8.29
C5 OCT Z . 5.23 36.22 9.44
C6 OCT Z . 6.17 35.02 9.45
C7 OCT Z . 5.77 33.93 8.47
C8 OCT Z . 6.30 32.55 8.86
C1 D12 AA . -7.47 29.05 15.03
C2 D12 AA . -8.67 29.05 14.09
C3 D12 AA . -9.10 30.45 13.70
C4 D12 AA . -7.98 31.30 13.13
C5 D12 AA . -8.46 32.43 12.24
C6 D12 AA . -8.34 33.82 12.84
C7 D12 AA . -7.38 34.75 12.10
C8 D12 AA . -7.95 36.15 11.86
C9 D12 AA . -7.38 36.82 10.62
C10 D12 AA . -8.14 38.07 10.21
C11 D12 AA . -9.51 37.80 9.60
C12 D12 AA . -9.43 37.17 8.21
C1 EUJ BA . 19.86 47.96 9.82
C2 EUJ BA . 18.65 47.38 9.11
C3 EUJ BA . 17.39 48.11 9.54
C4 EUJ BA . 17.50 49.60 9.27
C5 EUJ BA . 18.71 50.19 9.96
C6 EUJ BA . 19.99 49.46 9.55
O1 EUJ BA . 21.07 47.30 9.33
O2 EUJ BA . 18.83 47.50 7.70
O3 EUJ BA . 16.25 47.58 8.78
O4 EUJ BA . 16.31 50.25 9.73
O5 EUJ BA . 18.84 51.59 9.58
O6 EUJ BA . 21.10 49.98 10.26
P1 EUJ BA . 21.61 45.92 9.96
O11 EUJ BA . 20.58 45.41 10.93
O12 EUJ BA . 22.06 45.02 8.85
O13 EUJ BA . 22.89 46.44 10.78
P3 EUJ BA . 15.55 46.17 9.09
O31 EUJ BA . 14.41 46.04 8.10
O32 EUJ BA . 16.60 45.08 8.91
O33 EUJ BA . 15.06 46.26 10.53
P5 EUJ BA . 18.60 52.80 10.63
O51 EUJ BA . 17.20 52.64 11.17
O52 EUJ BA . 18.78 54.09 9.86
O53 EUJ BA . 19.65 52.63 11.72
C1A EUJ BA . 26.41 45.64 11.75
C1B EUJ BA . 24.47 47.97 13.97
C1C EUJ BA . 24.05 46.94 10.06
C2A EUJ BA . 26.56 44.58 12.80
C2B EUJ BA . 25.16 47.95 15.30
C2C EUJ BA . 25.06 47.50 11.04
C3A EUJ BA . 27.85 43.82 12.71
C3B EUJ BA . 24.54 46.98 16.25
C3C EUJ BA . 24.58 48.74 11.75
C4A EUJ BA . 29.05 44.64 13.14
C4B EUJ BA . 25.50 46.48 17.32
C5A EUJ BA . 29.05 45.04 14.61
C5B EUJ BA . 25.10 45.18 17.95
C6A EUJ BA . 28.99 43.89 15.58
C6B EUJ BA . 23.80 45.25 18.73
C7A EUJ BA . 29.07 44.28 17.03
C7B EUJ BA . 23.92 45.94 20.06
C8A EUJ BA . 28.91 43.13 17.99
C8B EUJ BA . 22.63 45.99 20.83
O1A EUJ BA . 27.14 45.79 10.81
O1B EUJ BA . 23.47 47.37 13.70
O2C EUJ BA . 25.36 46.44 11.99
O3C EUJ BA . 25.11 48.74 13.10
C1 A1IV5 CA . -22.40 -3.67 -4.04
C3 A1IV5 CA . -22.71 -1.27 -4.21
C5 A1IV5 CA . -21.56 0.27 -2.78
C6 A1IV5 CA . -22.16 1.35 -3.42
C7 A1IV5 CA . -23.06 1.10 -4.46
C8 A1IV5 CA . -23.31 -0.20 -4.84
C10 A1IV5 CA . -23.65 3.54 -4.57
C11 A1IV5 CA . -22.21 3.75 -4.13
C12 A1IV5 CA . -21.87 2.78 -3.01
C13 A1IV5 CA . -20.45 2.99 -2.48
C14 A1IV5 CA . -20.16 4.44 -2.14
C15 A1IV5 CA . -20.45 5.40 -3.30
C16 A1IV5 CA . -19.48 5.18 -4.44
C19 A1IV5 CA . -21.35 7.50 -4.11
C21 A1IV5 CA . -21.93 5.18 -3.68
C17 A1IV5 CA . -20.57 6.90 -2.93
C20 A1IV5 CA . -22.28 6.37 -4.57
C4 A1IV5 CA . -21.82 -1.03 -3.17
C9 A1IV5 CA . -23.77 2.19 -5.22
O18 A1IV5 CA . -19.31 7.52 -2.76
O2 A1IV5 CA . -23.01 -2.54 -4.64
H28 A1IV5 CA . -22.72 -4.49 -4.47
H27 A1IV5 CA . -22.62 -3.70 -3.08
H26 A1IV5 CA . -21.43 -3.61 -4.14
H30 A1IV5 CA . -20.94 0.42 -2.06
H31 A1IV5 CA . -23.92 -0.37 -5.55
H34 A1IV5 CA . -24.24 3.58 -3.78
H35 A1IV5 CA . -23.91 4.24 -5.19
H22 A1IV5 CA . -21.63 3.54 -4.90
H23 A1IV5 CA . -22.48 2.98 -2.25
H37 A1IV5 CA . -19.80 2.68 -3.16
H36 A1IV5 CA . -20.31 2.45 -1.68
H39 A1IV5 CA . -19.21 4.53 -1.90
H38 A1IV5 CA . -20.70 4.70 -1.36
H41 A1IV5 CA . -19.47 4.23 -4.70
H40 A1IV5 CA . -18.58 5.44 -4.16
H42 A1IV5 CA . -19.73 5.72 -5.22
H45 A1IV5 CA . -20.75 7.77 -4.83
H44 A1IV5 CA . -21.86 8.28 -3.82
H25 A1IV5 CA . -22.44 5.30 -2.84
H24 A1IV5 CA . -21.07 6.99 -2.10
H46 A1IV5 CA . -23.22 6.62 -4.46
H47 A1IV5 CA . -22.13 6.15 -5.51
H29 A1IV5 CA . -21.39 -1.75 -2.71
H32 A1IV5 CA . -24.73 1.95 -5.30
H33 A1IV5 CA . -23.40 2.24 -6.13
H43 A1IV5 CA . -18.75 6.94 -2.48
C1 A1IV5 DA . 1.94 0.48 -22.98
C3 A1IV5 DA . 0.43 2.38 -23.01
C5 A1IV5 DA . -1.46 2.54 -21.55
C6 A1IV5 DA . -1.79 3.78 -22.08
C7 A1IV5 DA . -0.99 4.32 -23.10
C8 A1IV5 DA . 0.10 3.61 -23.54
C10 A1IV5 DA . -2.61 6.21 -23.40
C11 A1IV5 DA . -2.85 6.05 -21.90
C12 A1IV5 DA . -2.99 4.56 -21.58
C13 A1IV5 DA . -3.29 4.34 -20.09
C14 A1IV5 DA . -4.45 5.20 -19.60
C15 A1IV5 DA . -4.28 6.68 -19.90
C16 A1IV5 DA . -3.13 7.26 -19.06
C19 A1IV5 DA . -5.19 8.81 -20.61
C21 A1IV5 DA . -4.07 6.80 -21.41
C17 A1IV5 DA . -5.55 7.56 -19.78
C20 A1IV5 DA . -4.25 8.30 -21.71
C4 A1IV5 DA . -0.35 1.85 -22.00
C9 A1IV5 DA . -1.25 5.65 -23.75
O18 A1IV5 DA . -5.88 7.87 -18.45
O2 A1IV5 DA . 1.53 1.74 -23.51
H28 A1IV5 DA . 2.74 0.17 -23.44
H27 A1IV5 DA . 1.21 -0.18 -23.11
H26 A1IV5 DA . 2.13 0.57 -22.02
H30 A1IV5 DA . -1.98 2.16 -20.85
H31 A1IV5 DA . 0.65 3.98 -24.23
H34 A1IV5 DA . -3.31 5.73 -23.89
H35 A1IV5 DA . -2.66 7.16 -23.63
H22 A1IV5 DA . -2.06 6.40 -21.43
H23 A1IV5 DA . -3.77 4.23 -22.08
H37 A1IV5 DA . -2.49 4.55 -19.56
H36 A1IV5 DA . -3.51 3.40 -19.95
H39 A1IV5 DA . -4.55 5.07 -18.62
H38 A1IV5 DA . -5.28 4.88 -20.03
H41 A1IV5 DA . -2.33 6.73 -19.20
H40 A1IV5 DA . -3.38 7.25 -18.12
H42 A1IV5 DA . -2.95 8.18 -19.33
H45 A1IV5 DA . -4.74 9.47 -20.05
H44 A1IV5 DA . -5.99 9.21 -20.99
H25 A1IV5 DA . -4.85 6.35 -21.82
H24 A1IV5 DA . -6.30 7.09 -20.19
H46 A1IV5 DA . -4.65 8.43 -22.59
H47 A1IV5 DA . -3.39 8.76 -21.67
H29 A1IV5 DA . -0.15 1.00 -21.63
H32 A1IV5 DA . -1.19 5.55 -24.72
H33 A1IV5 DA . -0.56 6.29 -23.47
H43 A1IV5 DA . -5.62 7.24 -17.94
C1 8K6 EA . -21.26 -10.09 -0.46
C2 8K6 EA . -22.74 -9.89 -0.73
C3 8K6 EA . -23.34 -8.71 0.01
C4 8K6 EA . -23.50 -7.46 -0.84
C5 8K6 EA . -24.16 -6.31 -0.10
C6 8K6 EA . -23.35 -5.02 -0.12
C7 8K6 EA . -24.00 -3.89 0.68
C8 8K6 EA . -23.20 -2.59 0.69
C9 8K6 EA . -23.97 -1.42 1.27
C10 8K6 EA . -23.10 -0.18 1.45
C11 8K6 EA . -23.82 1.14 1.18
C12 8K6 EA . -22.99 2.35 1.59
C13 8K6 EA . -23.61 3.69 1.19
C14 8K6 EA . -23.15 4.84 2.08
C15 8K6 EA . -23.45 6.22 1.51
C16 8K6 EA . -22.21 7.06 1.27
C17 8K6 EA . -22.44 8.22 0.31
C18 8K6 EA . -22.91 9.49 1.01
C1 D12 FA . -6.81 15.45 20.15
C2 D12 FA . -7.33 14.91 21.48
C3 D12 FA . -7.01 13.44 21.68
C4 D12 FA . -7.33 12.93 23.08
C5 D12 FA . -8.80 13.03 23.44
C6 D12 FA . -9.13 12.50 24.84
C7 D12 FA . -8.98 10.99 24.97
C8 D12 FA . -7.57 10.54 25.34
C9 D12 FA . -7.55 9.55 26.51
C10 D12 FA . -8.11 8.19 26.14
C11 D12 FA . -7.06 7.09 26.09
C12 D12 FA . -6.45 6.78 27.46
C1 OCT GA . -16.39 36.61 16.64
C2 OCT GA . -15.02 36.08 17.07
C3 OCT GA . -14.70 34.73 16.47
C4 OCT GA . -15.46 33.58 17.12
C5 OCT GA . -14.62 32.31 17.28
C6 OCT GA . -15.45 31.09 17.66
C7 OCT GA . -14.65 30.02 18.38
C8 OCT GA . -13.52 29.43 17.56
C1 OCT HA . -32.17 24.00 10.86
C2 OCT HA . -30.86 24.23 10.12
C3 OCT HA . -30.24 22.94 9.61
C4 OCT HA . -29.68 22.04 10.70
C5 OCT HA . -29.93 20.57 10.44
C6 OCT HA . -29.01 19.64 11.23
C7 OCT HA . -27.63 19.50 10.61
C8 OCT HA . -26.94 18.20 11.01
C1 D12 IA . -31.32 11.78 -2.39
C2 D12 IA . -30.82 12.43 -3.66
C3 D12 IA . -31.52 13.75 -3.96
C4 D12 IA . -31.49 14.74 -2.81
C5 D12 IA . -31.63 16.19 -3.25
C6 D12 IA . -32.98 16.82 -2.90
C7 D12 IA . -32.89 17.98 -1.91
C8 D12 IA . -33.72 19.20 -2.33
C9 D12 IA . -33.14 20.51 -1.82
C10 D12 IA . -33.78 21.73 -2.45
C11 D12 IA . -33.39 21.97 -3.91
C12 D12 IA . -31.93 22.40 -4.06
C1 EUJ JA . -35.66 28.72 26.34
C2 EUJ JA . -34.95 28.78 25.00
C3 EUJ JA . -35.94 29.07 23.89
C4 EUJ JA . -36.71 30.36 24.15
C5 EUJ JA . -37.41 30.30 25.50
C6 EUJ JA . -36.42 30.01 26.62
O1 EUJ JA . -34.67 28.53 27.40
O2 EUJ JA . -33.96 29.81 25.03
O3 EUJ JA . -35.22 29.22 22.62
O4 EUJ JA . -37.66 30.56 23.12
O5 EUJ JA . -38.04 31.60 25.77
O6 EUJ JA . -37.11 29.89 27.86
P1 EUJ JA . -34.16 27.07 27.85
O11 EUJ JA . -34.69 26.05 26.87
O12 EUJ JA . -32.68 27.13 28.09
O13 EUJ JA . -34.93 26.89 29.26
P3 EUJ JA . -34.62 27.98 21.79
O31 EUJ JA . -34.00 28.57 20.54
O32 EUJ JA . -33.61 27.27 22.67
O33 EUJ JA . -35.82 27.10 21.46
P5 EUJ JA . -39.63 31.80 25.77
O51 EUJ JA . -40.14 31.37 24.41
O52 EUJ JA . -39.88 33.28 26.03
O53 EUJ JA . -40.17 30.93 26.89
C1A EUJ JA . -34.56 25.59 32.72
C1B EUJ JA . -38.03 25.86 31.30
C1C EUJ JA . -34.56 27.73 30.38
C2A EUJ JA . -34.60 24.09 32.86
C2B EUJ JA . -38.90 24.93 32.09
C2C EUJ JA . -35.48 27.47 31.54
C3A EUJ JA . -33.84 23.57 34.04
C3B EUJ JA . -39.01 23.57 31.50
C3C EUJ JA . -36.90 27.91 31.28
C4A EUJ JA . -34.51 23.87 35.37
C4B EUJ JA . -39.41 22.51 32.50
C5A EUJ JA . -35.85 23.18 35.56
C5B EUJ JA . -39.10 21.09 32.05
C6A EUJ JA . -35.80 21.67 35.44
C6B EUJ JA . -39.88 20.64 30.83
C7A EUJ JA . -37.12 20.99 35.71
C7B EUJ JA . -41.33 20.37 31.09
C8A EUJ JA . -37.08 19.49 35.50
C8B EUJ JA . -42.09 19.90 29.87
O1A EUJ JA . -33.84 26.32 33.35
O1B EUJ JA . -37.56 25.59 30.22
O2C EUJ JA . -35.44 26.05 31.82
O3C EUJ JA . -37.81 27.01 31.93
#